data_3LUA
# 
_entry.id   3LUA 
# 
_audit_conform.dict_name       mmcif_pdbx.dic 
_audit_conform.dict_version    5.399 
_audit_conform.dict_location   http://mmcif.pdb.org/dictionaries/ascii/mmcif_pdbx.dic 
# 
loop_
_database_2.database_id 
_database_2.database_code 
_database_2.pdbx_database_accession 
_database_2.pdbx_DOI 
PDB   3LUA         pdb_00003lua 10.2210/pdb3lua/pdb 
RCSB  RCSB057738   ?            ?                   
WWPDB D_1000057738 ?            ?                   
# 
loop_
_pdbx_audit_revision_history.ordinal 
_pdbx_audit_revision_history.data_content_type 
_pdbx_audit_revision_history.major_revision 
_pdbx_audit_revision_history.minor_revision 
_pdbx_audit_revision_history.revision_date 
1 'Structure model' 1 0 2010-03-23 
2 'Structure model' 1 1 2011-07-13 
3 'Structure model' 1 2 2011-11-16 
4 'Structure model' 1 3 2021-02-10 
5 'Structure model' 1 4 2024-11-27 
# 
_pdbx_audit_revision_details.ordinal             1 
_pdbx_audit_revision_details.revision_ordinal    1 
_pdbx_audit_revision_details.data_content_type   'Structure model' 
_pdbx_audit_revision_details.provider            repository 
_pdbx_audit_revision_details.type                'Initial release' 
_pdbx_audit_revision_details.description         ? 
_pdbx_audit_revision_details.details             ? 
# 
loop_
_pdbx_audit_revision_group.ordinal 
_pdbx_audit_revision_group.revision_ordinal 
_pdbx_audit_revision_group.data_content_type 
_pdbx_audit_revision_group.group 
1 2 'Structure model' 'Version format compliance' 
2 3 'Structure model' 'Atomic model'              
3 4 'Structure model' 'Database references'       
4 4 'Structure model' 'Derived calculations'      
5 4 'Structure model' 'Structure summary'         
6 5 'Structure model' 'Data collection'           
7 5 'Structure model' 'Database references'       
8 5 'Structure model' 'Structure summary'         
# 
loop_
_pdbx_audit_revision_category.ordinal 
_pdbx_audit_revision_category.revision_ordinal 
_pdbx_audit_revision_category.data_content_type 
_pdbx_audit_revision_category.category 
1 4 'Structure model' audit_author              
2 4 'Structure model' citation_author           
3 4 'Structure model' struct_conn               
4 4 'Structure model' struct_ref_seq_dif        
5 5 'Structure model' chem_comp_atom            
6 5 'Structure model' chem_comp_bond            
7 5 'Structure model' database_2                
8 5 'Structure model' pdbx_entry_details        
9 5 'Structure model' pdbx_modification_feature 
# 
loop_
_pdbx_audit_revision_item.ordinal 
_pdbx_audit_revision_item.revision_ordinal 
_pdbx_audit_revision_item.data_content_type 
_pdbx_audit_revision_item.item 
1 4 'Structure model' '_audit_author.identifier_ORCID'      
2 4 'Structure model' '_citation_author.identifier_ORCID'   
3 4 'Structure model' '_struct_conn.pdbx_leaving_atom_flag' 
4 4 'Structure model' '_struct_ref_seq_dif.details'         
5 5 'Structure model' '_database_2.pdbx_DOI'                
6 5 'Structure model' '_database_2.pdbx_database_accession' 
# 
_pdbx_database_status.status_code                     REL 
_pdbx_database_status.entry_id                        3LUA 
_pdbx_database_status.recvd_initial_deposition_date   2010-02-17 
_pdbx_database_status.deposit_site                    RCSB 
_pdbx_database_status.process_site                    RCSB 
_pdbx_database_status.status_code_sf                  REL 
_pdbx_database_status.status_code_mr                  ? 
_pdbx_database_status.SG_entry                        Y 
_pdbx_database_status.pdb_format_compatible           Y 
_pdbx_database_status.status_code_cs                  ? 
_pdbx_database_status.status_code_nmr_data            ? 
_pdbx_database_status.methods_development_category    ? 
# 
_pdbx_database_related.db_name        TargetDB 
_pdbx_database_related.db_id          NYSGXRC-11201g 
_pdbx_database_related.details        . 
_pdbx_database_related.content_type   unspecified 
# 
loop_
_audit_author.name 
_audit_author.pdbx_ordinal 
_audit_author.identifier_ORCID 
'Satyanarayana, L.'                                              1 ?                   
'Burley, S.K.'                                                   2 0000-0002-2487-9713 
'Swaminathan, S.'                                                3 ?                   
'New York SGX Research Center for Structural Genomics (NYSGXRC)' 4 ?                   
# 
_citation.id                        primary 
_citation.title                     
'Crystal structure of a Signal receiver domain of Two component Signal Transduction (Histidine Kinase) from Clostridium thermocellum' 
_citation.journal_abbrev            'To be Published' 
_citation.journal_volume            ? 
_citation.page_first                ? 
_citation.page_last                 ? 
_citation.year                      ? 
_citation.journal_id_ASTM           ? 
_citation.country                   ? 
_citation.journal_id_ISSN           ? 
_citation.journal_id_CSD            0353 
_citation.book_publisher            ? 
_citation.pdbx_database_id_PubMed   ? 
_citation.pdbx_database_id_DOI      ? 
# 
loop_
_citation_author.citation_id 
_citation_author.name 
_citation_author.ordinal 
_citation_author.identifier_ORCID 
primary 'Satyanarayana, L.' 1 ?                   
primary 'Burley, S.K.'      2 0000-0002-2487-9713 
primary 'Swaminathan, S.'   3 ?                   
# 
loop_
_entity.id 
_entity.type 
_entity.src_method 
_entity.pdbx_description 
_entity.formula_weight 
_entity.pdbx_number_of_molecules 
_entity.pdbx_ec 
_entity.pdbx_mutation 
_entity.pdbx_fragment 
_entity.details 
1 polymer man 'Response regulator receiver protein' 16491.611 1  ? ? 'signal receiver domain residues 2-130' ? 
2 water   nat water                                 18.015    53 ? ? ?                                       ? 
# 
_entity_poly.entity_id                      1 
_entity_poly.type                           'polypeptide(L)' 
_entity_poly.nstd_linkage                   no 
_entity_poly.nstd_monomer                   yes 
_entity_poly.pdbx_seq_one_letter_code       
;(MSE)SLDGTVLLIDYFEYEREKTKIIFDNIGEYDFIEVENLKKFYSIFKDLDSITLII(MSE)DIAFPVEKEGLEVLSA
IRNNSRTANTPVIIATKSDNPGYRHAALKFKVSDYILKPYPTKRLENSVRSVLKICQRFREGHHHHHH
;
_entity_poly.pdbx_seq_one_letter_code_can   
;MSLDGTVLLIDYFEYEREKTKIIFDNIGEYDFIEVENLKKFYSIFKDLDSITLIIMDIAFPVEKEGLEVLSAIRNNSRTA
NTPVIIATKSDNPGYRHAALKFKVSDYILKPYPTKRLENSVRSVLKICQRFREGHHHHHH
;
_entity_poly.pdbx_strand_id                 A 
_entity_poly.pdbx_target_identifier         NYSGXRC-11201g 
# 
_pdbx_entity_nonpoly.entity_id   2 
_pdbx_entity_nonpoly.name        water 
_pdbx_entity_nonpoly.comp_id     HOH 
# 
loop_
_entity_poly_seq.entity_id 
_entity_poly_seq.num 
_entity_poly_seq.mon_id 
_entity_poly_seq.hetero 
1 1   MSE n 
1 2   SER n 
1 3   LEU n 
1 4   ASP n 
1 5   GLY n 
1 6   THR n 
1 7   VAL n 
1 8   LEU n 
1 9   LEU n 
1 10  ILE n 
1 11  ASP n 
1 12  TYR n 
1 13  PHE n 
1 14  GLU n 
1 15  TYR n 
1 16  GLU n 
1 17  ARG n 
1 18  GLU n 
1 19  LYS n 
1 20  THR n 
1 21  LYS n 
1 22  ILE n 
1 23  ILE n 
1 24  PHE n 
1 25  ASP n 
1 26  ASN n 
1 27  ILE n 
1 28  GLY n 
1 29  GLU n 
1 30  TYR n 
1 31  ASP n 
1 32  PHE n 
1 33  ILE n 
1 34  GLU n 
1 35  VAL n 
1 36  GLU n 
1 37  ASN n 
1 38  LEU n 
1 39  LYS n 
1 40  LYS n 
1 41  PHE n 
1 42  TYR n 
1 43  SER n 
1 44  ILE n 
1 45  PHE n 
1 46  LYS n 
1 47  ASP n 
1 48  LEU n 
1 49  ASP n 
1 50  SER n 
1 51  ILE n 
1 52  THR n 
1 53  LEU n 
1 54  ILE n 
1 55  ILE n 
1 56  MSE n 
1 57  ASP n 
1 58  ILE n 
1 59  ALA n 
1 60  PHE n 
1 61  PRO n 
1 62  VAL n 
1 63  GLU n 
1 64  LYS n 
1 65  GLU n 
1 66  GLY n 
1 67  LEU n 
1 68  GLU n 
1 69  VAL n 
1 70  LEU n 
1 71  SER n 
1 72  ALA n 
1 73  ILE n 
1 74  ARG n 
1 75  ASN n 
1 76  ASN n 
1 77  SER n 
1 78  ARG n 
1 79  THR n 
1 80  ALA n 
1 81  ASN n 
1 82  THR n 
1 83  PRO n 
1 84  VAL n 
1 85  ILE n 
1 86  ILE n 
1 87  ALA n 
1 88  THR n 
1 89  LYS n 
1 90  SER n 
1 91  ASP n 
1 92  ASN n 
1 93  PRO n 
1 94  GLY n 
1 95  TYR n 
1 96  ARG n 
1 97  HIS n 
1 98  ALA n 
1 99  ALA n 
1 100 LEU n 
1 101 LYS n 
1 102 PHE n 
1 103 LYS n 
1 104 VAL n 
1 105 SER n 
1 106 ASP n 
1 107 TYR n 
1 108 ILE n 
1 109 LEU n 
1 110 LYS n 
1 111 PRO n 
1 112 TYR n 
1 113 PRO n 
1 114 THR n 
1 115 LYS n 
1 116 ARG n 
1 117 LEU n 
1 118 GLU n 
1 119 ASN n 
1 120 SER n 
1 121 VAL n 
1 122 ARG n 
1 123 SER n 
1 124 VAL n 
1 125 LEU n 
1 126 LYS n 
1 127 ILE n 
1 128 CYS n 
1 129 GLN n 
1 130 ARG n 
1 131 PHE n 
1 132 ARG n 
1 133 GLU n 
1 134 GLY n 
1 135 HIS n 
1 136 HIS n 
1 137 HIS n 
1 138 HIS n 
1 139 HIS n 
1 140 HIS n 
# 
_entity_src_gen.entity_id                          1 
_entity_src_gen.pdbx_src_id                        1 
_entity_src_gen.pdbx_alt_source_flag               sample 
_entity_src_gen.pdbx_seq_type                      ? 
_entity_src_gen.pdbx_beg_seq_num                   ? 
_entity_src_gen.pdbx_end_seq_num                   ? 
_entity_src_gen.gene_src_common_name               ? 
_entity_src_gen.gene_src_genus                     ? 
_entity_src_gen.pdbx_gene_src_gene                 '4809959, Cthe_3085' 
_entity_src_gen.gene_src_species                   ? 
_entity_src_gen.gene_src_strain                    'ATCC 27405/DSM 1237' 
_entity_src_gen.gene_src_tissue                    ? 
_entity_src_gen.gene_src_tissue_fraction           ? 
_entity_src_gen.gene_src_details                   'Top10 (Invitrogen)' 
_entity_src_gen.pdbx_gene_src_fragment             ? 
_entity_src_gen.pdbx_gene_src_scientific_name      'Clostridium thermocellum' 
_entity_src_gen.pdbx_gene_src_ncbi_taxonomy_id     203119 
_entity_src_gen.pdbx_gene_src_variant              ? 
_entity_src_gen.pdbx_gene_src_cell_line            ? 
_entity_src_gen.pdbx_gene_src_atcc                 ? 
_entity_src_gen.pdbx_gene_src_organ                ? 
_entity_src_gen.pdbx_gene_src_organelle            ? 
_entity_src_gen.pdbx_gene_src_cell                 ? 
_entity_src_gen.pdbx_gene_src_cellular_location    ? 
_entity_src_gen.host_org_common_name               ? 
_entity_src_gen.pdbx_host_org_scientific_name      'Escherichia coli' 
_entity_src_gen.pdbx_host_org_ncbi_taxonomy_id     469008 
_entity_src_gen.host_org_genus                     ? 
_entity_src_gen.pdbx_host_org_gene                 ? 
_entity_src_gen.pdbx_host_org_organ                ? 
_entity_src_gen.host_org_species                   ? 
_entity_src_gen.pdbx_host_org_tissue               ? 
_entity_src_gen.pdbx_host_org_tissue_fraction      ? 
_entity_src_gen.pdbx_host_org_strain               'BL21 (DE3) Codon+RIL' 
_entity_src_gen.pdbx_host_org_variant              ? 
_entity_src_gen.pdbx_host_org_cell_line            ? 
_entity_src_gen.pdbx_host_org_atcc                 ? 
_entity_src_gen.pdbx_host_org_culture_collection   ? 
_entity_src_gen.pdbx_host_org_cell                 ? 
_entity_src_gen.pdbx_host_org_organelle            ? 
_entity_src_gen.pdbx_host_org_cellular_location    ? 
_entity_src_gen.pdbx_host_org_vector_type          ? 
_entity_src_gen.pdbx_host_org_vector               'BC pSGX3 (BC)' 
_entity_src_gen.host_org_details                   ? 
_entity_src_gen.expression_system_id               ? 
_entity_src_gen.plasmid_name                       ? 
_entity_src_gen.plasmid_details                    ? 
_entity_src_gen.pdbx_description                   ? 
# 
loop_
_chem_comp.id 
_chem_comp.type 
_chem_comp.mon_nstd_flag 
_chem_comp.name 
_chem_comp.pdbx_synonyms 
_chem_comp.formula 
_chem_comp.formula_weight 
ALA 'L-peptide linking' y ALANINE          ? 'C3 H7 N O2'     89.093  
ARG 'L-peptide linking' y ARGININE         ? 'C6 H15 N4 O2 1' 175.209 
ASN 'L-peptide linking' y ASPARAGINE       ? 'C4 H8 N2 O3'    132.118 
ASP 'L-peptide linking' y 'ASPARTIC ACID'  ? 'C4 H7 N O4'     133.103 
CYS 'L-peptide linking' y CYSTEINE         ? 'C3 H7 N O2 S'   121.158 
GLN 'L-peptide linking' y GLUTAMINE        ? 'C5 H10 N2 O3'   146.144 
GLU 'L-peptide linking' y 'GLUTAMIC ACID'  ? 'C5 H9 N O4'     147.129 
GLY 'peptide linking'   y GLYCINE          ? 'C2 H5 N O2'     75.067  
HIS 'L-peptide linking' y HISTIDINE        ? 'C6 H10 N3 O2 1' 156.162 
HOH non-polymer         . WATER            ? 'H2 O'           18.015  
ILE 'L-peptide linking' y ISOLEUCINE       ? 'C6 H13 N O2'    131.173 
LEU 'L-peptide linking' y LEUCINE          ? 'C6 H13 N O2'    131.173 
LYS 'L-peptide linking' y LYSINE           ? 'C6 H15 N2 O2 1' 147.195 
MSE 'L-peptide linking' n SELENOMETHIONINE ? 'C5 H11 N O2 Se' 196.106 
PHE 'L-peptide linking' y PHENYLALANINE    ? 'C9 H11 N O2'    165.189 
PRO 'L-peptide linking' y PROLINE          ? 'C5 H9 N O2'     115.130 
SER 'L-peptide linking' y SERINE           ? 'C3 H7 N O3'     105.093 
THR 'L-peptide linking' y THREONINE        ? 'C4 H9 N O3'     119.119 
TYR 'L-peptide linking' y TYROSINE         ? 'C9 H11 N O3'    181.189 
VAL 'L-peptide linking' y VALINE           ? 'C5 H11 N O2'    117.146 
# 
loop_
_pdbx_poly_seq_scheme.asym_id 
_pdbx_poly_seq_scheme.entity_id 
_pdbx_poly_seq_scheme.seq_id 
_pdbx_poly_seq_scheme.mon_id 
_pdbx_poly_seq_scheme.ndb_seq_num 
_pdbx_poly_seq_scheme.pdb_seq_num 
_pdbx_poly_seq_scheme.auth_seq_num 
_pdbx_poly_seq_scheme.pdb_mon_id 
_pdbx_poly_seq_scheme.auth_mon_id 
_pdbx_poly_seq_scheme.pdb_strand_id 
_pdbx_poly_seq_scheme.pdb_ins_code 
_pdbx_poly_seq_scheme.hetero 
A 1 1   MSE 1   -3  ?   ?   ?   A . n 
A 1 2   SER 2   -2  ?   ?   ?   A . n 
A 1 3   LEU 3   -1  -1  LEU LEU A . n 
A 1 4   ASP 4   2   2   ASP ASP A . n 
A 1 5   GLY 5   3   3   GLY GLY A . n 
A 1 6   THR 6   4   4   THR THR A . n 
A 1 7   VAL 7   5   5   VAL VAL A . n 
A 1 8   LEU 8   6   6   LEU LEU A . n 
A 1 9   LEU 9   7   7   LEU LEU A . n 
A 1 10  ILE 10  8   8   ILE ILE A . n 
A 1 11  ASP 11  9   9   ASP ASP A . n 
A 1 12  TYR 12  10  10  TYR TYR A . n 
A 1 13  PHE 13  11  11  PHE PHE A . n 
A 1 14  GLU 14  12  12  GLU GLU A . n 
A 1 15  TYR 15  13  13  TYR TYR A . n 
A 1 16  GLU 16  14  14  GLU GLU A . n 
A 1 17  ARG 17  15  15  ARG ARG A . n 
A 1 18  GLU 18  16  16  GLU GLU A . n 
A 1 19  LYS 19  17  17  LYS LYS A . n 
A 1 20  THR 20  18  18  THR THR A . n 
A 1 21  LYS 21  19  19  LYS LYS A . n 
A 1 22  ILE 22  20  20  ILE ILE A . n 
A 1 23  ILE 23  21  21  ILE ILE A . n 
A 1 24  PHE 24  22  22  PHE PHE A . n 
A 1 25  ASP 25  23  23  ASP ASP A . n 
A 1 26  ASN 26  24  24  ASN ASN A . n 
A 1 27  ILE 27  25  25  ILE ILE A . n 
A 1 28  GLY 28  26  26  GLY GLY A . n 
A 1 29  GLU 29  27  27  GLU GLU A . n 
A 1 30  TYR 30  28  28  TYR TYR A . n 
A 1 31  ASP 31  29  29  ASP ASP A . n 
A 1 32  PHE 32  30  30  PHE PHE A . n 
A 1 33  ILE 33  31  31  ILE ILE A . n 
A 1 34  GLU 34  32  32  GLU GLU A . n 
A 1 35  VAL 35  33  33  VAL VAL A . n 
A 1 36  GLU 36  34  34  GLU GLU A . n 
A 1 37  ASN 37  35  35  ASN ASN A . n 
A 1 38  LEU 38  36  36  LEU LEU A . n 
A 1 39  LYS 39  37  37  LYS LYS A . n 
A 1 40  LYS 40  38  38  LYS LYS A . n 
A 1 41  PHE 41  39  39  PHE PHE A . n 
A 1 42  TYR 42  40  40  TYR TYR A . n 
A 1 43  SER 43  41  41  SER SER A . n 
A 1 44  ILE 44  42  42  ILE ILE A . n 
A 1 45  PHE 45  43  43  PHE PHE A . n 
A 1 46  LYS 46  44  44  LYS LYS A . n 
A 1 47  ASP 47  45  45  ASP ASP A . n 
A 1 48  LEU 48  46  46  LEU LEU A . n 
A 1 49  ASP 49  47  47  ASP ASP A . n 
A 1 50  SER 50  48  48  SER SER A . n 
A 1 51  ILE 51  49  49  ILE ILE A . n 
A 1 52  THR 52  50  50  THR THR A . n 
A 1 53  LEU 53  51  51  LEU LEU A . n 
A 1 54  ILE 54  52  52  ILE ILE A . n 
A 1 55  ILE 55  53  53  ILE ILE A . n 
A 1 56  MSE 56  54  54  MSE MSE A . n 
A 1 57  ASP 57  55  55  ASP ASP A . n 
A 1 58  ILE 58  56  56  ILE ILE A . n 
A 1 59  ALA 59  57  57  ALA ALA A . n 
A 1 60  PHE 60  58  58  PHE PHE A . n 
A 1 61  PRO 61  59  59  PRO PRO A . n 
A 1 62  VAL 62  60  60  VAL VAL A . n 
A 1 63  GLU 63  61  61  GLU GLU A . n 
A 1 64  LYS 64  62  62  LYS LYS A . n 
A 1 65  GLU 65  63  63  GLU GLU A . n 
A 1 66  GLY 66  64  64  GLY GLY A . n 
A 1 67  LEU 67  65  65  LEU LEU A . n 
A 1 68  GLU 68  66  66  GLU GLU A . n 
A 1 69  VAL 69  67  67  VAL VAL A . n 
A 1 70  LEU 70  68  68  LEU LEU A . n 
A 1 71  SER 71  69  69  SER SER A . n 
A 1 72  ALA 72  70  70  ALA ALA A . n 
A 1 73  ILE 73  71  71  ILE ILE A . n 
A 1 74  ARG 74  72  72  ARG ARG A . n 
A 1 75  ASN 75  73  73  ASN ASN A . n 
A 1 76  ASN 76  74  74  ASN ASN A . n 
A 1 77  SER 77  75  75  SER SER A . n 
A 1 78  ARG 78  76  76  ARG ARG A . n 
A 1 79  THR 79  77  77  THR THR A . n 
A 1 80  ALA 80  78  78  ALA ALA A . n 
A 1 81  ASN 81  79  79  ASN ASN A . n 
A 1 82  THR 82  80  80  THR THR A . n 
A 1 83  PRO 83  81  81  PRO PRO A . n 
A 1 84  VAL 84  82  82  VAL VAL A . n 
A 1 85  ILE 85  83  83  ILE ILE A . n 
A 1 86  ILE 86  84  84  ILE ILE A . n 
A 1 87  ALA 87  85  85  ALA ALA A . n 
A 1 88  THR 88  86  86  THR THR A . n 
A 1 89  LYS 89  87  87  LYS LYS A . n 
A 1 90  SER 90  88  88  SER SER A . n 
A 1 91  ASP 91  89  89  ASP ASP A . n 
A 1 92  ASN 92  90  90  ASN ASN A . n 
A 1 93  PRO 93  91  91  PRO PRO A . n 
A 1 94  GLY 94  92  92  GLY GLY A . n 
A 1 95  TYR 95  93  93  TYR TYR A . n 
A 1 96  ARG 96  94  94  ARG ARG A . n 
A 1 97  HIS 97  95  95  HIS HIS A . n 
A 1 98  ALA 98  96  96  ALA ALA A . n 
A 1 99  ALA 99  97  97  ALA ALA A . n 
A 1 100 LEU 100 98  98  LEU LEU A . n 
A 1 101 LYS 101 99  99  LYS LYS A . n 
A 1 102 PHE 102 100 100 PHE PHE A . n 
A 1 103 LYS 103 101 101 LYS LYS A . n 
A 1 104 VAL 104 102 102 VAL VAL A . n 
A 1 105 SER 105 103 103 SER SER A . n 
A 1 106 ASP 106 104 104 ASP ASP A . n 
A 1 107 TYR 107 105 105 TYR TYR A . n 
A 1 108 ILE 108 106 106 ILE ILE A . n 
A 1 109 LEU 109 107 107 LEU LEU A . n 
A 1 110 LYS 110 108 108 LYS LYS A . n 
A 1 111 PRO 111 109 109 PRO PRO A . n 
A 1 112 TYR 112 110 110 TYR TYR A . n 
A 1 113 PRO 113 111 111 PRO PRO A . n 
A 1 114 THR 114 112 112 THR THR A . n 
A 1 115 LYS 115 113 113 LYS LYS A . n 
A 1 116 ARG 116 114 114 ARG ARG A . n 
A 1 117 LEU 117 115 115 LEU LEU A . n 
A 1 118 GLU 118 116 116 GLU GLU A . n 
A 1 119 ASN 119 117 117 ASN ASN A . n 
A 1 120 SER 120 118 118 SER SER A . n 
A 1 121 VAL 121 119 119 VAL VAL A . n 
A 1 122 ARG 122 120 120 ARG ARG A . n 
A 1 123 SER 123 121 121 SER SER A . n 
A 1 124 VAL 124 122 122 VAL VAL A . n 
A 1 125 LEU 125 123 123 LEU LEU A . n 
A 1 126 LYS 126 124 124 LYS LYS A . n 
A 1 127 ILE 127 125 125 ILE ILE A . n 
A 1 128 CYS 128 126 ?   ?   ?   A . n 
A 1 129 GLN 129 127 ?   ?   ?   A . n 
A 1 130 ARG 130 128 ?   ?   ?   A . n 
A 1 131 PHE 131 129 ?   ?   ?   A . n 
A 1 132 ARG 132 130 ?   ?   ?   A . n 
A 1 133 GLU 133 131 ?   ?   ?   A . n 
A 1 134 GLY 134 132 ?   ?   ?   A . n 
A 1 135 HIS 135 133 ?   ?   ?   A . n 
A 1 136 HIS 136 134 ?   ?   ?   A . n 
A 1 137 HIS 137 135 ?   ?   ?   A . n 
A 1 138 HIS 138 136 ?   ?   ?   A . n 
A 1 139 HIS 139 137 ?   ?   ?   A . n 
A 1 140 HIS 140 138 ?   ?   ?   A . n 
# 
loop_
_pdbx_nonpoly_scheme.asym_id 
_pdbx_nonpoly_scheme.entity_id 
_pdbx_nonpoly_scheme.mon_id 
_pdbx_nonpoly_scheme.ndb_seq_num 
_pdbx_nonpoly_scheme.pdb_seq_num 
_pdbx_nonpoly_scheme.auth_seq_num 
_pdbx_nonpoly_scheme.pdb_mon_id 
_pdbx_nonpoly_scheme.auth_mon_id 
_pdbx_nonpoly_scheme.pdb_strand_id 
_pdbx_nonpoly_scheme.pdb_ins_code 
B 2 HOH 1  139 2  HOH TIP A . 
B 2 HOH 2  140 3  HOH TIP A . 
B 2 HOH 3  141 4  HOH TIP A . 
B 2 HOH 4  142 5  HOH TIP A . 
B 2 HOH 5  143 6  HOH TIP A . 
B 2 HOH 6  144 7  HOH TIP A . 
B 2 HOH 7  145 8  HOH TIP A . 
B 2 HOH 8  146 9  HOH TIP A . 
B 2 HOH 9  147 10 HOH TIP A . 
B 2 HOH 10 148 11 HOH TIP A . 
B 2 HOH 11 149 12 HOH TIP A . 
B 2 HOH 12 150 13 HOH TIP A . 
B 2 HOH 13 151 14 HOH TIP A . 
B 2 HOH 14 152 15 HOH TIP A . 
B 2 HOH 15 153 16 HOH TIP A . 
B 2 HOH 16 154 17 HOH TIP A . 
B 2 HOH 17 155 18 HOH TIP A . 
B 2 HOH 18 156 19 HOH TIP A . 
B 2 HOH 19 157 20 HOH TIP A . 
B 2 HOH 20 158 21 HOH TIP A . 
B 2 HOH 21 159 22 HOH TIP A . 
B 2 HOH 22 160 23 HOH TIP A . 
B 2 HOH 23 161 24 HOH TIP A . 
B 2 HOH 24 162 25 HOH TIP A . 
B 2 HOH 25 163 26 HOH TIP A . 
B 2 HOH 26 164 27 HOH TIP A . 
B 2 HOH 27 165 28 HOH TIP A . 
B 2 HOH 28 166 29 HOH TIP A . 
B 2 HOH 29 167 30 HOH TIP A . 
B 2 HOH 30 168 31 HOH TIP A . 
B 2 HOH 31 169 33 HOH TIP A . 
B 2 HOH 32 170 34 HOH TIP A . 
B 2 HOH 33 171 35 HOH TIP A . 
B 2 HOH 34 172 37 HOH TIP A . 
B 2 HOH 35 173 39 HOH TIP A . 
B 2 HOH 36 174 42 HOH TIP A . 
B 2 HOH 37 175 43 HOH TIP A . 
B 2 HOH 38 176 44 HOH TIP A . 
B 2 HOH 39 177 48 HOH TIP A . 
B 2 HOH 40 178 49 HOH TIP A . 
B 2 HOH 41 179 51 HOH TIP A . 
B 2 HOH 42 180 52 HOH TIP A . 
B 2 HOH 43 181 53 HOH TIP A . 
B 2 HOH 44 182 55 HOH TIP A . 
B 2 HOH 45 183 56 HOH TIP A . 
B 2 HOH 46 184 57 HOH TIP A . 
B 2 HOH 47 185 58 HOH TIP A . 
B 2 HOH 48 186 59 HOH TIP A . 
B 2 HOH 49 187 61 HOH TIP A . 
B 2 HOH 50 188 62 HOH TIP A . 
B 2 HOH 51 189 63 HOH TIP A . 
B 2 HOH 52 190 66 HOH TIP A . 
B 2 HOH 53 191 68 HOH TIP A . 
# 
loop_
_software.name 
_software.classification 
_software.version 
_software.citation_id 
_software.pdbx_ordinal 
CBASS    'data collection' .   ? 1 
SHELXCD  phasing           .   ? 2 
SHARP    phasing           .   ? 3 
CNS      refinement        1.1 ? 4 
DENZO    'data reduction'  .   ? 5 
HKL-2000 'data scaling'    .   ? 6 
# 
_cell.entry_id           3LUA 
_cell.length_a           94.100 
_cell.length_b           94.100 
_cell.length_c           68.009 
_cell.angle_alpha        90.00 
_cell.angle_beta         90.00 
_cell.angle_gamma        120.00 
_cell.Z_PDB              12 
_cell.pdbx_unique_axis   ? 
_cell.length_a_esd       ? 
_cell.length_b_esd       ? 
_cell.length_c_esd       ? 
_cell.angle_alpha_esd    ? 
_cell.angle_beta_esd     ? 
_cell.angle_gamma_esd    ? 
# 
_symmetry.entry_id                         3LUA 
_symmetry.space_group_name_H-M             'P 61 2 2' 
_symmetry.pdbx_full_space_group_name_H-M   ? 
_symmetry.cell_setting                     ? 
_symmetry.Int_Tables_number                178 
_symmetry.space_group_name_Hall            ? 
# 
_exptl.entry_id          3LUA 
_exptl.method            'X-RAY DIFFRACTION' 
_exptl.crystals_number   1 
# 
_exptl_crystal.id                    1 
_exptl_crystal.density_meas          ? 
_exptl_crystal.density_Matthews      2.64 
_exptl_crystal.density_percent_sol   53.33 
_exptl_crystal.description           ? 
_exptl_crystal.F_000                 ? 
_exptl_crystal.preparation           ? 
# 
_exptl_crystal_grow.crystal_id      1 
_exptl_crystal_grow.method          'VAPOR DIFFUSION, SITTING DROP' 
_exptl_crystal_grow.temp            292 
_exptl_crystal_grow.temp_details    ? 
_exptl_crystal_grow.pH              7.0 
_exptl_crystal_grow.pdbx_details    '0.2M Sodium acetate pH 7.0, 20% PEG 3,350, VAPOR DIFFUSION, SITTING DROP, temperature 292K' 
_exptl_crystal_grow.pdbx_pH_range   ? 
# 
_diffrn.id                     1 
_diffrn.ambient_temp           100 
_diffrn.ambient_temp_details   ? 
_diffrn.crystal_id             1 
# 
_diffrn_detector.diffrn_id              1 
_diffrn_detector.detector               CCD 
_diffrn_detector.type                   'ADSC QUANTUM 315r' 
_diffrn_detector.pdbx_collection_date   2009-11-26 
_diffrn_detector.details                mirrors 
# 
_diffrn_radiation.diffrn_id                        1 
_diffrn_radiation.wavelength_id                    1 
_diffrn_radiation.pdbx_monochromatic_or_laue_m_l   M 
_diffrn_radiation.monochromator                    'Si 111 CHANNEL' 
_diffrn_radiation.pdbx_diffrn_protocol             'SINGLE WAVELENGTH' 
_diffrn_radiation.pdbx_scattering_type             x-ray 
# 
_diffrn_radiation_wavelength.id           1 
_diffrn_radiation_wavelength.wavelength   0.9792 
_diffrn_radiation_wavelength.wt           1.0 
# 
_diffrn_source.diffrn_id                   1 
_diffrn_source.source                      SYNCHROTRON 
_diffrn_source.type                        'NSLS BEAMLINE X29A' 
_diffrn_source.pdbx_synchrotron_site       NSLS 
_diffrn_source.pdbx_synchrotron_beamline   X29A 
_diffrn_source.pdbx_wavelength             ? 
_diffrn_source.pdbx_wavelength_list        0.9792 
# 
_reflns.entry_id                     3LUA 
_reflns.observed_criterion_sigma_I   0.0 
_reflns.observed_criterion_sigma_F   0.0 
_reflns.d_resolution_low             50.0 
_reflns.d_resolution_high            2.4 
_reflns.number_obs                   ? 
_reflns.number_all                   26360 
_reflns.percent_possible_obs         100.0 
_reflns.pdbx_Rmerge_I_obs            ? 
_reflns.pdbx_Rsym_value              0.116 
_reflns.pdbx_netI_over_sigmaI        6.2 
_reflns.B_iso_Wilson_estimate        36.9 
_reflns.pdbx_redundancy              10.9 
_reflns.R_free_details               ? 
_reflns.limit_h_max                  ? 
_reflns.limit_h_min                  ? 
_reflns.limit_k_max                  ? 
_reflns.limit_k_min                  ? 
_reflns.limit_l_max                  ? 
_reflns.limit_l_min                  ? 
_reflns.observed_criterion_F_max     ? 
_reflns.observed_criterion_F_min     ? 
_reflns.pdbx_chi_squared             ? 
_reflns.pdbx_scaling_rejects         ? 
_reflns.pdbx_diffrn_id               1 
_reflns.pdbx_ordinal                 1 
# 
_reflns_shell.d_res_high             2.40 
_reflns_shell.d_res_low              2.49 
_reflns_shell.percent_possible_all   100.0 
_reflns_shell.Rmerge_I_obs           ? 
_reflns_shell.pdbx_Rsym_value        0.779 
_reflns_shell.meanI_over_sigI_obs    5.6 
_reflns_shell.pdbx_redundancy        10.5 
_reflns_shell.percent_possible_obs   ? 
_reflns_shell.number_unique_all      2615 
_reflns_shell.number_measured_all    ? 
_reflns_shell.number_measured_obs    ? 
_reflns_shell.number_unique_obs      ? 
_reflns_shell.pdbx_chi_squared       ? 
_reflns_shell.pdbx_diffrn_id         ? 
_reflns_shell.pdbx_ordinal           1 
# 
_refine.entry_id                                 3LUA 
_refine.ls_number_reflns_obs                     12710 
_refine.ls_number_reflns_all                     12710 
_refine.pdbx_ls_sigma_I                          0.0 
_refine.pdbx_ls_sigma_F                          0.0 
_refine.pdbx_data_cutoff_high_absF               ? 
_refine.pdbx_data_cutoff_low_absF                ? 
_refine.pdbx_data_cutoff_high_rms_absF           ? 
_refine.ls_d_res_low                             47.05 
_refine.ls_d_res_high                            2.40 
_refine.ls_percent_reflns_obs                    96.2 
_refine.ls_R_factor_obs                          0.234 
_refine.ls_R_factor_all                          0.234 
_refine.ls_R_factor_R_work                       0.234 
_refine.ls_R_factor_R_free                       0.267 
_refine.ls_R_factor_R_free_error                 ? 
_refine.ls_R_factor_R_free_error_details         ? 
_refine.ls_percent_reflns_R_free                 ? 
_refine.ls_number_reflns_R_free                  545 
_refine.ls_number_parameters                     ? 
_refine.ls_number_restraints                     ? 
_refine.occupancy_min                            ? 
_refine.occupancy_max                            ? 
_refine.correlation_coeff_Fo_to_Fc               ? 
_refine.correlation_coeff_Fo_to_Fc_free          ? 
_refine.B_iso_mean                               40.9 
_refine.aniso_B[1][1]                            -2.98 
_refine.aniso_B[2][2]                            -2.98 
_refine.aniso_B[3][3]                            5.95 
_refine.aniso_B[1][2]                            3.58 
_refine.aniso_B[1][3]                            0.00 
_refine.aniso_B[2][3]                            0.00 
_refine.solvent_model_details                    ? 
_refine.solvent_model_param_ksol                 ? 
_refine.solvent_model_param_bsol                 ? 
_refine.pdbx_solvent_vdw_probe_radii             ? 
_refine.pdbx_solvent_ion_probe_radii             ? 
_refine.pdbx_solvent_shrinkage_radii             ? 
_refine.pdbx_ls_cross_valid_method               THROUGHOUT 
_refine.details                                  ? 
_refine.pdbx_starting_model                      ? 
_refine.pdbx_method_to_determine_struct          SAD 
_refine.pdbx_isotropic_thermal_model             Isotropic 
_refine.pdbx_stereochemistry_target_values       'Engh & Huber' 
_refine.pdbx_stereochem_target_val_spec_case     ? 
_refine.pdbx_R_Free_selection_details            RANDOM 
_refine.pdbx_overall_ESU_R                       ? 
_refine.pdbx_overall_ESU_R_Free                  ? 
_refine.overall_SU_ML                            ? 
_refine.overall_SU_B                             ? 
_refine.ls_redundancy_reflns_obs                 ? 
_refine.B_iso_min                                ? 
_refine.B_iso_max                                ? 
_refine.overall_SU_R_Cruickshank_DPI             ? 
_refine.overall_SU_R_free                        ? 
_refine.ls_wR_factor_R_free                      ? 
_refine.ls_wR_factor_R_work                      ? 
_refine.overall_FOM_free_R_set                   ? 
_refine.overall_FOM_work_R_set                   ? 
_refine.pdbx_overall_phase_error                 ? 
_refine.pdbx_refine_id                           'X-RAY DIFFRACTION' 
_refine.pdbx_diffrn_id                           1 
_refine.pdbx_TLS_residual_ADP_flag               ? 
_refine.pdbx_overall_SU_R_free_Cruickshank_DPI   ? 
_refine.pdbx_overall_SU_R_Blow_DPI               ? 
_refine.pdbx_overall_SU_R_free_Blow_DPI          ? 
# 
_refine_analyze.entry_id                        3LUA 
_refine_analyze.Luzzati_coordinate_error_obs    0.32 
_refine_analyze.Luzzati_sigma_a_obs             0.32 
_refine_analyze.Luzzati_d_res_low_obs           5.00 
_refine_analyze.Luzzati_coordinate_error_free   0.37 
_refine_analyze.Luzzati_sigma_a_free            0.34 
_refine_analyze.Luzzati_d_res_low_free          ? 
_refine_analyze.number_disordered_residues      ? 
_refine_analyze.occupancy_sum_hydrogen          ? 
_refine_analyze.occupancy_sum_non_hydrogen      ? 
_refine_analyze.pdbx_Luzzati_d_res_high_obs     ? 
_refine_analyze.pdbx_refine_id                  'X-RAY DIFFRACTION' 
# 
_refine_hist.pdbx_refine_id                   'X-RAY DIFFRACTION' 
_refine_hist.cycle_id                         LAST 
_refine_hist.pdbx_number_atoms_protein        1021 
_refine_hist.pdbx_number_atoms_nucleic_acid   0 
_refine_hist.pdbx_number_atoms_ligand         0 
_refine_hist.number_atoms_solvent             53 
_refine_hist.number_atoms_total               1074 
_refine_hist.d_res_high                       2.40 
_refine_hist.d_res_low                        47.05 
# 
loop_
_refine_ls_restr.type 
_refine_ls_restr.dev_ideal 
_refine_ls_restr.dev_ideal_target 
_refine_ls_restr.weight 
_refine_ls_restr.number 
_refine_ls_restr.pdbx_refine_id 
_refine_ls_restr.pdbx_restraint_function 
c_bond_d             0.008 ? ? ? 'X-RAY DIFFRACTION' ? 
c_angle_deg          1.6   ? ? ? 'X-RAY DIFFRACTION' ? 
c_dihedral_degree    24.6  ? ? ? 'X-RAY DIFFRACTION' ? 
c_improper_angle_deg 0.85  ? ? ? 'X-RAY DIFFRACTION' ? 
# 
_refine_ls_shell.pdbx_total_number_of_bins_used   ? 
_refine_ls_shell.d_res_high                       2.40 
_refine_ls_shell.d_res_low                        2.55 
_refine_ls_shell.number_reflns_R_work             ? 
_refine_ls_shell.R_factor_R_work                  0.285 
_refine_ls_shell.percent_reflns_obs               88.6 
_refine_ls_shell.R_factor_R_free                  0.322 
_refine_ls_shell.R_factor_R_free_error            0.040 
_refine_ls_shell.percent_reflns_R_free            ? 
_refine_ls_shell.number_reflns_R_free             66 
_refine_ls_shell.number_reflns_all                ? 
_refine_ls_shell.R_factor_all                     ? 
_refine_ls_shell.number_reflns_obs                1879 
_refine_ls_shell.redundancy_reflns_obs            ? 
_refine_ls_shell.pdbx_refine_id                   'X-RAY DIFFRACTION' 
# 
_struct.entry_id                  3LUA 
_struct.title                     
'Crystal structure of a Signal receiver domain of Two component Signal Transduction (Histidine Kinase) from Clostridium thermocellum' 
_struct.pdbx_model_details        ? 
_struct.pdbx_CASP_flag            ? 
_struct.pdbx_model_type_details   ? 
# 
_struct_keywords.entry_id        3LUA 
_struct_keywords.pdbx_keywords   'Transcription regulator' 
_struct_keywords.text            
;Two-component signal transduction system, Histidine Kinase, Phosphorelay, Receiver domain, 11201g, NYSGXRC, PSI-II, Structural Genomics, Protein Structure Initiative, New York SGX Research Center for Structural Genomics, Transcription regulator
;
# 
loop_
_struct_asym.id 
_struct_asym.pdbx_blank_PDB_chainid_flag 
_struct_asym.pdbx_modified 
_struct_asym.entity_id 
_struct_asym.details 
A N N 1 ? 
B N N 2 ? 
# 
_struct_ref.id                         1 
_struct_ref.db_name                    UNP 
_struct_ref.db_code                    A3DK02_CLOTH 
_struct_ref.pdbx_db_accession          A3DK02 
_struct_ref.entity_id                  1 
_struct_ref.pdbx_seq_one_letter_code   
;DGTVLLIDYFEYEREKTKIIFDNIGEYDFIEVENLKKFYSIFKDLDSITLIIMDIAFPVEKEGLEVLSAIRNNSRTANTP
VIIATKSDNPGYRHAALKFKVSDYILKPYPTKRLENSVRSVLKICQRFR
;
_struct_ref.pdbx_align_begin           2 
_struct_ref.pdbx_db_isoform            ? 
# 
_struct_ref_seq.align_id                      1 
_struct_ref_seq.ref_id                        1 
_struct_ref_seq.pdbx_PDB_id_code              3LUA 
_struct_ref_seq.pdbx_strand_id                A 
_struct_ref_seq.seq_align_beg                 4 
_struct_ref_seq.pdbx_seq_align_beg_ins_code   ? 
_struct_ref_seq.seq_align_end                 132 
_struct_ref_seq.pdbx_seq_align_end_ins_code   ? 
_struct_ref_seq.pdbx_db_accession             A3DK02 
_struct_ref_seq.db_align_beg                  2 
_struct_ref_seq.pdbx_db_align_beg_ins_code    ? 
_struct_ref_seq.db_align_end                  130 
_struct_ref_seq.pdbx_db_align_end_ins_code    ? 
_struct_ref_seq.pdbx_auth_seq_align_beg       2 
_struct_ref_seq.pdbx_auth_seq_align_end       130 
# 
loop_
_struct_ref_seq_dif.align_id 
_struct_ref_seq_dif.pdbx_pdb_id_code 
_struct_ref_seq_dif.mon_id 
_struct_ref_seq_dif.pdbx_pdb_strand_id 
_struct_ref_seq_dif.seq_num 
_struct_ref_seq_dif.pdbx_pdb_ins_code 
_struct_ref_seq_dif.pdbx_seq_db_name 
_struct_ref_seq_dif.pdbx_seq_db_accession_code 
_struct_ref_seq_dif.db_mon_id 
_struct_ref_seq_dif.pdbx_seq_db_seq_num 
_struct_ref_seq_dif.details 
_struct_ref_seq_dif.pdbx_auth_seq_num 
_struct_ref_seq_dif.pdbx_ordinal 
1 3LUA MSE A 1   ? UNP A3DK02 ? ? 'expression tag' -3  1  
1 3LUA SER A 2   ? UNP A3DK02 ? ? 'expression tag' -2  2  
1 3LUA LEU A 3   ? UNP A3DK02 ? ? 'expression tag' -1  3  
1 3LUA GLU A 133 ? UNP A3DK02 ? ? 'expression tag' 131 4  
1 3LUA GLY A 134 ? UNP A3DK02 ? ? 'expression tag' 132 5  
1 3LUA HIS A 135 ? UNP A3DK02 ? ? 'expression tag' 133 6  
1 3LUA HIS A 136 ? UNP A3DK02 ? ? 'expression tag' 134 7  
1 3LUA HIS A 137 ? UNP A3DK02 ? ? 'expression tag' 135 8  
1 3LUA HIS A 138 ? UNP A3DK02 ? ? 'expression tag' 136 9  
1 3LUA HIS A 139 ? UNP A3DK02 ? ? 'expression tag' 137 10 
1 3LUA HIS A 140 ? UNP A3DK02 ? ? 'expression tag' 138 11 
# 
_pdbx_struct_assembly.id                   1 
_pdbx_struct_assembly.details              author_and_software_defined_assembly 
_pdbx_struct_assembly.method_details       PISA 
_pdbx_struct_assembly.oligomeric_details   monomeric 
_pdbx_struct_assembly.oligomeric_count     1 
# 
_pdbx_struct_assembly_gen.assembly_id       1 
_pdbx_struct_assembly_gen.oper_expression   1 
_pdbx_struct_assembly_gen.asym_id_list      A,B 
# 
_pdbx_struct_oper_list.id                   1 
_pdbx_struct_oper_list.type                 'identity operation' 
_pdbx_struct_oper_list.name                 1_555 
_pdbx_struct_oper_list.symmetry_operation   x,y,z 
_pdbx_struct_oper_list.matrix[1][1]         1.0000000000 
_pdbx_struct_oper_list.matrix[1][2]         0.0000000000 
_pdbx_struct_oper_list.matrix[1][3]         0.0000000000 
_pdbx_struct_oper_list.vector[1]            0.0000000000 
_pdbx_struct_oper_list.matrix[2][1]         0.0000000000 
_pdbx_struct_oper_list.matrix[2][2]         1.0000000000 
_pdbx_struct_oper_list.matrix[2][3]         0.0000000000 
_pdbx_struct_oper_list.vector[2]            0.0000000000 
_pdbx_struct_oper_list.matrix[3][1]         0.0000000000 
_pdbx_struct_oper_list.matrix[3][2]         0.0000000000 
_pdbx_struct_oper_list.matrix[3][3]         1.0000000000 
_pdbx_struct_oper_list.vector[3]            0.0000000000 
# 
_struct_biol.id        1 
_struct_biol.details   ? 
# 
loop_
_struct_conf.conf_type_id 
_struct_conf.id 
_struct_conf.pdbx_PDB_helix_id 
_struct_conf.beg_label_comp_id 
_struct_conf.beg_label_asym_id 
_struct_conf.beg_label_seq_id 
_struct_conf.pdbx_beg_PDB_ins_code 
_struct_conf.end_label_comp_id 
_struct_conf.end_label_asym_id 
_struct_conf.end_label_seq_id 
_struct_conf.pdbx_end_PDB_ins_code 
_struct_conf.beg_auth_comp_id 
_struct_conf.beg_auth_asym_id 
_struct_conf.beg_auth_seq_id 
_struct_conf.end_auth_comp_id 
_struct_conf.end_auth_asym_id 
_struct_conf.end_auth_seq_id 
_struct_conf.pdbx_PDB_helix_class 
_struct_conf.details 
_struct_conf.pdbx_PDB_helix_length 
HELX_P HELX_P1 1 PHE A 13  ? GLY A 28  ? PHE A 11  GLY A 26  1 ? 16 
HELX_P HELX_P2 2 ASN A 37  ? SER A 43  ? ASN A 35  SER A 41  1 ? 7  
HELX_P HELX_P3 3 VAL A 62  ? ASN A 76  ? VAL A 60  ASN A 74  1 ? 15 
HELX_P HELX_P4 4 SER A 77  ? ALA A 80  ? SER A 75  ALA A 78  5 ? 4  
HELX_P HELX_P5 5 ASN A 92  ? PHE A 102 ? ASN A 90  PHE A 100 1 ? 11 
HELX_P HELX_P6 6 LYS A 115 ? LYS A 126 ? LYS A 113 LYS A 124 1 ? 12 
# 
_struct_conf_type.id          HELX_P 
_struct_conf_type.criteria    ? 
_struct_conf_type.reference   ? 
# 
loop_
_struct_conn.id 
_struct_conn.conn_type_id 
_struct_conn.pdbx_leaving_atom_flag 
_struct_conn.pdbx_PDB_id 
_struct_conn.ptnr1_label_asym_id 
_struct_conn.ptnr1_label_comp_id 
_struct_conn.ptnr1_label_seq_id 
_struct_conn.ptnr1_label_atom_id 
_struct_conn.pdbx_ptnr1_label_alt_id 
_struct_conn.pdbx_ptnr1_PDB_ins_code 
_struct_conn.pdbx_ptnr1_standard_comp_id 
_struct_conn.ptnr1_symmetry 
_struct_conn.ptnr2_label_asym_id 
_struct_conn.ptnr2_label_comp_id 
_struct_conn.ptnr2_label_seq_id 
_struct_conn.ptnr2_label_atom_id 
_struct_conn.pdbx_ptnr2_label_alt_id 
_struct_conn.pdbx_ptnr2_PDB_ins_code 
_struct_conn.ptnr1_auth_asym_id 
_struct_conn.ptnr1_auth_comp_id 
_struct_conn.ptnr1_auth_seq_id 
_struct_conn.ptnr2_auth_asym_id 
_struct_conn.ptnr2_auth_comp_id 
_struct_conn.ptnr2_auth_seq_id 
_struct_conn.ptnr2_symmetry 
_struct_conn.pdbx_ptnr3_label_atom_id 
_struct_conn.pdbx_ptnr3_label_seq_id 
_struct_conn.pdbx_ptnr3_label_comp_id 
_struct_conn.pdbx_ptnr3_label_asym_id 
_struct_conn.pdbx_ptnr3_label_alt_id 
_struct_conn.pdbx_ptnr3_PDB_ins_code 
_struct_conn.details 
_struct_conn.pdbx_dist_value 
_struct_conn.pdbx_value_order 
_struct_conn.pdbx_role 
covale1 covale both ? A ILE 55 C ? ? ? 1_555 A MSE 56 N ? ? A ILE 53 A MSE 54 1_555 ? ? ? ? ? ? ? 1.329 ? ? 
covale2 covale both ? A MSE 56 C ? ? ? 1_555 A ASP 57 N ? ? A MSE 54 A ASP 55 1_555 ? ? ? ? ? ? ? 1.327 ? ? 
# 
_struct_conn_type.id          covale 
_struct_conn_type.criteria    ? 
_struct_conn_type.reference   ? 
# 
_pdbx_modification_feature.ordinal                            1 
_pdbx_modification_feature.label_comp_id                      MSE 
_pdbx_modification_feature.label_asym_id                      A 
_pdbx_modification_feature.label_seq_id                       56 
_pdbx_modification_feature.label_alt_id                       ? 
_pdbx_modification_feature.modified_residue_label_comp_id     . 
_pdbx_modification_feature.modified_residue_label_asym_id     . 
_pdbx_modification_feature.modified_residue_label_seq_id      . 
_pdbx_modification_feature.modified_residue_label_alt_id      . 
_pdbx_modification_feature.auth_comp_id                       MSE 
_pdbx_modification_feature.auth_asym_id                       A 
_pdbx_modification_feature.auth_seq_id                        54 
_pdbx_modification_feature.PDB_ins_code                       ? 
_pdbx_modification_feature.symmetry                           1_555 
_pdbx_modification_feature.modified_residue_auth_comp_id      . 
_pdbx_modification_feature.modified_residue_auth_asym_id      . 
_pdbx_modification_feature.modified_residue_auth_seq_id       . 
_pdbx_modification_feature.modified_residue_PDB_ins_code      . 
_pdbx_modification_feature.modified_residue_symmetry          . 
_pdbx_modification_feature.comp_id_linking_atom               . 
_pdbx_modification_feature.modified_residue_id_linking_atom   . 
_pdbx_modification_feature.modified_residue_id                MET 
_pdbx_modification_feature.ref_pcm_id                         1 
_pdbx_modification_feature.ref_comp_id                        MSE 
_pdbx_modification_feature.type                               Selenomethionine 
_pdbx_modification_feature.category                           'Named protein modification' 
# 
loop_
_struct_mon_prot_cis.pdbx_id 
_struct_mon_prot_cis.label_comp_id 
_struct_mon_prot_cis.label_seq_id 
_struct_mon_prot_cis.label_asym_id 
_struct_mon_prot_cis.label_alt_id 
_struct_mon_prot_cis.pdbx_PDB_ins_code 
_struct_mon_prot_cis.auth_comp_id 
_struct_mon_prot_cis.auth_seq_id 
_struct_mon_prot_cis.auth_asym_id 
_struct_mon_prot_cis.pdbx_label_comp_id_2 
_struct_mon_prot_cis.pdbx_label_seq_id_2 
_struct_mon_prot_cis.pdbx_label_asym_id_2 
_struct_mon_prot_cis.pdbx_PDB_ins_code_2 
_struct_mon_prot_cis.pdbx_auth_comp_id_2 
_struct_mon_prot_cis.pdbx_auth_seq_id_2 
_struct_mon_prot_cis.pdbx_auth_asym_id_2 
_struct_mon_prot_cis.pdbx_PDB_model_num 
_struct_mon_prot_cis.pdbx_omega_angle 
1 PHE 60  A . ? PHE 58  A PRO 61  A ? PRO 59  A 1 -0.61 
2 LYS 110 A . ? LYS 108 A PRO 111 A ? PRO 109 A 1 -0.04 
# 
_struct_sheet.id               A 
_struct_sheet.type             ? 
_struct_sheet.number_strands   5 
_struct_sheet.details          ? 
# 
loop_
_struct_sheet_order.sheet_id 
_struct_sheet_order.range_id_1 
_struct_sheet_order.range_id_2 
_struct_sheet_order.offset 
_struct_sheet_order.sense 
A 1 2 ? parallel 
A 2 3 ? parallel 
A 3 4 ? parallel 
A 4 5 ? parallel 
# 
loop_
_struct_sheet_range.sheet_id 
_struct_sheet_range.id 
_struct_sheet_range.beg_label_comp_id 
_struct_sheet_range.beg_label_asym_id 
_struct_sheet_range.beg_label_seq_id 
_struct_sheet_range.pdbx_beg_PDB_ins_code 
_struct_sheet_range.end_label_comp_id 
_struct_sheet_range.end_label_asym_id 
_struct_sheet_range.end_label_seq_id 
_struct_sheet_range.pdbx_end_PDB_ins_code 
_struct_sheet_range.beg_auth_comp_id 
_struct_sheet_range.beg_auth_asym_id 
_struct_sheet_range.beg_auth_seq_id 
_struct_sheet_range.end_auth_comp_id 
_struct_sheet_range.end_auth_asym_id 
_struct_sheet_range.end_auth_seq_id 
A 1 ASP A 31  ? VAL A 35  ? ASP A 29  VAL A 33  
A 2 THR A 6   ? ILE A 10  ? THR A 4   ILE A 8   
A 3 LEU A 53  ? MSE A 56  ? LEU A 51  MSE A 54  
A 4 VAL A 84  ? THR A 88  ? VAL A 82  THR A 86  
A 5 ASP A 106 ? LEU A 109 ? ASP A 104 LEU A 107 
# 
loop_
_pdbx_struct_sheet_hbond.sheet_id 
_pdbx_struct_sheet_hbond.range_id_1 
_pdbx_struct_sheet_hbond.range_id_2 
_pdbx_struct_sheet_hbond.range_1_label_atom_id 
_pdbx_struct_sheet_hbond.range_1_label_comp_id 
_pdbx_struct_sheet_hbond.range_1_label_asym_id 
_pdbx_struct_sheet_hbond.range_1_label_seq_id 
_pdbx_struct_sheet_hbond.range_1_PDB_ins_code 
_pdbx_struct_sheet_hbond.range_1_auth_atom_id 
_pdbx_struct_sheet_hbond.range_1_auth_comp_id 
_pdbx_struct_sheet_hbond.range_1_auth_asym_id 
_pdbx_struct_sheet_hbond.range_1_auth_seq_id 
_pdbx_struct_sheet_hbond.range_2_label_atom_id 
_pdbx_struct_sheet_hbond.range_2_label_comp_id 
_pdbx_struct_sheet_hbond.range_2_label_asym_id 
_pdbx_struct_sheet_hbond.range_2_label_seq_id 
_pdbx_struct_sheet_hbond.range_2_PDB_ins_code 
_pdbx_struct_sheet_hbond.range_2_auth_atom_id 
_pdbx_struct_sheet_hbond.range_2_auth_comp_id 
_pdbx_struct_sheet_hbond.range_2_auth_asym_id 
_pdbx_struct_sheet_hbond.range_2_auth_seq_id 
A 1 2 O ASP A 31 ? O ASP A 29 N VAL A 7   ? N VAL A 5   
A 2 3 N LEU A 8  ? N LEU A 6  O ILE A 55  ? O ILE A 53  
A 3 4 N ILE A 54 ? N ILE A 52 O ILE A 85  ? O ILE A 83  
A 4 5 N ILE A 86 ? N ILE A 84 O ILE A 108 ? O ILE A 106 
# 
_pdbx_entry_details.entry_id                   3LUA 
_pdbx_entry_details.compound_details           ? 
_pdbx_entry_details.source_details             ? 
_pdbx_entry_details.nonpolymer_details         ? 
_pdbx_entry_details.sequence_details           ? 
_pdbx_entry_details.has_ligand_of_interest     ? 
_pdbx_entry_details.has_protein_modification   Y 
# 
_pdbx_validate_rmsd_angle.id                         1 
_pdbx_validate_rmsd_angle.PDB_model_num              1 
_pdbx_validate_rmsd_angle.auth_atom_id_1             N 
_pdbx_validate_rmsd_angle.auth_asym_id_1             A 
_pdbx_validate_rmsd_angle.auth_comp_id_1             PHE 
_pdbx_validate_rmsd_angle.auth_seq_id_1              100 
_pdbx_validate_rmsd_angle.PDB_ins_code_1             ? 
_pdbx_validate_rmsd_angle.label_alt_id_1             ? 
_pdbx_validate_rmsd_angle.auth_atom_id_2             CA 
_pdbx_validate_rmsd_angle.auth_asym_id_2             A 
_pdbx_validate_rmsd_angle.auth_comp_id_2             PHE 
_pdbx_validate_rmsd_angle.auth_seq_id_2              100 
_pdbx_validate_rmsd_angle.PDB_ins_code_2             ? 
_pdbx_validate_rmsd_angle.label_alt_id_2             ? 
_pdbx_validate_rmsd_angle.auth_atom_id_3             C 
_pdbx_validate_rmsd_angle.auth_asym_id_3             A 
_pdbx_validate_rmsd_angle.auth_comp_id_3             PHE 
_pdbx_validate_rmsd_angle.auth_seq_id_3              100 
_pdbx_validate_rmsd_angle.PDB_ins_code_3             ? 
_pdbx_validate_rmsd_angle.label_alt_id_3             ? 
_pdbx_validate_rmsd_angle.angle_value                90.53 
_pdbx_validate_rmsd_angle.angle_target_value         111.00 
_pdbx_validate_rmsd_angle.angle_deviation            -20.47 
_pdbx_validate_rmsd_angle.angle_standard_deviation   2.70 
_pdbx_validate_rmsd_angle.linker_flag                N 
# 
loop_
_pdbx_validate_torsion.id 
_pdbx_validate_torsion.PDB_model_num 
_pdbx_validate_torsion.auth_comp_id 
_pdbx_validate_torsion.auth_asym_id 
_pdbx_validate_torsion.auth_seq_id 
_pdbx_validate_torsion.PDB_ins_code 
_pdbx_validate_torsion.label_alt_id 
_pdbx_validate_torsion.phi 
_pdbx_validate_torsion.psi 
1 1 ASP A 2   ? ? -103.88 52.91  
2 1 ILE A 42  ? ? -141.50 -14.11 
3 1 THR A 112 ? ? -60.40  16.99  
4 1 SER A 121 ? ? -69.07  -71.09 
5 1 VAL A 122 ? ? -37.79  -36.33 
6 1 LYS A 124 ? ? 75.78   159.59 
# 
_pdbx_SG_project.id                    1 
_pdbx_SG_project.project_name          'PSI, Protein Structure Initiative' 
_pdbx_SG_project.full_name_of_center   'New York SGX Research Center for Structural Genomics' 
_pdbx_SG_project.initial_of_center     NYSGXRC 
# 
_pdbx_struct_mod_residue.id               1 
_pdbx_struct_mod_residue.label_asym_id    A 
_pdbx_struct_mod_residue.label_comp_id    MSE 
_pdbx_struct_mod_residue.label_seq_id     56 
_pdbx_struct_mod_residue.auth_asym_id     A 
_pdbx_struct_mod_residue.auth_comp_id     MSE 
_pdbx_struct_mod_residue.auth_seq_id      54 
_pdbx_struct_mod_residue.PDB_ins_code     ? 
_pdbx_struct_mod_residue.parent_comp_id   MET 
_pdbx_struct_mod_residue.details          SELENOMETHIONINE 
# 
_pdbx_struct_special_symmetry.id              1 
_pdbx_struct_special_symmetry.PDB_model_num   1 
_pdbx_struct_special_symmetry.auth_asym_id    A 
_pdbx_struct_special_symmetry.auth_comp_id    HOH 
_pdbx_struct_special_symmetry.auth_seq_id     177 
_pdbx_struct_special_symmetry.PDB_ins_code    ? 
_pdbx_struct_special_symmetry.label_asym_id   B 
_pdbx_struct_special_symmetry.label_comp_id   HOH 
_pdbx_struct_special_symmetry.label_seq_id    . 
# 
loop_
_pdbx_unobs_or_zero_occ_residues.id 
_pdbx_unobs_or_zero_occ_residues.PDB_model_num 
_pdbx_unobs_or_zero_occ_residues.polymer_flag 
_pdbx_unobs_or_zero_occ_residues.occupancy_flag 
_pdbx_unobs_or_zero_occ_residues.auth_asym_id 
_pdbx_unobs_or_zero_occ_residues.auth_comp_id 
_pdbx_unobs_or_zero_occ_residues.auth_seq_id 
_pdbx_unobs_or_zero_occ_residues.PDB_ins_code 
_pdbx_unobs_or_zero_occ_residues.label_asym_id 
_pdbx_unobs_or_zero_occ_residues.label_comp_id 
_pdbx_unobs_or_zero_occ_residues.label_seq_id 
1  1 Y 1 A MSE -3  ? A MSE 1   
2  1 Y 1 A SER -2  ? A SER 2   
3  1 Y 1 A CYS 126 ? A CYS 128 
4  1 Y 1 A GLN 127 ? A GLN 129 
5  1 Y 1 A ARG 128 ? A ARG 130 
6  1 Y 1 A PHE 129 ? A PHE 131 
7  1 Y 1 A ARG 130 ? A ARG 132 
8  1 Y 1 A GLU 131 ? A GLU 133 
9  1 Y 1 A GLY 132 ? A GLY 134 
10 1 Y 1 A HIS 133 ? A HIS 135 
11 1 Y 1 A HIS 134 ? A HIS 136 
12 1 Y 1 A HIS 135 ? A HIS 137 
13 1 Y 1 A HIS 136 ? A HIS 138 
14 1 Y 1 A HIS 137 ? A HIS 139 
15 1 Y 1 A HIS 138 ? A HIS 140 
# 
loop_
_chem_comp_atom.comp_id 
_chem_comp_atom.atom_id 
_chem_comp_atom.type_symbol 
_chem_comp_atom.pdbx_aromatic_flag 
_chem_comp_atom.pdbx_stereo_config 
_chem_comp_atom.pdbx_ordinal 
ALA N    N  N N 1   
ALA CA   C  N S 2   
ALA C    C  N N 3   
ALA O    O  N N 4   
ALA CB   C  N N 5   
ALA OXT  O  N N 6   
ALA H    H  N N 7   
ALA H2   H  N N 8   
ALA HA   H  N N 9   
ALA HB1  H  N N 10  
ALA HB2  H  N N 11  
ALA HB3  H  N N 12  
ALA HXT  H  N N 13  
ARG N    N  N N 14  
ARG CA   C  N S 15  
ARG C    C  N N 16  
ARG O    O  N N 17  
ARG CB   C  N N 18  
ARG CG   C  N N 19  
ARG CD   C  N N 20  
ARG NE   N  N N 21  
ARG CZ   C  N N 22  
ARG NH1  N  N N 23  
ARG NH2  N  N N 24  
ARG OXT  O  N N 25  
ARG H    H  N N 26  
ARG H2   H  N N 27  
ARG HA   H  N N 28  
ARG HB2  H  N N 29  
ARG HB3  H  N N 30  
ARG HG2  H  N N 31  
ARG HG3  H  N N 32  
ARG HD2  H  N N 33  
ARG HD3  H  N N 34  
ARG HE   H  N N 35  
ARG HH11 H  N N 36  
ARG HH12 H  N N 37  
ARG HH21 H  N N 38  
ARG HH22 H  N N 39  
ARG HXT  H  N N 40  
ASN N    N  N N 41  
ASN CA   C  N S 42  
ASN C    C  N N 43  
ASN O    O  N N 44  
ASN CB   C  N N 45  
ASN CG   C  N N 46  
ASN OD1  O  N N 47  
ASN ND2  N  N N 48  
ASN OXT  O  N N 49  
ASN H    H  N N 50  
ASN H2   H  N N 51  
ASN HA   H  N N 52  
ASN HB2  H  N N 53  
ASN HB3  H  N N 54  
ASN HD21 H  N N 55  
ASN HD22 H  N N 56  
ASN HXT  H  N N 57  
ASP N    N  N N 58  
ASP CA   C  N S 59  
ASP C    C  N N 60  
ASP O    O  N N 61  
ASP CB   C  N N 62  
ASP CG   C  N N 63  
ASP OD1  O  N N 64  
ASP OD2  O  N N 65  
ASP OXT  O  N N 66  
ASP H    H  N N 67  
ASP H2   H  N N 68  
ASP HA   H  N N 69  
ASP HB2  H  N N 70  
ASP HB3  H  N N 71  
ASP HD2  H  N N 72  
ASP HXT  H  N N 73  
CYS N    N  N N 74  
CYS CA   C  N R 75  
CYS C    C  N N 76  
CYS O    O  N N 77  
CYS CB   C  N N 78  
CYS SG   S  N N 79  
CYS OXT  O  N N 80  
CYS H    H  N N 81  
CYS H2   H  N N 82  
CYS HA   H  N N 83  
CYS HB2  H  N N 84  
CYS HB3  H  N N 85  
CYS HG   H  N N 86  
CYS HXT  H  N N 87  
GLN N    N  N N 88  
GLN CA   C  N S 89  
GLN C    C  N N 90  
GLN O    O  N N 91  
GLN CB   C  N N 92  
GLN CG   C  N N 93  
GLN CD   C  N N 94  
GLN OE1  O  N N 95  
GLN NE2  N  N N 96  
GLN OXT  O  N N 97  
GLN H    H  N N 98  
GLN H2   H  N N 99  
GLN HA   H  N N 100 
GLN HB2  H  N N 101 
GLN HB3  H  N N 102 
GLN HG2  H  N N 103 
GLN HG3  H  N N 104 
GLN HE21 H  N N 105 
GLN HE22 H  N N 106 
GLN HXT  H  N N 107 
GLU N    N  N N 108 
GLU CA   C  N S 109 
GLU C    C  N N 110 
GLU O    O  N N 111 
GLU CB   C  N N 112 
GLU CG   C  N N 113 
GLU CD   C  N N 114 
GLU OE1  O  N N 115 
GLU OE2  O  N N 116 
GLU OXT  O  N N 117 
GLU H    H  N N 118 
GLU H2   H  N N 119 
GLU HA   H  N N 120 
GLU HB2  H  N N 121 
GLU HB3  H  N N 122 
GLU HG2  H  N N 123 
GLU HG3  H  N N 124 
GLU HE2  H  N N 125 
GLU HXT  H  N N 126 
GLY N    N  N N 127 
GLY CA   C  N N 128 
GLY C    C  N N 129 
GLY O    O  N N 130 
GLY OXT  O  N N 131 
GLY H    H  N N 132 
GLY H2   H  N N 133 
GLY HA2  H  N N 134 
GLY HA3  H  N N 135 
GLY HXT  H  N N 136 
HIS N    N  N N 137 
HIS CA   C  N S 138 
HIS C    C  N N 139 
HIS O    O  N N 140 
HIS CB   C  N N 141 
HIS CG   C  Y N 142 
HIS ND1  N  Y N 143 
HIS CD2  C  Y N 144 
HIS CE1  C  Y N 145 
HIS NE2  N  Y N 146 
HIS OXT  O  N N 147 
HIS H    H  N N 148 
HIS H2   H  N N 149 
HIS HA   H  N N 150 
HIS HB2  H  N N 151 
HIS HB3  H  N N 152 
HIS HD1  H  N N 153 
HIS HD2  H  N N 154 
HIS HE1  H  N N 155 
HIS HE2  H  N N 156 
HIS HXT  H  N N 157 
HOH O    O  N N 158 
HOH H1   H  N N 159 
HOH H2   H  N N 160 
ILE N    N  N N 161 
ILE CA   C  N S 162 
ILE C    C  N N 163 
ILE O    O  N N 164 
ILE CB   C  N S 165 
ILE CG1  C  N N 166 
ILE CG2  C  N N 167 
ILE CD1  C  N N 168 
ILE OXT  O  N N 169 
ILE H    H  N N 170 
ILE H2   H  N N 171 
ILE HA   H  N N 172 
ILE HB   H  N N 173 
ILE HG12 H  N N 174 
ILE HG13 H  N N 175 
ILE HG21 H  N N 176 
ILE HG22 H  N N 177 
ILE HG23 H  N N 178 
ILE HD11 H  N N 179 
ILE HD12 H  N N 180 
ILE HD13 H  N N 181 
ILE HXT  H  N N 182 
LEU N    N  N N 183 
LEU CA   C  N S 184 
LEU C    C  N N 185 
LEU O    O  N N 186 
LEU CB   C  N N 187 
LEU CG   C  N N 188 
LEU CD1  C  N N 189 
LEU CD2  C  N N 190 
LEU OXT  O  N N 191 
LEU H    H  N N 192 
LEU H2   H  N N 193 
LEU HA   H  N N 194 
LEU HB2  H  N N 195 
LEU HB3  H  N N 196 
LEU HG   H  N N 197 
LEU HD11 H  N N 198 
LEU HD12 H  N N 199 
LEU HD13 H  N N 200 
LEU HD21 H  N N 201 
LEU HD22 H  N N 202 
LEU HD23 H  N N 203 
LEU HXT  H  N N 204 
LYS N    N  N N 205 
LYS CA   C  N S 206 
LYS C    C  N N 207 
LYS O    O  N N 208 
LYS CB   C  N N 209 
LYS CG   C  N N 210 
LYS CD   C  N N 211 
LYS CE   C  N N 212 
LYS NZ   N  N N 213 
LYS OXT  O  N N 214 
LYS H    H  N N 215 
LYS H2   H  N N 216 
LYS HA   H  N N 217 
LYS HB2  H  N N 218 
LYS HB3  H  N N 219 
LYS HG2  H  N N 220 
LYS HG3  H  N N 221 
LYS HD2  H  N N 222 
LYS HD3  H  N N 223 
LYS HE2  H  N N 224 
LYS HE3  H  N N 225 
LYS HZ1  H  N N 226 
LYS HZ2  H  N N 227 
LYS HZ3  H  N N 228 
LYS HXT  H  N N 229 
MSE N    N  N N 230 
MSE CA   C  N S 231 
MSE C    C  N N 232 
MSE O    O  N N 233 
MSE OXT  O  N N 234 
MSE CB   C  N N 235 
MSE CG   C  N N 236 
MSE SE   SE N N 237 
MSE CE   C  N N 238 
MSE H    H  N N 239 
MSE H2   H  N N 240 
MSE HA   H  N N 241 
MSE HXT  H  N N 242 
MSE HB2  H  N N 243 
MSE HB3  H  N N 244 
MSE HG2  H  N N 245 
MSE HG3  H  N N 246 
MSE HE1  H  N N 247 
MSE HE2  H  N N 248 
MSE HE3  H  N N 249 
PHE N    N  N N 250 
PHE CA   C  N S 251 
PHE C    C  N N 252 
PHE O    O  N N 253 
PHE CB   C  N N 254 
PHE CG   C  Y N 255 
PHE CD1  C  Y N 256 
PHE CD2  C  Y N 257 
PHE CE1  C  Y N 258 
PHE CE2  C  Y N 259 
PHE CZ   C  Y N 260 
PHE OXT  O  N N 261 
PHE H    H  N N 262 
PHE H2   H  N N 263 
PHE HA   H  N N 264 
PHE HB2  H  N N 265 
PHE HB3  H  N N 266 
PHE HD1  H  N N 267 
PHE HD2  H  N N 268 
PHE HE1  H  N N 269 
PHE HE2  H  N N 270 
PHE HZ   H  N N 271 
PHE HXT  H  N N 272 
PRO N    N  N N 273 
PRO CA   C  N S 274 
PRO C    C  N N 275 
PRO O    O  N N 276 
PRO CB   C  N N 277 
PRO CG   C  N N 278 
PRO CD   C  N N 279 
PRO OXT  O  N N 280 
PRO H    H  N N 281 
PRO HA   H  N N 282 
PRO HB2  H  N N 283 
PRO HB3  H  N N 284 
PRO HG2  H  N N 285 
PRO HG3  H  N N 286 
PRO HD2  H  N N 287 
PRO HD3  H  N N 288 
PRO HXT  H  N N 289 
SER N    N  N N 290 
SER CA   C  N S 291 
SER C    C  N N 292 
SER O    O  N N 293 
SER CB   C  N N 294 
SER OG   O  N N 295 
SER OXT  O  N N 296 
SER H    H  N N 297 
SER H2   H  N N 298 
SER HA   H  N N 299 
SER HB2  H  N N 300 
SER HB3  H  N N 301 
SER HG   H  N N 302 
SER HXT  H  N N 303 
THR N    N  N N 304 
THR CA   C  N S 305 
THR C    C  N N 306 
THR O    O  N N 307 
THR CB   C  N R 308 
THR OG1  O  N N 309 
THR CG2  C  N N 310 
THR OXT  O  N N 311 
THR H    H  N N 312 
THR H2   H  N N 313 
THR HA   H  N N 314 
THR HB   H  N N 315 
THR HG1  H  N N 316 
THR HG21 H  N N 317 
THR HG22 H  N N 318 
THR HG23 H  N N 319 
THR HXT  H  N N 320 
TYR N    N  N N 321 
TYR CA   C  N S 322 
TYR C    C  N N 323 
TYR O    O  N N 324 
TYR CB   C  N N 325 
TYR CG   C  Y N 326 
TYR CD1  C  Y N 327 
TYR CD2  C  Y N 328 
TYR CE1  C  Y N 329 
TYR CE2  C  Y N 330 
TYR CZ   C  Y N 331 
TYR OH   O  N N 332 
TYR OXT  O  N N 333 
TYR H    H  N N 334 
TYR H2   H  N N 335 
TYR HA   H  N N 336 
TYR HB2  H  N N 337 
TYR HB3  H  N N 338 
TYR HD1  H  N N 339 
TYR HD2  H  N N 340 
TYR HE1  H  N N 341 
TYR HE2  H  N N 342 
TYR HH   H  N N 343 
TYR HXT  H  N N 344 
VAL N    N  N N 345 
VAL CA   C  N S 346 
VAL C    C  N N 347 
VAL O    O  N N 348 
VAL CB   C  N N 349 
VAL CG1  C  N N 350 
VAL CG2  C  N N 351 
VAL OXT  O  N N 352 
VAL H    H  N N 353 
VAL H2   H  N N 354 
VAL HA   H  N N 355 
VAL HB   H  N N 356 
VAL HG11 H  N N 357 
VAL HG12 H  N N 358 
VAL HG13 H  N N 359 
VAL HG21 H  N N 360 
VAL HG22 H  N N 361 
VAL HG23 H  N N 362 
VAL HXT  H  N N 363 
# 
loop_
_chem_comp_bond.comp_id 
_chem_comp_bond.atom_id_1 
_chem_comp_bond.atom_id_2 
_chem_comp_bond.value_order 
_chem_comp_bond.pdbx_aromatic_flag 
_chem_comp_bond.pdbx_stereo_config 
_chem_comp_bond.pdbx_ordinal 
ALA N   CA   sing N N 1   
ALA N   H    sing N N 2   
ALA N   H2   sing N N 3   
ALA CA  C    sing N N 4   
ALA CA  CB   sing N N 5   
ALA CA  HA   sing N N 6   
ALA C   O    doub N N 7   
ALA C   OXT  sing N N 8   
ALA CB  HB1  sing N N 9   
ALA CB  HB2  sing N N 10  
ALA CB  HB3  sing N N 11  
ALA OXT HXT  sing N N 12  
ARG N   CA   sing N N 13  
ARG N   H    sing N N 14  
ARG N   H2   sing N N 15  
ARG CA  C    sing N N 16  
ARG CA  CB   sing N N 17  
ARG CA  HA   sing N N 18  
ARG C   O    doub N N 19  
ARG C   OXT  sing N N 20  
ARG CB  CG   sing N N 21  
ARG CB  HB2  sing N N 22  
ARG CB  HB3  sing N N 23  
ARG CG  CD   sing N N 24  
ARG CG  HG2  sing N N 25  
ARG CG  HG3  sing N N 26  
ARG CD  NE   sing N N 27  
ARG CD  HD2  sing N N 28  
ARG CD  HD3  sing N N 29  
ARG NE  CZ   sing N N 30  
ARG NE  HE   sing N N 31  
ARG CZ  NH1  sing N N 32  
ARG CZ  NH2  doub N N 33  
ARG NH1 HH11 sing N N 34  
ARG NH1 HH12 sing N N 35  
ARG NH2 HH21 sing N N 36  
ARG NH2 HH22 sing N N 37  
ARG OXT HXT  sing N N 38  
ASN N   CA   sing N N 39  
ASN N   H    sing N N 40  
ASN N   H2   sing N N 41  
ASN CA  C    sing N N 42  
ASN CA  CB   sing N N 43  
ASN CA  HA   sing N N 44  
ASN C   O    doub N N 45  
ASN C   OXT  sing N N 46  
ASN CB  CG   sing N N 47  
ASN CB  HB2  sing N N 48  
ASN CB  HB3  sing N N 49  
ASN CG  OD1  doub N N 50  
ASN CG  ND2  sing N N 51  
ASN ND2 HD21 sing N N 52  
ASN ND2 HD22 sing N N 53  
ASN OXT HXT  sing N N 54  
ASP N   CA   sing N N 55  
ASP N   H    sing N N 56  
ASP N   H2   sing N N 57  
ASP CA  C    sing N N 58  
ASP CA  CB   sing N N 59  
ASP CA  HA   sing N N 60  
ASP C   O    doub N N 61  
ASP C   OXT  sing N N 62  
ASP CB  CG   sing N N 63  
ASP CB  HB2  sing N N 64  
ASP CB  HB3  sing N N 65  
ASP CG  OD1  doub N N 66  
ASP CG  OD2  sing N N 67  
ASP OD2 HD2  sing N N 68  
ASP OXT HXT  sing N N 69  
CYS N   CA   sing N N 70  
CYS N   H    sing N N 71  
CYS N   H2   sing N N 72  
CYS CA  C    sing N N 73  
CYS CA  CB   sing N N 74  
CYS CA  HA   sing N N 75  
CYS C   O    doub N N 76  
CYS C   OXT  sing N N 77  
CYS CB  SG   sing N N 78  
CYS CB  HB2  sing N N 79  
CYS CB  HB3  sing N N 80  
CYS SG  HG   sing N N 81  
CYS OXT HXT  sing N N 82  
GLN N   CA   sing N N 83  
GLN N   H    sing N N 84  
GLN N   H2   sing N N 85  
GLN CA  C    sing N N 86  
GLN CA  CB   sing N N 87  
GLN CA  HA   sing N N 88  
GLN C   O    doub N N 89  
GLN C   OXT  sing N N 90  
GLN CB  CG   sing N N 91  
GLN CB  HB2  sing N N 92  
GLN CB  HB3  sing N N 93  
GLN CG  CD   sing N N 94  
GLN CG  HG2  sing N N 95  
GLN CG  HG3  sing N N 96  
GLN CD  OE1  doub N N 97  
GLN CD  NE2  sing N N 98  
GLN NE2 HE21 sing N N 99  
GLN NE2 HE22 sing N N 100 
GLN OXT HXT  sing N N 101 
GLU N   CA   sing N N 102 
GLU N   H    sing N N 103 
GLU N   H2   sing N N 104 
GLU CA  C    sing N N 105 
GLU CA  CB   sing N N 106 
GLU CA  HA   sing N N 107 
GLU C   O    doub N N 108 
GLU C   OXT  sing N N 109 
GLU CB  CG   sing N N 110 
GLU CB  HB2  sing N N 111 
GLU CB  HB3  sing N N 112 
GLU CG  CD   sing N N 113 
GLU CG  HG2  sing N N 114 
GLU CG  HG3  sing N N 115 
GLU CD  OE1  doub N N 116 
GLU CD  OE2  sing N N 117 
GLU OE2 HE2  sing N N 118 
GLU OXT HXT  sing N N 119 
GLY N   CA   sing N N 120 
GLY N   H    sing N N 121 
GLY N   H2   sing N N 122 
GLY CA  C    sing N N 123 
GLY CA  HA2  sing N N 124 
GLY CA  HA3  sing N N 125 
GLY C   O    doub N N 126 
GLY C   OXT  sing N N 127 
GLY OXT HXT  sing N N 128 
HIS N   CA   sing N N 129 
HIS N   H    sing N N 130 
HIS N   H2   sing N N 131 
HIS CA  C    sing N N 132 
HIS CA  CB   sing N N 133 
HIS CA  HA   sing N N 134 
HIS C   O    doub N N 135 
HIS C   OXT  sing N N 136 
HIS CB  CG   sing N N 137 
HIS CB  HB2  sing N N 138 
HIS CB  HB3  sing N N 139 
HIS CG  ND1  sing Y N 140 
HIS CG  CD2  doub Y N 141 
HIS ND1 CE1  doub Y N 142 
HIS ND1 HD1  sing N N 143 
HIS CD2 NE2  sing Y N 144 
HIS CD2 HD2  sing N N 145 
HIS CE1 NE2  sing Y N 146 
HIS CE1 HE1  sing N N 147 
HIS NE2 HE2  sing N N 148 
HIS OXT HXT  sing N N 149 
HOH O   H1   sing N N 150 
HOH O   H2   sing N N 151 
ILE N   CA   sing N N 152 
ILE N   H    sing N N 153 
ILE N   H2   sing N N 154 
ILE CA  C    sing N N 155 
ILE CA  CB   sing N N 156 
ILE CA  HA   sing N N 157 
ILE C   O    doub N N 158 
ILE C   OXT  sing N N 159 
ILE CB  CG1  sing N N 160 
ILE CB  CG2  sing N N 161 
ILE CB  HB   sing N N 162 
ILE CG1 CD1  sing N N 163 
ILE CG1 HG12 sing N N 164 
ILE CG1 HG13 sing N N 165 
ILE CG2 HG21 sing N N 166 
ILE CG2 HG22 sing N N 167 
ILE CG2 HG23 sing N N 168 
ILE CD1 HD11 sing N N 169 
ILE CD1 HD12 sing N N 170 
ILE CD1 HD13 sing N N 171 
ILE OXT HXT  sing N N 172 
LEU N   CA   sing N N 173 
LEU N   H    sing N N 174 
LEU N   H2   sing N N 175 
LEU CA  C    sing N N 176 
LEU CA  CB   sing N N 177 
LEU CA  HA   sing N N 178 
LEU C   O    doub N N 179 
LEU C   OXT  sing N N 180 
LEU CB  CG   sing N N 181 
LEU CB  HB2  sing N N 182 
LEU CB  HB3  sing N N 183 
LEU CG  CD1  sing N N 184 
LEU CG  CD2  sing N N 185 
LEU CG  HG   sing N N 186 
LEU CD1 HD11 sing N N 187 
LEU CD1 HD12 sing N N 188 
LEU CD1 HD13 sing N N 189 
LEU CD2 HD21 sing N N 190 
LEU CD2 HD22 sing N N 191 
LEU CD2 HD23 sing N N 192 
LEU OXT HXT  sing N N 193 
LYS N   CA   sing N N 194 
LYS N   H    sing N N 195 
LYS N   H2   sing N N 196 
LYS CA  C    sing N N 197 
LYS CA  CB   sing N N 198 
LYS CA  HA   sing N N 199 
LYS C   O    doub N N 200 
LYS C   OXT  sing N N 201 
LYS CB  CG   sing N N 202 
LYS CB  HB2  sing N N 203 
LYS CB  HB3  sing N N 204 
LYS CG  CD   sing N N 205 
LYS CG  HG2  sing N N 206 
LYS CG  HG3  sing N N 207 
LYS CD  CE   sing N N 208 
LYS CD  HD2  sing N N 209 
LYS CD  HD3  sing N N 210 
LYS CE  NZ   sing N N 211 
LYS CE  HE2  sing N N 212 
LYS CE  HE3  sing N N 213 
LYS NZ  HZ1  sing N N 214 
LYS NZ  HZ2  sing N N 215 
LYS NZ  HZ3  sing N N 216 
LYS OXT HXT  sing N N 217 
MSE N   CA   sing N N 218 
MSE N   H    sing N N 219 
MSE N   H2   sing N N 220 
MSE CA  C    sing N N 221 
MSE CA  CB   sing N N 222 
MSE CA  HA   sing N N 223 
MSE C   O    doub N N 224 
MSE C   OXT  sing N N 225 
MSE OXT HXT  sing N N 226 
MSE CB  CG   sing N N 227 
MSE CB  HB2  sing N N 228 
MSE CB  HB3  sing N N 229 
MSE CG  SE   sing N N 230 
MSE CG  HG2  sing N N 231 
MSE CG  HG3  sing N N 232 
MSE SE  CE   sing N N 233 
MSE CE  HE1  sing N N 234 
MSE CE  HE2  sing N N 235 
MSE CE  HE3  sing N N 236 
PHE N   CA   sing N N 237 
PHE N   H    sing N N 238 
PHE N   H2   sing N N 239 
PHE CA  C    sing N N 240 
PHE CA  CB   sing N N 241 
PHE CA  HA   sing N N 242 
PHE C   O    doub N N 243 
PHE C   OXT  sing N N 244 
PHE CB  CG   sing N N 245 
PHE CB  HB2  sing N N 246 
PHE CB  HB3  sing N N 247 
PHE CG  CD1  doub Y N 248 
PHE CG  CD2  sing Y N 249 
PHE CD1 CE1  sing Y N 250 
PHE CD1 HD1  sing N N 251 
PHE CD2 CE2  doub Y N 252 
PHE CD2 HD2  sing N N 253 
PHE CE1 CZ   doub Y N 254 
PHE CE1 HE1  sing N N 255 
PHE CE2 CZ   sing Y N 256 
PHE CE2 HE2  sing N N 257 
PHE CZ  HZ   sing N N 258 
PHE OXT HXT  sing N N 259 
PRO N   CA   sing N N 260 
PRO N   CD   sing N N 261 
PRO N   H    sing N N 262 
PRO CA  C    sing N N 263 
PRO CA  CB   sing N N 264 
PRO CA  HA   sing N N 265 
PRO C   O    doub N N 266 
PRO C   OXT  sing N N 267 
PRO CB  CG   sing N N 268 
PRO CB  HB2  sing N N 269 
PRO CB  HB3  sing N N 270 
PRO CG  CD   sing N N 271 
PRO CG  HG2  sing N N 272 
PRO CG  HG3  sing N N 273 
PRO CD  HD2  sing N N 274 
PRO CD  HD3  sing N N 275 
PRO OXT HXT  sing N N 276 
SER N   CA   sing N N 277 
SER N   H    sing N N 278 
SER N   H2   sing N N 279 
SER CA  C    sing N N 280 
SER CA  CB   sing N N 281 
SER CA  HA   sing N N 282 
SER C   O    doub N N 283 
SER C   OXT  sing N N 284 
SER CB  OG   sing N N 285 
SER CB  HB2  sing N N 286 
SER CB  HB3  sing N N 287 
SER OG  HG   sing N N 288 
SER OXT HXT  sing N N 289 
THR N   CA   sing N N 290 
THR N   H    sing N N 291 
THR N   H2   sing N N 292 
THR CA  C    sing N N 293 
THR CA  CB   sing N N 294 
THR CA  HA   sing N N 295 
THR C   O    doub N N 296 
THR C   OXT  sing N N 297 
THR CB  OG1  sing N N 298 
THR CB  CG2  sing N N 299 
THR CB  HB   sing N N 300 
THR OG1 HG1  sing N N 301 
THR CG2 HG21 sing N N 302 
THR CG2 HG22 sing N N 303 
THR CG2 HG23 sing N N 304 
THR OXT HXT  sing N N 305 
TYR N   CA   sing N N 306 
TYR N   H    sing N N 307 
TYR N   H2   sing N N 308 
TYR CA  C    sing N N 309 
TYR CA  CB   sing N N 310 
TYR CA  HA   sing N N 311 
TYR C   O    doub N N 312 
TYR C   OXT  sing N N 313 
TYR CB  CG   sing N N 314 
TYR CB  HB2  sing N N 315 
TYR CB  HB3  sing N N 316 
TYR CG  CD1  doub Y N 317 
TYR CG  CD2  sing Y N 318 
TYR CD1 CE1  sing Y N 319 
TYR CD1 HD1  sing N N 320 
TYR CD2 CE2  doub Y N 321 
TYR CD2 HD2  sing N N 322 
TYR CE1 CZ   doub Y N 323 
TYR CE1 HE1  sing N N 324 
TYR CE2 CZ   sing Y N 325 
TYR CE2 HE2  sing N N 326 
TYR CZ  OH   sing N N 327 
TYR OH  HH   sing N N 328 
TYR OXT HXT  sing N N 329 
VAL N   CA   sing N N 330 
VAL N   H    sing N N 331 
VAL N   H2   sing N N 332 
VAL CA  C    sing N N 333 
VAL CA  CB   sing N N 334 
VAL CA  HA   sing N N 335 
VAL C   O    doub N N 336 
VAL C   OXT  sing N N 337 
VAL CB  CG1  sing N N 338 
VAL CB  CG2  sing N N 339 
VAL CB  HB   sing N N 340 
VAL CG1 HG11 sing N N 341 
VAL CG1 HG12 sing N N 342 
VAL CG1 HG13 sing N N 343 
VAL CG2 HG21 sing N N 344 
VAL CG2 HG22 sing N N 345 
VAL CG2 HG23 sing N N 346 
VAL OXT HXT  sing N N 347 
# 
_atom_sites.entry_id                    3LUA 
_atom_sites.fract_transf_matrix[1][1]   0.00854616 
_atom_sites.fract_transf_matrix[1][2]   0.00519399 
_atom_sites.fract_transf_matrix[1][3]   0.00711034 
_atom_sites.fract_transf_matrix[2][1]   -0.00000268 
_atom_sites.fract_transf_matrix[2][2]   0.01215053 
_atom_sites.fract_transf_matrix[2][3]   0.00171522 
_atom_sites.fract_transf_matrix[3][1]   -0.00873708 
_atom_sites.fract_transf_matrix[3][2]   -0.00165500 
_atom_sites.fract_transf_matrix[3][3]   0.01171034 
_atom_sites.fract_transf_vector[1]      0.761030 
_atom_sites.fract_transf_vector[2]      0.576232 
_atom_sites.fract_transf_vector[3]      -0.034106 
# 
loop_
_atom_type.symbol 
C  
N  
O  
SE 
# 
loop_
_atom_site.group_PDB 
_atom_site.id 
_atom_site.type_symbol 
_atom_site.label_atom_id 
_atom_site.label_alt_id 
_atom_site.label_comp_id 
_atom_site.label_asym_id 
_atom_site.label_entity_id 
_atom_site.label_seq_id 
_atom_site.pdbx_PDB_ins_code 
_atom_site.Cartn_x 
_atom_site.Cartn_y 
_atom_site.Cartn_z 
_atom_site.occupancy 
_atom_site.B_iso_or_equiv 
_atom_site.pdbx_formal_charge 
_atom_site.auth_seq_id 
_atom_site.auth_comp_id 
_atom_site.auth_asym_id 
_atom_site.auth_atom_id 
_atom_site.pdbx_PDB_model_num 
ATOM   1    N  N   . LEU A 1 3   ? -0.298  -3.872  20.183  1.00 58.62 ? -1  LEU A N   1 
ATOM   2    C  CA  . LEU A 1 3   ? -0.441  -4.236  18.735  1.00 58.20 ? -1  LEU A CA  1 
ATOM   3    C  C   . LEU A 1 3   ? -1.753  -3.680  18.239  1.00 57.80 ? -1  LEU A C   1 
ATOM   4    O  O   . LEU A 1 3   ? -2.745  -4.407  18.179  1.00 57.65 ? -1  LEU A O   1 
ATOM   5    C  CB  . LEU A 1 3   ? -0.460  -5.759  18.542  1.00 58.70 ? -1  LEU A CB  1 
ATOM   6    C  CG  . LEU A 1 3   ? -0.257  -6.278  17.108  1.00 58.79 ? -1  LEU A CG  1 
ATOM   7    C  CD1 . LEU A 1 3   ? -0.566  -7.794  17.057  1.00 58.56 ? -1  LEU A CD1 1 
ATOM   8    C  CD2 . LEU A 1 3   ? -1.172  -5.512  16.138  1.00 58.52 ? -1  LEU A CD2 1 
ATOM   9    N  N   . ASP A 1 4   ? -1.773  -2.399  17.886  1.00 57.62 ? 2   ASP A N   1 
ATOM   10   C  CA  . ASP A 1 4   ? -3.006  -1.816  17.400  1.00 57.20 ? 2   ASP A CA  1 
ATOM   11   C  C   . ASP A 1 4   ? -3.023  -1.623  15.870  1.00 57.20 ? 2   ASP A C   1 
ATOM   12   O  O   . ASP A 1 4   ? -3.302  -0.529  15.367  1.00 57.38 ? 2   ASP A O   1 
ATOM   13   C  CB  . ASP A 1 4   ? -3.322  -0.511  18.174  1.00 58.04 ? 2   ASP A CB  1 
ATOM   14   C  CG  . ASP A 1 4   ? -2.450  0.673   17.759  1.00 58.83 ? 2   ASP A CG  1 
ATOM   15   O  OD1 . ASP A 1 4   ? -2.808  1.318   16.746  1.00 60.06 ? 2   ASP A OD1 1 
ATOM   16   O  OD2 . ASP A 1 4   ? -1.421  0.973   18.436  1.00 57.90 ? 2   ASP A OD2 1 
ATOM   17   N  N   . GLY A 1 5   ? -2.735  -2.705  15.135  1.00 56.36 ? 3   GLY A N   1 
ATOM   18   C  CA  . GLY A 1 5   ? -2.756  -2.647  13.679  1.00 54.04 ? 3   GLY A CA  1 
ATOM   19   C  C   . GLY A 1 5   ? -1.685  -3.403  12.893  1.00 52.51 ? 3   GLY A C   1 
ATOM   20   O  O   . GLY A 1 5   ? -0.506  -3.394  13.253  1.00 52.57 ? 3   GLY A O   1 
ATOM   21   N  N   . THR A 1 6   ? -2.108  -4.055  11.810  1.00 49.98 ? 4   THR A N   1 
ATOM   22   C  CA  . THR A 1 6   ? -1.213  -4.795  10.918  1.00 48.88 ? 4   THR A CA  1 
ATOM   23   C  C   . THR A 1 6   ? -1.226  -4.108  9.554   1.00 47.23 ? 4   THR A C   1 
ATOM   24   O  O   . THR A 1 6   ? -2.284  -3.944  8.937   1.00 47.38 ? 4   THR A O   1 
ATOM   25   C  CB  . THR A 1 6   ? -1.663  -6.267  10.724  1.00 49.39 ? 4   THR A CB  1 
ATOM   26   O  OG1 . THR A 1 6   ? -1.293  -7.040  11.873  1.00 51.08 ? 4   THR A OG1 1 
ATOM   27   C  CG2 . THR A 1 6   ? -1.012  -6.870  9.487   1.00 49.67 ? 4   THR A CG2 1 
ATOM   28   N  N   . VAL A 1 7   ? -0.056  -3.698  9.083   1.00 43.77 ? 5   VAL A N   1 
ATOM   29   C  CA  . VAL A 1 7   ? 0.024   -3.025  7.797   1.00 41.94 ? 5   VAL A CA  1 
ATOM   30   C  C   . VAL A 1 7   ? 0.761   -3.871  6.767   1.00 41.36 ? 5   VAL A C   1 
ATOM   31   O  O   . VAL A 1 7   ? 1.729   -4.562  7.089   1.00 42.17 ? 5   VAL A O   1 
ATOM   32   C  CB  . VAL A 1 7   ? 0.730   -1.668  7.921   1.00 41.96 ? 5   VAL A CB  1 
ATOM   33   C  CG1 . VAL A 1 7   ? 0.792   -1.005  6.561   1.00 43.40 ? 5   VAL A CG1 1 
ATOM   34   C  CG2 . VAL A 1 7   ? -0.005  -0.777  8.919   1.00 38.99 ? 5   VAL A CG2 1 
ATOM   35   N  N   . LEU A 1 8   ? 0.282   -3.826  5.529   1.00 39.29 ? 6   LEU A N   1 
ATOM   36   C  CA  . LEU A 1 8   ? 0.900   -4.579  4.447   1.00 37.40 ? 6   LEU A CA  1 
ATOM   37   C  C   . LEU A 1 8   ? 1.621   -3.611  3.514   1.00 36.27 ? 6   LEU A C   1 
ATOM   38   O  O   . LEU A 1 8   ? 0.994   -2.750  2.904   1.00 35.34 ? 6   LEU A O   1 
ATOM   39   C  CB  . LEU A 1 8   ? -0.156  -5.351  3.656   1.00 35.42 ? 6   LEU A CB  1 
ATOM   40   C  CG  . LEU A 1 8   ? 0.410   -6.314  2.610   1.00 35.84 ? 6   LEU A CG  1 
ATOM   41   C  CD1 . LEU A 1 8   ? 1.096   -7.497  3.303   1.00 35.46 ? 6   LEU A CD1 1 
ATOM   42   C  CD2 . LEU A 1 8   ? -0.708  -6.794  1.712   1.00 33.17 ? 6   LEU A CD2 1 
ATOM   43   N  N   . LEU A 1 9   ? 2.940   -3.763  3.426   1.00 34.72 ? 7   LEU A N   1 
ATOM   44   C  CA  . LEU A 1 9   ? 3.791   -2.930  2.586   1.00 32.95 ? 7   LEU A CA  1 
ATOM   45   C  C   . LEU A 1 9   ? 4.158   -3.675  1.304   1.00 32.09 ? 7   LEU A C   1 
ATOM   46   O  O   . LEU A 1 9   ? 4.897   -4.667  1.333   1.00 32.78 ? 7   LEU A O   1 
ATOM   47   C  CB  . LEU A 1 9   ? 5.069   -2.561  3.340   1.00 32.22 ? 7   LEU A CB  1 
ATOM   48   C  CG  . LEU A 1 9   ? 5.126   -1.354  4.285   1.00 34.58 ? 7   LEU A CG  1 
ATOM   49   C  CD1 . LEU A 1 9   ? 3.737   -0.835  4.668   1.00 33.67 ? 7   LEU A CD1 1 
ATOM   50   C  CD2 . LEU A 1 9   ? 5.924   -1.779  5.508   1.00 33.43 ? 7   LEU A CD2 1 
ATOM   51   N  N   . ILE A 1 10  ? 3.636   -3.188  0.185   1.00 29.51 ? 8   ILE A N   1 
ATOM   52   C  CA  . ILE A 1 10  ? 3.884   -3.792  -1.121  1.00 28.93 ? 8   ILE A CA  1 
ATOM   53   C  C   . ILE A 1 10  ? 4.802   -2.847  -1.872  1.00 28.56 ? 8   ILE A C   1 
ATOM   54   O  O   . ILE A 1 10  ? 4.360   -1.835  -2.402  1.00 30.45 ? 8   ILE A O   1 
ATOM   55   C  CB  . ILE A 1 10  ? 2.558   -3.976  -1.881  1.00 28.70 ? 8   ILE A CB  1 
ATOM   56   C  CG1 . ILE A 1 10  ? 1.635   -4.887  -1.057  1.00 26.54 ? 8   ILE A CG1 1 
ATOM   57   C  CG2 . ILE A 1 10  ? 2.815   -4.535  -3.277  1.00 25.87 ? 8   ILE A CG2 1 
ATOM   58   C  CD1 . ILE A 1 10  ? 0.257   -5.099  -1.653  1.00 26.83 ? 8   ILE A CD1 1 
ATOM   59   N  N   . ASP A 1 11  ? 6.085   -3.173  -1.906  1.00 27.87 ? 9   ASP A N   1 
ATOM   60   C  CA  . ASP A 1 11  ? 7.052   -2.305  -2.555  1.00 28.45 ? 9   ASP A CA  1 
ATOM   61   C  C   . ASP A 1 11  ? 8.348   -3.070  -2.753  1.00 27.37 ? 9   ASP A C   1 
ATOM   62   O  O   . ASP A 1 11  ? 8.839   -3.710  -1.829  1.00 28.94 ? 9   ASP A O   1 
ATOM   63   C  CB  . ASP A 1 11  ? 7.279   -1.063  -1.671  1.00 30.17 ? 9   ASP A CB  1 
ATOM   64   C  CG  . ASP A 1 11  ? 8.149   -0.007  -2.333  1.00 31.50 ? 9   ASP A CG  1 
ATOM   65   O  OD1 . ASP A 1 11  ? 7.875   1.193   -2.120  1.00 33.80 ? 9   ASP A OD1 1 
ATOM   66   O  OD2 . ASP A 1 11  ? 9.110   -0.358  -3.047  1.00 34.40 ? 9   ASP A OD2 1 
ATOM   67   N  N   . TYR A 1 12  ? 8.882   -2.991  -3.969  1.00 25.61 ? 10  TYR A N   1 
ATOM   68   C  CA  . TYR A 1 12  ? 10.121  -3.659  -4.370  1.00 25.04 ? 10  TYR A CA  1 
ATOM   69   C  C   . TYR A 1 12  ? 11.384  -3.156  -3.675  1.00 25.96 ? 10  TYR A C   1 
ATOM   70   O  O   . TYR A 1 12  ? 12.359  -3.899  -3.517  1.00 23.67 ? 10  TYR A O   1 
ATOM   71   C  CB  . TYR A 1 12  ? 10.309  -3.500  -5.884  1.00 24.25 ? 10  TYR A CB  1 
ATOM   72   C  CG  . TYR A 1 12  ? 9.775   -4.655  -6.702  1.00 26.21 ? 10  TYR A CG  1 
ATOM   73   C  CD1 . TYR A 1 12  ? 10.633  -5.647  -7.175  1.00 24.94 ? 10  TYR A CD1 1 
ATOM   74   C  CD2 . TYR A 1 12  ? 8.405   -4.780  -6.965  1.00 25.60 ? 10  TYR A CD2 1 
ATOM   75   C  CE1 . TYR A 1 12  ? 10.145  -6.741  -7.888  1.00 27.07 ? 10  TYR A CE1 1 
ATOM   76   C  CE2 . TYR A 1 12  ? 7.901   -5.874  -7.669  1.00 26.00 ? 10  TYR A CE2 1 
ATOM   77   C  CZ  . TYR A 1 12  ? 8.779   -6.852  -8.127  1.00 26.60 ? 10  TYR A CZ  1 
ATOM   78   O  OH  . TYR A 1 12  ? 8.296   -7.956  -8.784  1.00 25.29 ? 10  TYR A OH  1 
ATOM   79   N  N   . PHE A 1 13  ? 11.355  -1.888  -3.276  1.00 26.45 ? 11  PHE A N   1 
ATOM   80   C  CA  . PHE A 1 13  ? 12.492  -1.216  -2.652  1.00 27.38 ? 11  PHE A CA  1 
ATOM   81   C  C   . PHE A 1 13  ? 12.522  -1.338  -1.142  1.00 28.18 ? 11  PHE A C   1 
ATOM   82   O  O   . PHE A 1 13  ? 11.698  -0.739  -0.452  1.00 29.77 ? 11  PHE A O   1 
ATOM   83   C  CB  . PHE A 1 13  ? 12.464  0.258   -3.056  1.00 25.11 ? 11  PHE A CB  1 
ATOM   84   C  CG  . PHE A 1 13  ? 12.535  0.473   -4.539  1.00 24.19 ? 11  PHE A CG  1 
ATOM   85   C  CD1 . PHE A 1 13  ? 13.759  0.694   -5.164  1.00 23.90 ? 11  PHE A CD1 1 
ATOM   86   C  CD2 . PHE A 1 13  ? 11.382  0.435   -5.315  1.00 22.83 ? 11  PHE A CD2 1 
ATOM   87   C  CE1 . PHE A 1 13  ? 13.844  0.876   -6.543  1.00 23.25 ? 11  PHE A CE1 1 
ATOM   88   C  CE2 . PHE A 1 13  ? 11.447  0.616   -6.703  1.00 24.62 ? 11  PHE A CE2 1 
ATOM   89   C  CZ  . PHE A 1 13  ? 12.684  0.839   -7.322  1.00 23.77 ? 11  PHE A CZ  1 
ATOM   90   N  N   . GLU A 1 14  ? 13.488  -2.090  -0.627  1.00 29.58 ? 12  GLU A N   1 
ATOM   91   C  CA  . GLU A 1 14  ? 13.584  -2.280  0.814   1.00 31.63 ? 12  GLU A CA  1 
ATOM   92   C  C   . GLU A 1 14  ? 13.724  -0.974  1.589   1.00 30.46 ? 12  GLU A C   1 
ATOM   93   O  O   . GLU A 1 14  ? 13.095  -0.794  2.632   1.00 29.51 ? 12  GLU A O   1 
ATOM   94   C  CB  . GLU A 1 14  ? 14.742  -3.210  1.166   1.00 34.33 ? 12  GLU A CB  1 
ATOM   95   C  CG  . GLU A 1 14  ? 14.921  -3.360  2.672   1.00 41.40 ? 12  GLU A CG  1 
ATOM   96   C  CD  . GLU A 1 14  ? 15.955  -4.403  3.048   1.00 45.81 ? 12  GLU A CD  1 
ATOM   97   O  OE1 . GLU A 1 14  ? 17.120  -4.281  2.607   1.00 48.85 ? 12  GLU A OE1 1 
ATOM   98   O  OE2 . GLU A 1 14  ? 15.599  -5.346  3.790   1.00 49.28 ? 12  GLU A OE2 1 
ATOM   99   N  N   . TYR A 1 15  ? 14.538  -0.056  1.087   1.00 30.05 ? 13  TYR A N   1 
ATOM   100  C  CA  . TYR A 1 15  ? 14.708  1.209   1.784   1.00 31.85 ? 13  TYR A CA  1 
ATOM   101  C  C   . TYR A 1 15  ? 13.419  2.027   1.836   1.00 33.63 ? 13  TYR A C   1 
ATOM   102  O  O   . TYR A 1 15  ? 13.213  2.795   2.777   1.00 34.70 ? 13  TYR A O   1 
ATOM   103  C  CB  . TYR A 1 15  ? 15.854  2.025   1.175   1.00 30.59 ? 13  TYR A CB  1 
ATOM   104  C  CG  . TYR A 1 15  ? 15.677  2.472   -0.254  1.00 33.13 ? 13  TYR A CG  1 
ATOM   105  C  CD1 . TYR A 1 15  ? 14.790  3.504   -0.586  1.00 33.24 ? 13  TYR A CD1 1 
ATOM   106  C  CD2 . TYR A 1 15  ? 16.438  1.906   -1.275  1.00 33.23 ? 13  TYR A CD2 1 
ATOM   107  C  CE1 . TYR A 1 15  ? 14.676  3.958   -1.897  1.00 33.47 ? 13  TYR A CE1 1 
ATOM   108  C  CE2 . TYR A 1 15  ? 16.328  2.361   -2.596  1.00 33.57 ? 13  TYR A CE2 1 
ATOM   109  C  CZ  . TYR A 1 15  ? 15.449  3.382   -2.892  1.00 33.10 ? 13  TYR A CZ  1 
ATOM   110  O  OH  . TYR A 1 15  ? 15.352  3.835   -4.182  1.00 35.65 ? 13  TYR A OH  1 
ATOM   111  N  N   . GLU A 1 16  ? 12.548  1.876   0.840   1.00 34.17 ? 14  GLU A N   1 
ATOM   112  C  CA  . GLU A 1 16  ? 11.292  2.608   0.888   1.00 34.05 ? 14  GLU A CA  1 
ATOM   113  C  C   . GLU A 1 16  ? 10.425  1.976   1.967   1.00 34.09 ? 14  GLU A C   1 
ATOM   114  O  O   . GLU A 1 16  ? 9.749   2.678   2.717   1.00 35.03 ? 14  GLU A O   1 
ATOM   115  C  CB  . GLU A 1 16  ? 10.572  2.568   -0.462  1.00 34.07 ? 14  GLU A CB  1 
ATOM   116  C  CG  . GLU A 1 16  ? 11.176  3.515   -1.483  1.00 37.45 ? 14  GLU A CG  1 
ATOM   117  C  CD  . GLU A 1 16  ? 11.145  4.969   -1.021  1.00 38.59 ? 14  GLU A CD  1 
ATOM   118  O  OE1 . GLU A 1 16  ? 12.017  5.742   -1.461  1.00 39.91 ? 14  GLU A OE1 1 
ATOM   119  O  OE2 . GLU A 1 16  ? 10.250  5.344   -0.228  1.00 39.32 ? 14  GLU A OE2 1 
ATOM   120  N  N   . ARG A 1 17  ? 10.453  0.651   2.059   1.00 32.98 ? 15  ARG A N   1 
ATOM   121  C  CA  . ARG A 1 17  ? 9.654   -0.028  3.070   1.00 34.18 ? 15  ARG A CA  1 
ATOM   122  C  C   . ARG A 1 17  ? 10.122  0.355   4.486   1.00 35.22 ? 15  ARG A C   1 
ATOM   123  O  O   . ARG A 1 17  ? 9.303   0.609   5.376   1.00 31.95 ? 15  ARG A O   1 
ATOM   124  C  CB  . ARG A 1 17  ? 9.729   -1.548  2.878   1.00 32.63 ? 15  ARG A CB  1 
ATOM   125  C  CG  . ARG A 1 17  ? 9.165   -2.045  1.543   1.00 33.58 ? 15  ARG A CG  1 
ATOM   126  C  CD  . ARG A 1 17  ? 8.774   -3.530  1.607   1.00 32.04 ? 15  ARG A CD  1 
ATOM   127  N  NE  . ARG A 1 17  ? 9.908   -4.393  1.916   1.00 30.68 ? 15  ARG A NE  1 
ATOM   128  C  CZ  . ARG A 1 17  ? 10.849  -4.730  1.042   1.00 32.24 ? 15  ARG A CZ  1 
ATOM   129  N  NH1 . ARG A 1 17  ? 10.787  -4.289  -0.207  1.00 29.33 ? 15  ARG A NH1 1 
ATOM   130  N  NH2 . ARG A 1 17  ? 11.876  -5.475  1.425   1.00 32.05 ? 15  ARG A NH2 1 
ATOM   131  N  N   . GLU A 1 18  ? 11.439  0.395   4.685   1.00 37.48 ? 16  GLU A N   1 
ATOM   132  C  CA  . GLU A 1 18  ? 12.002  0.756   5.980   1.00 40.77 ? 16  GLU A CA  1 
ATOM   133  C  C   . GLU A 1 18  ? 11.608  2.197   6.321   1.00 40.46 ? 16  GLU A C   1 
ATOM   134  O  O   . GLU A 1 18  ? 11.212  2.502   7.446   1.00 39.33 ? 16  GLU A O   1 
ATOM   135  C  CB  . GLU A 1 18  ? 13.526  0.622   5.949   1.00 44.20 ? 16  GLU A CB  1 
ATOM   136  C  CG  . GLU A 1 18  ? 14.103  -0.373  6.969   1.00 53.98 ? 16  GLU A CG  1 
ATOM   137  C  CD  . GLU A 1 18  ? 13.608  -1.813  6.772   1.00 59.76 ? 16  GLU A CD  1 
ATOM   138  O  OE1 . GLU A 1 18  ? 12.420  -2.089  7.047   1.00 62.03 ? 16  GLU A OE1 1 
ATOM   139  O  OE2 . GLU A 1 18  ? 14.409  -2.675  6.337   1.00 62.36 ? 16  GLU A OE2 1 
ATOM   140  N  N   . LYS A 1 19  ? 11.702  3.073   5.332   1.00 40.32 ? 17  LYS A N   1 
ATOM   141  C  CA  . LYS A 1 19  ? 11.347  4.468   5.512   1.00 41.01 ? 17  LYS A CA  1 
ATOM   142  C  C   . LYS A 1 19  ? 9.887   4.567   5.951   1.00 41.23 ? 17  LYS A C   1 
ATOM   143  O  O   . LYS A 1 19  ? 9.538   5.363   6.829   1.00 41.77 ? 17  LYS A O   1 
ATOM   144  C  CB  . LYS A 1 19  ? 11.553  5.209   4.197   1.00 42.96 ? 17  LYS A CB  1 
ATOM   145  C  CG  . LYS A 1 19  ? 11.600  6.710   4.305   1.00 45.21 ? 17  LYS A CG  1 
ATOM   146  C  CD  . LYS A 1 19  ? 11.941  7.341   2.951   1.00 48.28 ? 17  LYS A CD  1 
ATOM   147  C  CE  . LYS A 1 19  ? 13.298  6.862   2.415   1.00 49.62 ? 17  LYS A CE  1 
ATOM   148  N  NZ  . LYS A 1 19  ? 13.589  7.409   1.050   1.00 49.39 ? 17  LYS A NZ  1 
ATOM   149  N  N   . THR A 1 20  ? 9.032   3.754   5.340   1.00 39.05 ? 18  THR A N   1 
ATOM   150  C  CA  . THR A 1 20  ? 7.613   3.758   5.679   1.00 38.46 ? 18  THR A CA  1 
ATOM   151  C  C   . THR A 1 20  ? 7.333   3.248   7.101   1.00 39.12 ? 18  THR A C   1 
ATOM   152  O  O   . THR A 1 20  ? 6.506   3.810   7.815   1.00 39.44 ? 18  THR A O   1 
ATOM   153  C  CB  . THR A 1 20  ? 6.796   2.909   4.681   1.00 36.23 ? 18  THR A CB  1 
ATOM   154  O  OG1 . THR A 1 20  ? 6.989   3.419   3.358   1.00 34.76 ? 18  THR A OG1 1 
ATOM   155  C  CG2 . THR A 1 20  ? 5.323   2.961   5.026   1.00 34.32 ? 18  THR A CG2 1 
ATOM   156  N  N   . LYS A 1 21  ? 8.004   2.179   7.512   1.00 40.15 ? 19  LYS A N   1 
ATOM   157  C  CA  . LYS A 1 21  ? 7.784   1.660   8.853   1.00 42.58 ? 19  LYS A CA  1 
ATOM   158  C  C   . LYS A 1 21  ? 8.154   2.701   9.902   1.00 43.61 ? 19  LYS A C   1 
ATOM   159  O  O   . LYS A 1 21  ? 7.470   2.848   10.912  1.00 45.21 ? 19  LYS A O   1 
ATOM   160  C  CB  . LYS A 1 21  ? 8.584   0.376   9.068   1.00 41.75 ? 19  LYS A CB  1 
ATOM   161  C  CG  . LYS A 1 21  ? 8.057   -0.781  8.236   1.00 42.56 ? 19  LYS A CG  1 
ATOM   162  C  CD  . LYS A 1 21  ? 8.687   -2.103  8.628   1.00 41.53 ? 19  LYS A CD  1 
ATOM   163  C  CE  . LYS A 1 21  ? 10.170  -2.091  8.374   1.00 41.85 ? 19  LYS A CE  1 
ATOM   164  N  NZ  . LYS A 1 21  ? 10.808  -3.418  8.653   1.00 41.22 ? 19  LYS A NZ  1 
ATOM   165  N  N   . ILE A 1 22  ? 9.233   3.427   9.647   1.00 44.14 ? 20  ILE A N   1 
ATOM   166  C  CA  . ILE A 1 22  ? 9.686   4.468   10.553  1.00 46.12 ? 20  ILE A CA  1 
ATOM   167  C  C   . ILE A 1 22  ? 8.600   5.513   10.801  1.00 49.05 ? 20  ILE A C   1 
ATOM   168  O  O   . ILE A 1 22  ? 8.302   5.845   11.952  1.00 49.60 ? 20  ILE A O   1 
ATOM   169  C  CB  . ILE A 1 22  ? 10.919  5.167   9.990   1.00 44.94 ? 20  ILE A CB  1 
ATOM   170  C  CG1 . ILE A 1 22  ? 12.147  4.292   10.227  1.00 43.24 ? 20  ILE A CG1 1 
ATOM   171  C  CG2 . ILE A 1 22  ? 11.071  6.534   10.614  1.00 44.47 ? 20  ILE A CG2 1 
ATOM   172  C  CD1 . ILE A 1 22  ? 13.362  4.781   9.530   1.00 43.84 ? 20  ILE A CD1 1 
ATOM   173  N  N   . ILE A 1 23  ? 8.019   6.034   9.722   1.00 50.13 ? 21  ILE A N   1 
ATOM   174  C  CA  . ILE A 1 23  ? 6.960   7.034   9.825   1.00 50.77 ? 21  ILE A CA  1 
ATOM   175  C  C   . ILE A 1 23  ? 5.874   6.559   10.787  1.00 50.84 ? 21  ILE A C   1 
ATOM   176  O  O   . ILE A 1 23  ? 5.200   7.365   11.433  1.00 52.43 ? 21  ILE A O   1 
ATOM   177  C  CB  . ILE A 1 23  ? 6.320   7.322   8.433   1.00 51.31 ? 21  ILE A CB  1 
ATOM   178  C  CG1 . ILE A 1 23  ? 7.303   8.112   7.563   1.00 52.45 ? 21  ILE A CG1 1 
ATOM   179  C  CG2 . ILE A 1 23  ? 5.012   8.086   8.592   1.00 50.36 ? 21  ILE A CG2 1 
ATOM   180  C  CD1 . ILE A 1 23  ? 6.820   8.350   6.146   1.00 53.32 ? 21  ILE A CD1 1 
ATOM   181  N  N   . PHE A 1 24  ? 5.705   5.248   10.888  1.00 50.03 ? 22  PHE A N   1 
ATOM   182  C  CA  . PHE A 1 24  ? 4.694   4.697   11.776  1.00 50.90 ? 22  PHE A CA  1 
ATOM   183  C  C   . PHE A 1 24  ? 5.057   4.784   13.256  1.00 50.51 ? 22  PHE A C   1 
ATOM   184  O  O   . PHE A 1 24  ? 4.257   4.427   14.120  1.00 49.04 ? 22  PHE A O   1 
ATOM   185  C  CB  . PHE A 1 24  ? 4.397   3.249   11.384  1.00 50.18 ? 22  PHE A CB  1 
ATOM   186  C  CG  . PHE A 1 24  ? 3.315   3.125   10.358  1.00 50.31 ? 22  PHE A CG  1 
ATOM   187  C  CD1 . PHE A 1 24  ? 2.012   2.834   10.742  1.00 50.04 ? 22  PHE A CD1 1 
ATOM   188  C  CD2 . PHE A 1 24  ? 3.587   3.340   9.013   1.00 49.71 ? 22  PHE A CD2 1 
ATOM   189  C  CE1 . PHE A 1 24  ? 0.991   2.755   9.802   1.00 50.05 ? 22  PHE A CE1 1 
ATOM   190  C  CE2 . PHE A 1 24  ? 2.572   3.265   8.062   1.00 49.25 ? 22  PHE A CE2 1 
ATOM   191  C  CZ  . PHE A 1 24  ? 1.271   2.972   8.460   1.00 49.66 ? 22  PHE A CZ  1 
ATOM   192  N  N   . ASP A 1 25  ? 6.264   5.260   13.543  1.00 51.61 ? 23  ASP A N   1 
ATOM   193  C  CA  . ASP A 1 25  ? 6.703   5.391   14.922  1.00 52.82 ? 23  ASP A CA  1 
ATOM   194  C  C   . ASP A 1 25  ? 5.877   6.459   15.619  1.00 53.92 ? 23  ASP A C   1 
ATOM   195  O  O   . ASP A 1 25  ? 5.709   6.431   16.837  1.00 52.31 ? 23  ASP A O   1 
ATOM   196  C  CB  . ASP A 1 25  ? 8.185   5.752   14.988  1.00 51.22 ? 23  ASP A CB  1 
ATOM   197  C  CG  . ASP A 1 25  ? 9.080   4.583   14.656  1.00 51.71 ? 23  ASP A CG  1 
ATOM   198  O  OD1 . ASP A 1 25  ? 8.709   3.435   14.992  1.00 49.98 ? 23  ASP A OD1 1 
ATOM   199  O  OD2 . ASP A 1 25  ? 10.160  4.808   14.073  1.00 52.11 ? 23  ASP A OD2 1 
ATOM   200  N  N   . ASN A 1 26  ? 5.356   7.396   14.833  1.00 56.14 ? 24  ASN A N   1 
ATOM   201  C  CA  . ASN A 1 26  ? 4.537   8.469   15.376  1.00 58.62 ? 24  ASN A CA  1 
ATOM   202  C  C   . ASN A 1 26  ? 3.064   8.089   15.357  1.00 59.82 ? 24  ASN A C   1 
ATOM   203  O  O   . ASN A 1 26  ? 2.325   8.406   16.287  1.00 61.39 ? 24  ASN A O   1 
ATOM   204  C  CB  . ASN A 1 26  ? 4.759   9.753   14.582  1.00 59.69 ? 24  ASN A CB  1 
ATOM   205  C  CG  . ASN A 1 26  ? 6.212   10.196  14.602  1.00 61.66 ? 24  ASN A CG  1 
ATOM   206  O  OD1 . ASN A 1 26  ? 6.804   10.372  15.670  1.00 62.15 ? 24  ASN A OD1 1 
ATOM   207  N  ND2 . ASN A 1 26  ? 6.796   10.373  13.419  1.00 62.04 ? 24  ASN A ND2 1 
ATOM   208  N  N   . ILE A 1 27  ? 2.644   7.388   14.309  1.00 60.57 ? 25  ILE A N   1 
ATOM   209  C  CA  . ILE A 1 27  ? 1.253   6.970   14.179  1.00 60.73 ? 25  ILE A CA  1 
ATOM   210  C  C   . ILE A 1 27  ? 0.800   6.056   15.323  1.00 60.67 ? 25  ILE A C   1 
ATOM   211  O  O   . ILE A 1 27  ? -0.159  6.365   16.030  1.00 61.30 ? 25  ILE A O   1 
ATOM   212  C  CB  . ILE A 1 27  ? 1.020   6.247   12.836  1.00 61.28 ? 25  ILE A CB  1 
ATOM   213  C  CG1 . ILE A 1 27  ? 1.446   7.156   11.682  1.00 62.25 ? 25  ILE A CG1 1 
ATOM   214  C  CG2 . ILE A 1 27  ? -0.450  5.873   12.691  1.00 60.88 ? 25  ILE A CG2 1 
ATOM   215  C  CD1 . ILE A 1 27  ? 1.298   6.524   10.312  1.00 64.26 ? 25  ILE A CD1 1 
ATOM   216  N  N   . GLY A 1 28  ? 1.480   4.931   15.506  1.00 60.02 ? 26  GLY A N   1 
ATOM   217  C  CA  . GLY A 1 28  ? 1.098   4.025   16.573  1.00 58.27 ? 26  GLY A CA  1 
ATOM   218  C  C   . GLY A 1 28  ? 1.976   2.800   16.626  1.00 57.27 ? 26  GLY A C   1 
ATOM   219  O  O   . GLY A 1 28  ? 3.086   2.808   16.105  1.00 58.04 ? 26  GLY A O   1 
ATOM   220  N  N   . GLU A 1 29  ? 1.486   1.746   17.268  1.00 57.52 ? 27  GLU A N   1 
ATOM   221  C  CA  . GLU A 1 29  ? 2.239   0.498   17.368  1.00 57.47 ? 27  GLU A CA  1 
ATOM   222  C  C   . GLU A 1 29  ? 1.619   -0.459  16.358  1.00 55.93 ? 27  GLU A C   1 
ATOM   223  O  O   . GLU A 1 29  ? 0.523   -0.983  16.569  1.00 54.98 ? 27  GLU A O   1 
ATOM   224  C  CB  . GLU A 1 29  ? 2.132   -0.080  18.781  1.00 59.23 ? 27  GLU A CB  1 
ATOM   225  C  CG  . GLU A 1 29  ? 3.462   -0.547  19.367  1.00 61.88 ? 27  GLU A CG  1 
ATOM   226  C  CD  . GLU A 1 29  ? 3.299   -1.281  20.697  1.00 63.59 ? 27  GLU A CD  1 
ATOM   227  O  OE1 . GLU A 1 29  ? 2.572   -0.775  21.582  1.00 63.13 ? 27  GLU A OE1 1 
ATOM   228  O  OE2 . GLU A 1 29  ? 3.902   -2.367  20.857  1.00 63.80 ? 27  GLU A OE2 1 
ATOM   229  N  N   . TYR A 1 30  ? 2.331   -0.686  15.259  1.00 54.79 ? 28  TYR A N   1 
ATOM   230  C  CA  . TYR A 1 30  ? 1.830   -1.541  14.195  1.00 52.96 ? 28  TYR A CA  1 
ATOM   231  C  C   . TYR A 1 30  ? 2.691   -2.726  13.813  1.00 51.96 ? 28  TYR A C   1 
ATOM   232  O  O   . TYR A 1 30  ? 3.912   -2.705  13.937  1.00 52.93 ? 28  TYR A O   1 
ATOM   233  C  CB  . TYR A 1 30  ? 1.583   -0.696  12.947  1.00 53.04 ? 28  TYR A CB  1 
ATOM   234  C  CG  . TYR A 1 30  ? 0.402   0.223   13.078  1.00 53.65 ? 28  TYR A CG  1 
ATOM   235  C  CD1 . TYR A 1 30  ? -0.883  -0.228  12.786  1.00 54.11 ? 28  TYR A CD1 1 
ATOM   236  C  CD2 . TYR A 1 30  ? 0.558   1.537   13.519  1.00 53.78 ? 28  TYR A CD2 1 
ATOM   237  C  CE1 . TYR A 1 30  ? -1.989  0.602   12.929  1.00 54.63 ? 28  TYR A CE1 1 
ATOM   238  C  CE2 . TYR A 1 30  ? -0.544  2.381   13.668  1.00 55.29 ? 28  TYR A CE2 1 
ATOM   239  C  CZ  . TYR A 1 30  ? -1.814  1.903   13.370  1.00 55.11 ? 28  TYR A CZ  1 
ATOM   240  O  OH  . TYR A 1 30  ? -2.912  2.715   13.510  1.00 56.84 ? 28  TYR A OH  1 
ATOM   241  N  N   . ASP A 1 31  ? 2.010   -3.757  13.332  1.00 51.34 ? 29  ASP A N   1 
ATOM   242  C  CA  . ASP A 1 31  ? 2.610   -4.995  12.863  1.00 50.71 ? 29  ASP A CA  1 
ATOM   243  C  C   . ASP A 1 31  ? 2.811   -4.808  11.349  1.00 49.58 ? 29  ASP A C   1 
ATOM   244  O  O   . ASP A 1 31  ? 1.925   -4.293  10.671  1.00 49.60 ? 29  ASP A O   1 
ATOM   245  C  CB  . ASP A 1 31  ? 1.631   -6.144  13.115  1.00 53.37 ? 29  ASP A CB  1 
ATOM   246  C  CG  . ASP A 1 31  ? 2.196   -7.212  14.028  1.00 57.31 ? 29  ASP A CG  1 
ATOM   247  O  OD1 . ASP A 1 31  ? 2.755   -6.869  15.097  1.00 57.32 ? 29  ASP A OD1 1 
ATOM   248  O  OD2 . ASP A 1 31  ? 2.065   -8.406  13.678  1.00 60.46 ? 29  ASP A OD2 1 
ATOM   249  N  N   . PHE A 1 32  ? 3.957   -5.220  10.813  1.00 46.79 ? 30  PHE A N   1 
ATOM   250  C  CA  . PHE A 1 32  ? 4.198   -5.054  9.381   1.00 42.99 ? 30  PHE A CA  1 
ATOM   251  C  C   . PHE A 1 32  ? 4.434   -6.350  8.614   1.00 41.75 ? 30  PHE A C   1 
ATOM   252  O  O   . PHE A 1 32  ? 5.194   -7.221  9.046   1.00 41.82 ? 30  PHE A O   1 
ATOM   253  C  CB  . PHE A 1 32  ? 5.389   -4.123  9.158   1.00 40.71 ? 30  PHE A CB  1 
ATOM   254  C  CG  . PHE A 1 32  ? 5.137   -2.711  9.591   1.00 40.67 ? 30  PHE A CG  1 
ATOM   255  C  CD1 . PHE A 1 32  ? 4.292   -1.886  8.853   1.00 39.37 ? 30  PHE A CD1 1 
ATOM   256  C  CD2 . PHE A 1 32  ? 5.732   -2.205  10.745  1.00 40.11 ? 30  PHE A CD2 1 
ATOM   257  C  CE1 . PHE A 1 32  ? 4.034   -0.575  9.262   1.00 40.47 ? 30  PHE A CE1 1 
ATOM   258  C  CE2 . PHE A 1 32  ? 5.484   -0.892  11.167  1.00 40.38 ? 30  PHE A CE2 1 
ATOM   259  C  CZ  . PHE A 1 32  ? 4.633   -0.075  10.423  1.00 39.82 ? 30  PHE A CZ  1 
ATOM   260  N  N   . ILE A 1 33  ? 3.755   -6.486  7.483   1.00 39.77 ? 31  ILE A N   1 
ATOM   261  C  CA  . ILE A 1 33  ? 3.938   -7.648  6.627   1.00 38.89 ? 31  ILE A CA  1 
ATOM   262  C  C   . ILE A 1 33  ? 4.460   -7.099  5.317   1.00 39.00 ? 31  ILE A C   1 
ATOM   263  O  O   . ILE A 1 33  ? 3.743   -6.399  4.602   1.00 40.53 ? 31  ILE A O   1 
ATOM   264  C  CB  . ILE A 1 33  ? 2.636   -8.393  6.366   1.00 38.35 ? 31  ILE A CB  1 
ATOM   265  C  CG1 . ILE A 1 33  ? 2.080   -8.925  7.692   1.00 39.69 ? 31  ILE A CG1 1 
ATOM   266  C  CG2 . ILE A 1 33  ? 2.887   -9.521  5.385   1.00 36.29 ? 31  ILE A CG2 1 
ATOM   267  C  CD1 . ILE A 1 33  ? 0.851   -9.841  7.544   1.00 40.85 ? 31  ILE A CD1 1 
ATOM   268  N  N   . GLU A 1 34  ? 5.714   -7.406  5.010   1.00 37.69 ? 32  GLU A N   1 
ATOM   269  C  CA  . GLU A 1 34  ? 6.338   -6.893  3.802   1.00 37.39 ? 32  GLU A CA  1 
ATOM   270  C  C   . GLU A 1 34  ? 6.284   -7.833  2.602   1.00 36.71 ? 32  GLU A C   1 
ATOM   271  O  O   . GLU A 1 34  ? 6.520   -9.030  2.729   1.00 36.45 ? 32  GLU A O   1 
ATOM   272  C  CB  . GLU A 1 34  ? 7.792   -6.513  4.109   1.00 38.12 ? 32  GLU A CB  1 
ATOM   273  C  CG  . GLU A 1 34  ? 7.937   -5.487  5.232   1.00 37.99 ? 32  GLU A CG  1 
ATOM   274  C  CD  . GLU A 1 34  ? 9.380   -5.074  5.485   1.00 39.39 ? 32  GLU A CD  1 
ATOM   275  O  OE1 . GLU A 1 34  ? 10.049  -4.566  4.559   1.00 39.06 ? 32  GLU A OE1 1 
ATOM   276  O  OE2 . GLU A 1 34  ? 9.851   -5.255  6.623   1.00 42.32 ? 32  GLU A OE2 1 
ATOM   277  N  N   . VAL A 1 35  ? 5.964   -7.267  1.439   1.00 36.82 ? 33  VAL A N   1 
ATOM   278  C  CA  . VAL A 1 35  ? 5.880   -8.007  0.177   1.00 36.17 ? 33  VAL A CA  1 
ATOM   279  C  C   . VAL A 1 35  ? 6.862   -7.330  -0.775  1.00 35.41 ? 33  VAL A C   1 
ATOM   280  O  O   . VAL A 1 35  ? 6.590   -6.251  -1.293  1.00 35.60 ? 33  VAL A O   1 
ATOM   281  C  CB  . VAL A 1 35  ? 4.453   -7.939  -0.403  1.00 36.45 ? 33  VAL A CB  1 
ATOM   282  C  CG1 . VAL A 1 35  ? 4.408   -8.557  -1.789  1.00 35.96 ? 33  VAL A CG1 1 
ATOM   283  C  CG2 . VAL A 1 35  ? 3.497   -8.669  0.524   1.00 37.60 ? 33  VAL A CG2 1 
ATOM   284  N  N   . GLU A 1 36  ? 7.998   -7.978  -1.014  1.00 34.28 ? 34  GLU A N   1 
ATOM   285  C  CA  . GLU A 1 36  ? 9.044   -7.401  -1.846  1.00 33.29 ? 34  GLU A CA  1 
ATOM   286  C  C   . GLU A 1 36  ? 8.924   -7.575  -3.350  1.00 32.11 ? 34  GLU A C   1 
ATOM   287  O  O   . GLU A 1 36  ? 9.602   -6.890  -4.109  1.00 30.80 ? 34  GLU A O   1 
ATOM   288  C  CB  . GLU A 1 36  ? 10.414  -7.916  -1.384  1.00 34.35 ? 34  GLU A CB  1 
ATOM   289  C  CG  . GLU A 1 36  ? 10.664  -9.404  -1.616  1.00 36.81 ? 34  GLU A CG  1 
ATOM   290  C  CD  . GLU A 1 36  ? 10.068  -10.320 -0.537  1.00 40.05 ? 34  GLU A CD  1 
ATOM   291  O  OE1 . GLU A 1 36  ? 10.402  -11.529 -0.557  1.00 42.39 ? 34  GLU A OE1 1 
ATOM   292  O  OE2 . GLU A 1 36  ? 9.278   -9.856  0.324   1.00 39.62 ? 34  GLU A OE2 1 
ATOM   293  N  N   . ASN A 1 37  ? 8.072   -8.482  -3.798  1.00 32.22 ? 35  ASN A N   1 
ATOM   294  C  CA  . ASN A 1 37  ? 7.930   -8.673  -5.241  1.00 33.03 ? 35  ASN A CA  1 
ATOM   295  C  C   . ASN A 1 37  ? 6.658   -9.413  -5.603  1.00 32.49 ? 35  ASN A C   1 
ATOM   296  O  O   . ASN A 1 37  ? 5.943   -9.882  -4.722  1.00 31.46 ? 35  ASN A O   1 
ATOM   297  C  CB  . ASN A 1 37  ? 9.159   -9.410  -5.797  1.00 32.75 ? 35  ASN A CB  1 
ATOM   298  C  CG  . ASN A 1 37  ? 9.438   -10.710 -5.072  1.00 32.70 ? 35  ASN A CG  1 
ATOM   299  O  OD1 . ASN A 1 37  ? 10.582  -11.138 -4.973  1.00 33.04 ? 35  ASN A OD1 1 
ATOM   300  N  ND2 . ASN A 1 37  ? 8.391   -11.351 -4.570  1.00 34.39 ? 35  ASN A ND2 1 
ATOM   301  N  N   . LEU A 1 38  ? 6.383   -9.500  -6.903  1.00 34.42 ? 36  LEU A N   1 
ATOM   302  C  CA  . LEU A 1 38  ? 5.198   -10.186 -7.419  1.00 36.64 ? 36  LEU A CA  1 
ATOM   303  C  C   . LEU A 1 38  ? 5.056   -11.579 -6.826  1.00 38.17 ? 36  LEU A C   1 
ATOM   304  O  O   . LEU A 1 38  ? 3.995   -11.952 -6.321  1.00 38.74 ? 36  LEU A O   1 
ATOM   305  C  CB  . LEU A 1 38  ? 5.280   -10.314 -8.939  1.00 35.77 ? 36  LEU A CB  1 
ATOM   306  C  CG  . LEU A 1 38  ? 4.517   -9.331  -9.829  1.00 36.51 ? 36  LEU A CG  1 
ATOM   307  C  CD1 . LEU A 1 38  ? 3.602   -8.444  -8.999  1.00 33.66 ? 36  LEU A CD1 1 
ATOM   308  C  CD2 . LEU A 1 38  ? 5.505   -8.518  -10.623 1.00 35.31 ? 36  LEU A CD2 1 
ATOM   309  N  N   . LYS A 1 39  ? 6.142   -12.341 -6.904  1.00 40.09 ? 37  LYS A N   1 
ATOM   310  C  CA  . LYS A 1 39  ? 6.191   -13.703 -6.394  1.00 41.31 ? 37  LYS A CA  1 
ATOM   311  C  C   . LYS A 1 39  ? 5.777   -13.800 -4.937  1.00 39.43 ? 37  LYS A C   1 
ATOM   312  O  O   . LYS A 1 39  ? 5.084   -14.731 -4.545  1.00 40.11 ? 37  LYS A O   1 
ATOM   313  C  CB  . LYS A 1 39  ? 7.609   -14.272 -6.539  1.00 45.22 ? 37  LYS A CB  1 
ATOM   314  C  CG  . LYS A 1 39  ? 7.737   -15.756 -6.173  1.00 47.93 ? 37  LYS A CG  1 
ATOM   315  C  CD  . LYS A 1 39  ? 7.361   -16.700 -7.342  1.00 53.39 ? 37  LYS A CD  1 
ATOM   316  C  CE  . LYS A 1 39  ? 5.915   -16.521 -7.877  1.00 55.66 ? 37  LYS A CE  1 
ATOM   317  N  NZ  . LYS A 1 39  ? 5.716   -15.290 -8.731  1.00 56.35 ? 37  LYS A NZ  1 
ATOM   318  N  N   . LYS A 1 40  ? 6.220   -12.851 -4.126  1.00 37.90 ? 38  LYS A N   1 
ATOM   319  C  CA  . LYS A 1 40  ? 5.867   -12.886 -2.721  1.00 37.81 ? 38  LYS A CA  1 
ATOM   320  C  C   . LYS A 1 40  ? 4.385   -12.578 -2.540  1.00 36.21 ? 38  LYS A C   1 
ATOM   321  O  O   . LYS A 1 40  ? 3.711   -13.226 -1.739  1.00 37.14 ? 38  LYS A O   1 
ATOM   322  C  CB  . LYS A 1 40  ? 6.713   -11.889 -1.936  1.00 38.18 ? 38  LYS A CB  1 
ATOM   323  C  CG  . LYS A 1 40  ? 6.511   -11.957 -0.432  1.00 41.63 ? 38  LYS A CG  1 
ATOM   324  C  CD  . LYS A 1 40  ? 6.960   -13.299 0.123   1.00 44.78 ? 38  LYS A CD  1 
ATOM   325  C  CE  . LYS A 1 40  ? 7.901   -13.125 1.313   1.00 45.85 ? 38  LYS A CE  1 
ATOM   326  N  NZ  . LYS A 1 40  ? 7.307   -12.269 2.385   1.00 47.77 ? 38  LYS A NZ  1 
ATOM   327  N  N   . PHE A 1 41  ? 3.874   -11.609 -3.296  1.00 34.65 ? 39  PHE A N   1 
ATOM   328  C  CA  . PHE A 1 41  ? 2.467   -11.238 -3.193  1.00 34.78 ? 39  PHE A CA  1 
ATOM   329  C  C   . PHE A 1 41  ? 1.524   -12.413 -3.448  1.00 36.67 ? 39  PHE A C   1 
ATOM   330  O  O   . PHE A 1 41  ? 0.762   -12.814 -2.565  1.00 37.21 ? 39  PHE A O   1 
ATOM   331  C  CB  . PHE A 1 41  ? 2.108   -10.123 -4.173  1.00 32.65 ? 39  PHE A CB  1 
ATOM   332  C  CG  . PHE A 1 41  ? 0.658   -9.747  -4.128  1.00 31.87 ? 39  PHE A CG  1 
ATOM   333  C  CD1 . PHE A 1 41  ? 0.155   -9.003  -3.068  1.00 32.28 ? 39  PHE A CD1 1 
ATOM   334  C  CD2 . PHE A 1 41  ? -0.234  -10.225 -5.092  1.00 33.88 ? 39  PHE A CD2 1 
ATOM   335  C  CE1 . PHE A 1 41  ? -1.215  -8.744  -2.959  1.00 31.54 ? 39  PHE A CE1 1 
ATOM   336  C  CE2 . PHE A 1 41  ? -1.598  -9.973  -4.992  1.00 31.03 ? 39  PHE A CE2 1 
ATOM   337  C  CZ  . PHE A 1 41  ? -2.089  -9.232  -3.919  1.00 31.49 ? 39  PHE A CZ  1 
ATOM   338  N  N   . TYR A 1 42  ? 1.574   -12.955 -4.659  1.00 36.16 ? 40  TYR A N   1 
ATOM   339  C  CA  . TYR A 1 42  ? 0.716   -14.073 -5.027  1.00 37.65 ? 40  TYR A CA  1 
ATOM   340  C  C   . TYR A 1 42  ? 0.916   -15.274 -4.129  1.00 38.54 ? 40  TYR A C   1 
ATOM   341  O  O   . TYR A 1 42  ? -0.009  -16.063 -3.916  1.00 40.39 ? 40  TYR A O   1 
ATOM   342  C  CB  . TYR A 1 42  ? 0.953   -14.464 -6.485  1.00 34.62 ? 40  TYR A CB  1 
ATOM   343  C  CG  . TYR A 1 42  ? 0.470   -13.398 -7.425  1.00 35.29 ? 40  TYR A CG  1 
ATOM   344  C  CD1 . TYR A 1 42  ? -0.870  -13.016 -7.436  1.00 34.41 ? 40  TYR A CD1 1 
ATOM   345  C  CD2 . TYR A 1 42  ? 1.359   -12.724 -8.266  1.00 35.44 ? 40  TYR A CD2 1 
ATOM   346  C  CE1 . TYR A 1 42  ? -1.317  -11.982 -8.259  1.00 35.32 ? 40  TYR A CE1 1 
ATOM   347  C  CE2 . TYR A 1 42  ? 0.925   -11.690 -9.091  1.00 35.48 ? 40  TYR A CE2 1 
ATOM   348  C  CZ  . TYR A 1 42  ? -0.414  -11.320 -9.083  1.00 36.54 ? 40  TYR A CZ  1 
ATOM   349  O  OH  . TYR A 1 42  ? -0.848  -10.286 -9.887  1.00 34.86 ? 40  TYR A OH  1 
ATOM   350  N  N   . SER A 1 43  ? 2.122   -15.401 -3.597  1.00 39.02 ? 41  SER A N   1 
ATOM   351  C  CA  . SER A 1 43  ? 2.455   -16.504 -2.714  1.00 40.20 ? 41  SER A CA  1 
ATOM   352  C  C   . SER A 1 43  ? 1.777   -16.422 -1.347  1.00 39.35 ? 41  SER A C   1 
ATOM   353  O  O   . SER A 1 43  ? 1.790   -17.392 -0.596  1.00 39.55 ? 41  SER A O   1 
ATOM   354  C  CB  . SER A 1 43  ? 3.971   -16.567 -2.522  1.00 41.62 ? 41  SER A CB  1 
ATOM   355  O  OG  . SER A 1 43  ? 4.295   -17.196 -1.294  1.00 44.32 ? 41  SER A OG  1 
ATOM   356  N  N   . ILE A 1 44  ? 1.175   -15.284 -1.022  1.00 39.13 ? 42  ILE A N   1 
ATOM   357  C  CA  . ILE A 1 44  ? 0.551   -15.147 0.292   1.00 39.40 ? 42  ILE A CA  1 
ATOM   358  C  C   . ILE A 1 44  ? -0.769  -14.384 0.350   1.00 39.64 ? 42  ILE A C   1 
ATOM   359  O  O   . ILE A 1 44  ? -1.480  -14.446 1.350   1.00 39.45 ? 42  ILE A O   1 
ATOM   360  C  CB  . ILE A 1 44  ? 1.502   -14.425 1.290   1.00 39.85 ? 42  ILE A CB  1 
ATOM   361  C  CG1 . ILE A 1 44  ? 1.708   -12.970 0.855   1.00 40.05 ? 42  ILE A CG1 1 
ATOM   362  C  CG2 . ILE A 1 44  ? 2.851   -15.127 1.351   1.00 40.78 ? 42  ILE A CG2 1 
ATOM   363  C  CD1 . ILE A 1 44  ? 2.436   -12.117 1.870   1.00 39.01 ? 42  ILE A CD1 1 
ATOM   364  N  N   . PHE A 1 45  ? -1.117  -13.664 -0.701  1.00 40.50 ? 43  PHE A N   1 
ATOM   365  C  CA  . PHE A 1 45  ? -2.331  -12.876 -0.609  1.00 41.52 ? 43  PHE A CA  1 
ATOM   366  C  C   . PHE A 1 45  ? -3.604  -13.664 -0.318  1.00 41.54 ? 43  PHE A C   1 
ATOM   367  O  O   . PHE A 1 45  ? -4.583  -13.098 0.164   1.00 41.22 ? 43  PHE A O   1 
ATOM   368  C  CB  . PHE A 1 45  ? -2.487  -11.984 -1.844  1.00 39.98 ? 43  PHE A CB  1 
ATOM   369  C  CG  . PHE A 1 45  ? -3.291  -12.589 -2.937  1.00 39.15 ? 43  PHE A CG  1 
ATOM   370  C  CD1 . PHE A 1 45  ? -4.516  -12.033 -3.290  1.00 37.49 ? 43  PHE A CD1 1 
ATOM   371  C  CD2 . PHE A 1 45  ? -2.825  -13.696 -3.625  1.00 38.29 ? 43  PHE A CD2 1 
ATOM   372  C  CE1 . PHE A 1 45  ? -5.268  -12.570 -4.317  1.00 38.01 ? 43  PHE A CE1 1 
ATOM   373  C  CE2 . PHE A 1 45  ? -3.577  -14.245 -4.662  1.00 39.28 ? 43  PHE A CE2 1 
ATOM   374  C  CZ  . PHE A 1 45  ? -4.800  -13.680 -5.007  1.00 37.73 ? 43  PHE A CZ  1 
ATOM   375  N  N   . LYS A 1 46  ? -3.603  -14.963 -0.587  1.00 42.99 ? 44  LYS A N   1 
ATOM   376  C  CA  . LYS A 1 46  ? -4.793  -15.746 -0.280  1.00 45.52 ? 44  LYS A CA  1 
ATOM   377  C  C   . LYS A 1 46  ? -4.783  -16.116 1.196   1.00 47.32 ? 44  LYS A C   1 
ATOM   378  O  O   . LYS A 1 46  ? -5.756  -16.653 1.706   1.00 49.31 ? 44  LYS A O   1 
ATOM   379  C  CB  . LYS A 1 46  ? -4.872  -17.008 -1.139  1.00 44.01 ? 44  LYS A CB  1 
ATOM   380  C  CG  . LYS A 1 46  ? -5.541  -16.783 -2.480  1.00 45.11 ? 44  LYS A CG  1 
ATOM   381  C  CD  . LYS A 1 46  ? -6.960  -16.232 -2.294  1.00 45.98 ? 44  LYS A CD  1 
ATOM   382  C  CE  . LYS A 1 46  ? -7.584  -15.813 -3.618  1.00 46.03 ? 44  LYS A CE  1 
ATOM   383  N  NZ  . LYS A 1 46  ? -8.941  -15.206 -3.433  1.00 46.91 ? 44  LYS A NZ  1 
ATOM   384  N  N   . ASP A 1 47  ? -3.683  -15.817 1.880   1.00 48.99 ? 45  ASP A N   1 
ATOM   385  C  CA  . ASP A 1 47  ? -3.565  -16.106 3.308   1.00 51.42 ? 45  ASP A CA  1 
ATOM   386  C  C   . ASP A 1 47  ? -3.844  -14.847 4.128   1.00 52.24 ? 45  ASP A C   1 
ATOM   387  O  O   . ASP A 1 47  ? -4.076  -14.921 5.335   1.00 53.47 ? 45  ASP A O   1 
ATOM   388  C  CB  . ASP A 1 47  ? -2.160  -16.617 3.636   1.00 53.26 ? 45  ASP A CB  1 
ATOM   389  C  CG  . ASP A 1 47  ? -1.784  -17.851 2.834   1.00 54.94 ? 45  ASP A CG  1 
ATOM   390  O  OD1 . ASP A 1 47  ? -0.575  -18.100 2.641   1.00 55.92 ? 45  ASP A OD1 1 
ATOM   391  O  OD2 . ASP A 1 47  ? -2.701  -18.577 2.399   1.00 58.04 ? 45  ASP A OD2 1 
ATOM   392  N  N   . LEU A 1 48  ? -3.814  -13.693 3.470   1.00 52.62 ? 46  LEU A N   1 
ATOM   393  C  CA  . LEU A 1 48  ? -4.061  -12.431 4.149   1.00 52.79 ? 46  LEU A CA  1 
ATOM   394  C  C   . LEU A 1 48  ? -5.414  -12.385 4.837   1.00 52.44 ? 46  LEU A C   1 
ATOM   395  O  O   . LEU A 1 48  ? -6.458  -12.642 4.228   1.00 50.81 ? 46  LEU A O   1 
ATOM   396  C  CB  . LEU A 1 48  ? -3.943  -11.273 3.161   1.00 54.44 ? 46  LEU A CB  1 
ATOM   397  C  CG  . LEU A 1 48  ? -2.548  -10.681 2.935   1.00 55.67 ? 46  LEU A CG  1 
ATOM   398  C  CD1 . LEU A 1 48  ? -1.455  -11.640 3.385   1.00 57.40 ? 46  LEU A CD1 1 
ATOM   399  C  CD2 . LEU A 1 48  ? -2.405  -10.339 1.462   1.00 56.04 ? 46  LEU A CD2 1 
ATOM   400  N  N   . ASP A 1 49  ? -5.382  -12.052 6.121   1.00 52.39 ? 47  ASP A N   1 
ATOM   401  C  CA  . ASP A 1 49  ? -6.594  -11.963 6.906   1.00 53.05 ? 47  ASP A CA  1 
ATOM   402  C  C   . ASP A 1 49  ? -6.498  -10.754 7.821   1.00 51.48 ? 47  ASP A C   1 
ATOM   403  O  O   . ASP A 1 49  ? -5.464  -10.515 8.447   1.00 51.05 ? 47  ASP A O   1 
ATOM   404  C  CB  . ASP A 1 49  ? -6.780  -13.233 7.742   1.00 56.26 ? 47  ASP A CB  1 
ATOM   405  C  CG  . ASP A 1 49  ? -8.197  -13.380 8.272   1.00 58.33 ? 47  ASP A CG  1 
ATOM   406  O  OD1 . ASP A 1 49  ? -8.417  -14.232 9.161   1.00 59.69 ? 47  ASP A OD1 1 
ATOM   407  O  OD2 . ASP A 1 49  ? -9.092  -12.652 7.791   1.00 59.34 ? 47  ASP A OD2 1 
ATOM   408  N  N   . SER A 1 50  ? -7.580  -9.987  7.871   1.00 50.20 ? 48  SER A N   1 
ATOM   409  C  CA  . SER A 1 50  ? -7.668  -8.805  8.712   1.00 48.57 ? 48  SER A CA  1 
ATOM   410  C  C   . SER A 1 50  ? -6.477  -7.851  8.655   1.00 46.83 ? 48  SER A C   1 
ATOM   411  O  O   . SER A 1 50  ? -5.758  -7.657  9.637   1.00 47.14 ? 48  SER A O   1 
ATOM   412  C  CB  . SER A 1 50  ? -7.948  -9.229  10.162  1.00 50.51 ? 48  SER A CB  1 
ATOM   413  O  OG  . SER A 1 50  ? -7.212  -10.390 10.519  1.00 50.88 ? 48  SER A OG  1 
ATOM   414  N  N   . ILE A 1 51  ? -6.283  -7.255  7.485   1.00 45.08 ? 49  ILE A N   1 
ATOM   415  C  CA  . ILE A 1 51  ? -5.225  -6.279  7.269   1.00 42.72 ? 49  ILE A CA  1 
ATOM   416  C  C   . ILE A 1 51  ? -5.897  -4.935  7.506   1.00 42.72 ? 49  ILE A C   1 
ATOM   417  O  O   . ILE A 1 51  ? -6.927  -4.640  6.903   1.00 43.41 ? 49  ILE A O   1 
ATOM   418  C  CB  . ILE A 1 51  ? -4.701  -6.331  5.816   1.00 41.25 ? 49  ILE A CB  1 
ATOM   419  C  CG1 . ILE A 1 51  ? -4.008  -7.672  5.571   1.00 41.15 ? 49  ILE A CG1 1 
ATOM   420  C  CG2 . ILE A 1 51  ? -3.743  -5.179  5.558   1.00 39.67 ? 49  ILE A CG2 1 
ATOM   421  C  CD1 . ILE A 1 51  ? -2.834  -7.932  6.489   1.00 39.51 ? 49  ILE A CD1 1 
ATOM   422  N  N   . THR A 1 52  ? -5.338  -4.122  8.391   1.00 41.16 ? 50  THR A N   1 
ATOM   423  C  CA  . THR A 1 52  ? -5.953  -2.842  8.672   1.00 41.10 ? 50  THR A CA  1 
ATOM   424  C  C   . THR A 1 52  ? -5.587  -1.793  7.636   1.00 40.63 ? 50  THR A C   1 
ATOM   425  O  O   . THR A 1 52  ? -6.326  -0.825  7.436   1.00 41.95 ? 50  THR A O   1 
ATOM   426  C  CB  . THR A 1 52  ? -5.571  -2.331  10.077  1.00 42.04 ? 50  THR A CB  1 
ATOM   427  O  OG1 . THR A 1 52  ? -4.976  -1.031  9.976   1.00 44.74 ? 50  THR A OG1 1 
ATOM   428  C  CG2 . THR A 1 52  ? -4.604  -3.274  10.736  1.00 41.98 ? 50  THR A CG2 1 
ATOM   429  N  N   . LEU A 1 53  ? -4.459  -1.982  6.962   1.00 38.22 ? 51  LEU A N   1 
ATOM   430  C  CA  . LEU A 1 53  ? -4.042  -1.018  5.959   1.00 36.46 ? 51  LEU A CA  1 
ATOM   431  C  C   . LEU A 1 53  ? -2.996  -1.522  4.980   1.00 36.81 ? 51  LEU A C   1 
ATOM   432  O  O   . LEU A 1 53  ? -1.988  -2.125  5.374   1.00 38.55 ? 51  LEU A O   1 
ATOM   433  C  CB  . LEU A 1 53  ? -3.504  0.238   6.636   1.00 34.39 ? 51  LEU A CB  1 
ATOM   434  C  CG  . LEU A 1 53  ? -2.913  1.257   5.659   1.00 32.73 ? 51  LEU A CG  1 
ATOM   435  C  CD1 . LEU A 1 53  ? -4.016  1.757   4.730   1.00 29.36 ? 51  LEU A CD1 1 
ATOM   436  C  CD2 . LEU A 1 53  ? -2.274  2.413   6.434   1.00 29.82 ? 51  LEU A CD2 1 
ATOM   437  N  N   . ILE A 1 54  ? -3.233  -1.246  3.702   1.00 34.88 ? 52  ILE A N   1 
ATOM   438  C  CA  . ILE A 1 54  ? -2.309  -1.636  2.650   1.00 34.32 ? 52  ILE A CA  1 
ATOM   439  C  C   . ILE A 1 54  ? -1.668  -0.401  2.021   1.00 34.37 ? 52  ILE A C   1 
ATOM   440  O  O   . ILE A 1 54  ? -2.368  0.516   1.578   1.00 35.63 ? 52  ILE A O   1 
ATOM   441  C  CB  . ILE A 1 54  ? -3.022  -2.392  1.534   1.00 34.34 ? 52  ILE A CB  1 
ATOM   442  C  CG1 . ILE A 1 54  ? -3.572  -3.715  2.061   1.00 32.08 ? 52  ILE A CG1 1 
ATOM   443  C  CG2 . ILE A 1 54  ? -2.059  -2.625  0.378   1.00 35.01 ? 52  ILE A CG2 1 
ATOM   444  C  CD1 . ILE A 1 54  ? -4.474  -4.406  1.071   1.00 31.80 ? 52  ILE A CD1 1 
ATOM   445  N  N   . ILE A 1 55  ? -0.341  -0.366  1.996   1.00 32.42 ? 53  ILE A N   1 
ATOM   446  C  CA  . ILE A 1 55  ? 0.377   0.748   1.384   1.00 30.83 ? 53  ILE A CA  1 
ATOM   447  C  C   . ILE A 1 55  ? 1.189   0.117   0.272   1.00 31.15 ? 53  ILE A C   1 
ATOM   448  O  O   . ILE A 1 55  ? 2.034   -0.740  0.534   1.00 30.02 ? 53  ILE A O   1 
ATOM   449  C  CB  . ILE A 1 55  ? 1.350   1.446   2.371   1.00 30.27 ? 53  ILE A CB  1 
ATOM   450  C  CG1 . ILE A 1 55  ? 0.579   2.004   3.562   1.00 28.68 ? 53  ILE A CG1 1 
ATOM   451  C  CG2 . ILE A 1 55  ? 2.080   2.600   1.670   1.00 28.94 ? 53  ILE A CG2 1 
ATOM   452  C  CD1 . ILE A 1 55  ? 1.475   2.634   4.600   1.00 27.47 ? 53  ILE A CD1 1 
HETATM 453  N  N   . MSE A 1 56  ? 0.943   0.532   -0.967  1.00 31.89 ? 54  MSE A N   1 
HETATM 454  C  CA  . MSE A 1 56  ? 1.672   -0.060  -2.079  1.00 35.43 ? 54  MSE A CA  1 
HETATM 455  C  C   . MSE A 1 56  ? 2.113   0.892   -3.175  1.00 33.55 ? 54  MSE A C   1 
HETATM 456  O  O   . MSE A 1 56  ? 1.549   1.971   -3.356  1.00 32.86 ? 54  MSE A O   1 
HETATM 457  C  CB  . MSE A 1 56  ? 0.835   -1.170  -2.722  1.00 40.00 ? 54  MSE A CB  1 
HETATM 458  C  CG  . MSE A 1 56  ? -0.318  -0.651  -3.566  1.00 47.73 ? 54  MSE A CG  1 
HETATM 459  SE SE  . MSE A 1 56  ? -1.186  -2.041  -4.639  1.00 59.15 ? 54  MSE A SE  1 
HETATM 460  C  CE  . MSE A 1 56  ? -2.878  -2.093  -3.719  1.00 56.25 ? 54  MSE A CE  1 
ATOM   461  N  N   . ASP A 1 57  ? 3.130   0.460   -3.909  1.00 32.12 ? 55  ASP A N   1 
ATOM   462  C  CA  . ASP A 1 57  ? 3.665   1.210   -5.034  1.00 34.26 ? 55  ASP A CA  1 
ATOM   463  C  C   . ASP A 1 57  ? 3.100   0.519   -6.282  1.00 34.51 ? 55  ASP A C   1 
ATOM   464  O  O   . ASP A 1 57  ? 3.475   -0.622  -6.555  1.00 35.41 ? 55  ASP A O   1 
ATOM   465  C  CB  . ASP A 1 57  ? 5.191   1.110   -5.038  1.00 33.99 ? 55  ASP A CB  1 
ATOM   466  C  CG  . ASP A 1 57  ? 5.821   1.867   -6.192  1.00 37.03 ? 55  ASP A CG  1 
ATOM   467  O  OD1 . ASP A 1 57  ? 5.150   2.031   -7.241  1.00 35.56 ? 55  ASP A OD1 1 
ATOM   468  O  OD2 . ASP A 1 57  ? 6.996   2.281   -6.057  1.00 37.31 ? 55  ASP A OD2 1 
ATOM   469  N  N   . ILE A 1 58  ? 2.205   1.183   -7.028  1.00 33.85 ? 56  ILE A N   1 
ATOM   470  C  CA  . ILE A 1 58  ? 1.610   0.557   -8.219  1.00 32.02 ? 56  ILE A CA  1 
ATOM   471  C  C   . ILE A 1 58  ? 2.635   0.089   -9.221  1.00 29.73 ? 56  ILE A C   1 
ATOM   472  O  O   . ILE A 1 58  ? 2.363   -0.811  -10.009 1.00 30.32 ? 56  ILE A O   1 
ATOM   473  C  CB  . ILE A 1 58  ? 0.587   1.473   -8.983  1.00 33.78 ? 56  ILE A CB  1 
ATOM   474  C  CG1 . ILE A 1 58  ? 0.995   2.937   -8.889  1.00 33.42 ? 56  ILE A CG1 1 
ATOM   475  C  CG2 . ILE A 1 58  ? -0.816  1.236   -8.471  1.00 34.15 ? 56  ILE A CG2 1 
ATOM   476  C  CD1 . ILE A 1 58  ? 2.276   3.245   -9.606  1.00 36.86 ? 56  ILE A CD1 1 
ATOM   477  N  N   . ALA A 1 59  ? 3.804   0.719   -9.218  1.00 27.09 ? 57  ALA A N   1 
ATOM   478  C  CA  . ALA A 1 59  ? 4.877   0.306   -10.120 1.00 27.09 ? 57  ALA A CA  1 
ATOM   479  C  C   . ALA A 1 59  ? 5.432   -0.930  -9.398  1.00 27.25 ? 57  ALA A C   1 
ATOM   480  O  O   . ALA A 1 59  ? 6.397   -0.841  -8.631  1.00 27.31 ? 57  ALA A O   1 
ATOM   481  C  CB  . ALA A 1 59  ? 5.941   1.411   -10.222 1.00 24.28 ? 57  ALA A CB  1 
ATOM   482  N  N   . PHE A 1 60  ? 4.810   -2.077  -9.644  1.00 25.30 ? 58  PHE A N   1 
ATOM   483  C  CA  . PHE A 1 60  ? 5.192   -3.301  -8.962  1.00 26.46 ? 58  PHE A CA  1 
ATOM   484  C  C   . PHE A 1 60  ? 5.445   -4.511  -9.858  1.00 27.68 ? 58  PHE A C   1 
ATOM   485  O  O   . PHE A 1 60  ? 4.621   -5.432  -9.898  1.00 26.46 ? 58  PHE A O   1 
ATOM   486  C  CB  . PHE A 1 60  ? 4.091   -3.648  -7.955  1.00 26.70 ? 58  PHE A CB  1 
ATOM   487  C  CG  . PHE A 1 60  ? 4.520   -4.599  -6.887  1.00 29.28 ? 58  PHE A CG  1 
ATOM   488  C  CD1 . PHE A 1 60  ? 5.373   -4.180  -5.866  1.00 28.52 ? 58  PHE A CD1 1 
ATOM   489  C  CD2 . PHE A 1 60  ? 4.067   -5.918  -6.891  1.00 28.62 ? 58  PHE A CD2 1 
ATOM   490  C  CE1 . PHE A 1 60  ? 5.770   -5.067  -4.857  1.00 30.93 ? 58  PHE A CE1 1 
ATOM   491  C  CE2 . PHE A 1 60  ? 4.454   -6.815  -5.892  1.00 29.87 ? 58  PHE A CE2 1 
ATOM   492  C  CZ  . PHE A 1 60  ? 5.308   -6.390  -4.869  1.00 31.98 ? 58  PHE A CZ  1 
ATOM   493  N  N   . PRO A 1 61  ? 6.570   -4.528  -10.600 1.00 28.48 ? 59  PRO A N   1 
ATOM   494  C  CA  . PRO A 1 61  ? 7.614   -3.501  -10.674 1.00 29.16 ? 59  PRO A CA  1 
ATOM   495  C  C   . PRO A 1 61  ? 7.213   -2.397  -11.669 1.00 29.44 ? 59  PRO A C   1 
ATOM   496  O  O   . PRO A 1 61  ? 7.808   -1.318  -11.687 1.00 28.20 ? 59  PRO A O   1 
ATOM   497  C  CB  . PRO A 1 61  ? 8.841   -4.295  -11.116 1.00 29.47 ? 59  PRO A CB  1 
ATOM   498  C  CG  . PRO A 1 61  ? 8.251   -5.310  -12.037 1.00 29.05 ? 59  PRO A CG  1 
ATOM   499  C  CD  . PRO A 1 61  ? 7.010   -5.761  -11.287 1.00 28.18 ? 59  PRO A CD  1 
ATOM   500  N  N   . VAL A 1 62  ? 6.211   -2.696  -12.501 1.00 28.94 ? 60  VAL A N   1 
ATOM   501  C  CA  . VAL A 1 62  ? 5.661   -1.733  -13.456 1.00 29.46 ? 60  VAL A CA  1 
ATOM   502  C  C   . VAL A 1 62  ? 4.165   -1.622  -13.191 1.00 29.94 ? 60  VAL A C   1 
ATOM   503  O  O   . VAL A 1 62  ? 3.540   -2.572  -12.682 1.00 29.71 ? 60  VAL A O   1 
ATOM   504  C  CB  . VAL A 1 62  ? 5.868   -2.148  -14.920 1.00 30.59 ? 60  VAL A CB  1 
ATOM   505  C  CG1 . VAL A 1 62  ? 7.357   -2.078  -15.264 1.00 29.93 ? 60  VAL A CG1 1 
ATOM   506  C  CG2 . VAL A 1 62  ? 5.298   -3.545  -15.155 1.00 28.38 ? 60  VAL A CG2 1 
ATOM   507  N  N   . GLU A 1 63  ? 3.603   -0.466  -13.541 1.00 27.48 ? 61  GLU A N   1 
ATOM   508  C  CA  . GLU A 1 63  ? 2.195   -0.156  -13.319 1.00 27.58 ? 61  GLU A CA  1 
ATOM   509  C  C   . GLU A 1 63  ? 1.199   -1.231  -13.732 1.00 26.60 ? 61  GLU A C   1 
ATOM   510  O  O   . GLU A 1 63  ? 0.268   -1.535  -12.988 1.00 27.02 ? 61  GLU A O   1 
ATOM   511  C  CB  . GLU A 1 63  ? 1.841   1.170   -14.000 1.00 28.73 ? 61  GLU A CB  1 
ATOM   512  C  CG  . GLU A 1 63  ? 2.661   2.365   -13.509 1.00 29.07 ? 61  GLU A CG  1 
ATOM   513  C  CD  . GLU A 1 63  ? 3.989   2.522   -14.235 1.00 30.70 ? 61  GLU A CD  1 
ATOM   514  O  OE1 . GLU A 1 63  ? 4.555   1.508   -14.695 1.00 34.09 ? 61  GLU A OE1 1 
ATOM   515  O  OE2 . GLU A 1 63  ? 4.479   3.662   -14.333 1.00 30.90 ? 61  GLU A OE2 1 
ATOM   516  N  N   . LYS A 1 64  ? 1.379   -1.814  -14.908 1.00 27.32 ? 62  LYS A N   1 
ATOM   517  C  CA  . LYS A 1 64  ? 0.464   -2.857  -15.351 1.00 28.73 ? 62  LYS A CA  1 
ATOM   518  C  C   . LYS A 1 64  ? 0.432   -4.018  -14.346 1.00 30.09 ? 62  LYS A C   1 
ATOM   519  O  O   . LYS A 1 64  ? -0.604  -4.645  -14.159 1.00 31.29 ? 62  LYS A O   1 
ATOM   520  C  CB  . LYS A 1 64  ? 0.878   -3.363  -16.736 1.00 29.48 ? 62  LYS A CB  1 
ATOM   521  C  CG  . LYS A 1 64  ? -0.043  -4.444  -17.324 1.00 32.16 ? 62  LYS A CG  1 
ATOM   522  C  CD  . LYS A 1 64  ? 0.429   -4.855  -18.719 1.00 33.32 ? 62  LYS A CD  1 
ATOM   523  C  CE  . LYS A 1 64  ? -0.504  -5.870  -19.374 1.00 34.31 ? 62  LYS A CE  1 
ATOM   524  N  NZ  . LYS A 1 64  ? -0.490  -7.210  -18.701 1.00 34.41 ? 62  LYS A NZ  1 
ATOM   525  N  N   . GLU A 1 65  ? 1.559   -4.302  -13.690 1.00 31.23 ? 63  GLU A N   1 
ATOM   526  C  CA  . GLU A 1 65  ? 1.594   -5.396  -12.713 1.00 31.86 ? 63  GLU A CA  1 
ATOM   527  C  C   . GLU A 1 65  ? 0.946   -4.962  -11.410 1.00 30.73 ? 63  GLU A C   1 
ATOM   528  O  O   . GLU A 1 65  ? 0.211   -5.729  -10.799 1.00 30.04 ? 63  GLU A O   1 
ATOM   529  C  CB  . GLU A 1 65  ? 3.025   -5.840  -12.421 1.00 35.11 ? 63  GLU A CB  1 
ATOM   530  C  CG  . GLU A 1 65  ? 3.827   -6.238  -13.637 1.00 42.12 ? 63  GLU A CG  1 
ATOM   531  C  CD  . GLU A 1 65  ? 3.286   -7.466  -14.322 1.00 45.87 ? 63  GLU A CD  1 
ATOM   532  O  OE1 . GLU A 1 65  ? 3.248   -8.547  -13.690 1.00 48.33 ? 63  GLU A OE1 1 
ATOM   533  O  OE2 . GLU A 1 65  ? 2.900   -7.351  -15.503 1.00 49.76 ? 63  GLU A OE2 1 
ATOM   534  N  N   . GLY A 1 66  ? 1.242   -3.736  -10.983 1.00 30.15 ? 64  GLY A N   1 
ATOM   535  C  CA  . GLY A 1 66  ? 0.666   -3.206  -9.755  1.00 30.83 ? 64  GLY A CA  1 
ATOM   536  C  C   . GLY A 1 66  ? -0.852  -3.119  -9.852  1.00 30.72 ? 64  GLY A C   1 
ATOM   537  O  O   . GLY A 1 66  ? -1.579  -3.447  -8.911  1.00 29.44 ? 64  GLY A O   1 
ATOM   538  N  N   . LEU A 1 67  ? -1.333  -2.684  -11.009 1.00 31.70 ? 65  LEU A N   1 
ATOM   539  C  CA  . LEU A 1 67  ? -2.765  -2.578  -11.236 1.00 31.93 ? 65  LEU A CA  1 
ATOM   540  C  C   . LEU A 1 67  ? -3.412  -3.962  -11.099 1.00 31.50 ? 65  LEU A C   1 
ATOM   541  O  O   . LEU A 1 67  ? -4.465  -4.100  -10.469 1.00 31.59 ? 65  LEU A O   1 
ATOM   542  C  CB  . LEU A 1 67  ? -3.032  -1.985  -12.626 1.00 31.59 ? 65  LEU A CB  1 
ATOM   543  C  CG  . LEU A 1 67  ? -3.594  -0.559  -12.772 1.00 32.65 ? 65  LEU A CG  1 
ATOM   544  C  CD1 . LEU A 1 67  ? -3.743  0.134   -11.422 1.00 30.71 ? 65  LEU A CD1 1 
ATOM   545  C  CD2 . LEU A 1 67  ? -2.682  0.239   -13.691 1.00 32.57 ? 65  LEU A CD2 1 
ATOM   546  N  N   . GLU A 1 68  ? -2.780  -4.985  -11.670 1.00 30.51 ? 66  GLU A N   1 
ATOM   547  C  CA  . GLU A 1 68  ? -3.333  -6.336  -11.581 1.00 33.12 ? 66  GLU A CA  1 
ATOM   548  C  C   . GLU A 1 68  ? -3.416  -6.771  -10.123 1.00 32.82 ? 66  GLU A C   1 
ATOM   549  O  O   . GLU A 1 68  ? -4.398  -7.381  -9.699  1.00 32.41 ? 66  GLU A O   1 
ATOM   550  C  CB  . GLU A 1 68  ? -2.480  -7.335  -12.386 1.00 34.90 ? 66  GLU A CB  1 
ATOM   551  C  CG  . GLU A 1 68  ? -2.640  -7.217  -13.908 1.00 39.23 ? 66  GLU A CG  1 
ATOM   552  C  CD  . GLU A 1 68  ? -1.634  -8.075  -14.669 1.00 44.94 ? 66  GLU A CD  1 
ATOM   553  O  OE1 . GLU A 1 68  ? -1.637  -9.316  -14.488 1.00 46.40 ? 66  GLU A OE1 1 
ATOM   554  O  OE2 . GLU A 1 68  ? -0.835  -7.510  -15.452 1.00 49.08 ? 66  GLU A OE2 1 
ATOM   555  N  N   . VAL A 1 69  ? -2.374  -6.435  -9.363  1.00 32.21 ? 67  VAL A N   1 
ATOM   556  C  CA  . VAL A 1 69  ? -2.309  -6.770  -7.950  1.00 32.38 ? 67  VAL A CA  1 
ATOM   557  C  C   . VAL A 1 69  ? -3.446  -6.046  -7.246  1.00 34.08 ? 67  VAL A C   1 
ATOM   558  O  O   . VAL A 1 69  ? -4.163  -6.644  -6.443  1.00 34.25 ? 67  VAL A O   1 
ATOM   559  C  CB  . VAL A 1 69  ? -0.949  -6.349  -7.323  1.00 32.73 ? 67  VAL A CB  1 
ATOM   560  C  CG1 . VAL A 1 69  ? -1.011  -6.337  -5.807  1.00 30.54 ? 67  VAL A CG1 1 
ATOM   561  C  CG2 . VAL A 1 69  ? 0.102   -7.343  -7.738  1.00 31.57 ? 67  VAL A CG2 1 
ATOM   562  N  N   . LEU A 1 70  ? -3.610  -4.760  -7.555  1.00 35.92 ? 68  LEU A N   1 
ATOM   563  C  CA  . LEU A 1 70  ? -4.660  -3.955  -6.948  1.00 35.92 ? 68  LEU A CA  1 
ATOM   564  C  C   . LEU A 1 70  ? -6.010  -4.659  -7.171  1.00 35.08 ? 68  LEU A C   1 
ATOM   565  O  O   . LEU A 1 70  ? -6.770  -4.870  -6.230  1.00 34.77 ? 68  LEU A O   1 
ATOM   566  C  CB  . LEU A 1 70  ? -4.684  -2.543  -7.575  1.00 36.81 ? 68  LEU A CB  1 
ATOM   567  C  CG  . LEU A 1 70  ? -5.006  -1.346  -6.670  1.00 38.23 ? 68  LEU A CG  1 
ATOM   568  C  CD1 . LEU A 1 70  ? -5.185  -0.084  -7.502  1.00 36.51 ? 68  LEU A CD1 1 
ATOM   569  C  CD2 . LEU A 1 70  ? -6.284  -1.603  -5.900  1.00 38.70 ? 68  LEU A CD2 1 
ATOM   570  N  N   . SER A 1 71  ? -6.286  -5.022  -8.419  1.00 35.13 ? 69  SER A N   1 
ATOM   571  C  CA  . SER A 1 71  ? -7.520  -5.699  -8.757  1.00 34.80 ? 69  SER A CA  1 
ATOM   572  C  C   . SER A 1 71  ? -7.664  -6.969  -7.921  1.00 33.70 ? 69  SER A C   1 
ATOM   573  O  O   . SER A 1 71  ? -8.702  -7.204  -7.307  1.00 33.96 ? 69  SER A O   1 
ATOM   574  C  CB  . SER A 1 71  ? -7.541  -6.074  -10.237 1.00 34.42 ? 69  SER A CB  1 
ATOM   575  O  OG  . SER A 1 71  ? -8.521  -7.094  -10.487 1.00 35.75 ? 69  SER A OG  1 
ATOM   576  N  N   . ALA A 1 72  ? -6.613  -7.779  -7.893  1.00 33.36 ? 70  ALA A N   1 
ATOM   577  C  CA  . ALA A 1 72  ? -6.636  -9.010  -7.119  1.00 34.00 ? 70  ALA A CA  1 
ATOM   578  C  C   . ALA A 1 72  ? -7.012  -8.730  -5.666  1.00 34.54 ? 70  ALA A C   1 
ATOM   579  O  O   . ALA A 1 72  ? -7.788  -9.477  -5.046  1.00 34.67 ? 70  ALA A O   1 
ATOM   580  C  CB  . ALA A 1 72  ? -5.281  -9.679  -7.178  1.00 34.39 ? 70  ALA A CB  1 
ATOM   581  N  N   . ILE A 1 73  ? -6.455  -7.649  -5.126  1.00 33.50 ? 71  ILE A N   1 
ATOM   582  C  CA  . ILE A 1 73  ? -6.735  -7.263  -3.754  1.00 34.14 ? 71  ILE A CA  1 
ATOM   583  C  C   . ILE A 1 73  ? -8.215  -6.919  -3.571  1.00 35.17 ? 71  ILE A C   1 
ATOM   584  O  O   . ILE A 1 73  ? -8.854  -7.370  -2.618  1.00 34.79 ? 71  ILE A O   1 
ATOM   585  C  CB  . ILE A 1 73  ? -5.868  -6.061  -3.321  1.00 33.81 ? 71  ILE A CB  1 
ATOM   586  C  CG1 . ILE A 1 73  ? -4.395  -6.496  -3.210  1.00 34.89 ? 71  ILE A CG1 1 
ATOM   587  C  CG2 . ILE A 1 73  ? -6.391  -5.483  -2.006  1.00 31.43 ? 71  ILE A CG2 1 
ATOM   588  C  CD1 . ILE A 1 73  ? -3.441  -5.396  -2.716  1.00 32.23 ? 71  ILE A CD1 1 
ATOM   589  N  N   . ARG A 1 74  ? -8.764  -6.143  -4.497  1.00 35.48 ? 72  ARG A N   1 
ATOM   590  C  CA  . ARG A 1 74  ? -10.165 -5.753  -4.417  1.00 37.65 ? 72  ARG A CA  1 
ATOM   591  C  C   . ARG A 1 74  ? -11.131 -6.905  -4.668  1.00 39.22 ? 72  ARG A C   1 
ATOM   592  O  O   . ARG A 1 74  ? -12.233 -6.911  -4.123  1.00 41.57 ? 72  ARG A O   1 
ATOM   593  C  CB  . ARG A 1 74  ? -10.461 -4.622  -5.404  1.00 35.62 ? 72  ARG A CB  1 
ATOM   594  C  CG  . ARG A 1 74  ? -9.918  -3.283  -4.960  1.00 35.48 ? 72  ARG A CG  1 
ATOM   595  C  CD  . ARG A 1 74  ? -10.765 -2.701  -3.855  1.00 35.05 ? 72  ARG A CD  1 
ATOM   596  N  NE  . ARG A 1 74  ? -10.146 -1.529  -3.242  1.00 35.67 ? 72  ARG A NE  1 
ATOM   597  C  CZ  . ARG A 1 74  ? -9.561  -1.537  -2.045  1.00 34.71 ? 72  ARG A CZ  1 
ATOM   598  N  NH1 . ARG A 1 74  ? -9.524  -2.658  -1.335  1.00 33.28 ? 72  ARG A NH1 1 
ATOM   599  N  NH2 . ARG A 1 74  ? -9.011  -0.429  -1.562  1.00 31.80 ? 72  ARG A NH2 1 
ATOM   600  N  N   . ASN A 1 75  ? -10.730 -7.880  -5.475  1.00 38.56 ? 73  ASN A N   1 
ATOM   601  C  CA  . ASN A 1 75  ? -11.618 -8.992  -5.757  1.00 39.43 ? 73  ASN A CA  1 
ATOM   602  C  C   . ASN A 1 75  ? -11.438 -10.165 -4.819  1.00 40.46 ? 73  ASN A C   1 
ATOM   603  O  O   . ASN A 1 75  ? -12.103 -11.197 -4.961  1.00 41.45 ? 73  ASN A O   1 
ATOM   604  C  CB  . ASN A 1 75  ? -11.459 -9.440  -7.207  1.00 39.89 ? 73  ASN A CB  1 
ATOM   605  C  CG  . ASN A 1 75  ? -12.163 -8.506  -8.173  1.00 42.20 ? 73  ASN A CG  1 
ATOM   606  O  OD1 . ASN A 1 75  ? -11.618 -7.477  -8.585  1.00 43.37 ? 73  ASN A OD1 1 
ATOM   607  N  ND2 . ASN A 1 75  ? -13.400 -8.845  -8.517  1.00 44.33 ? 73  ASN A ND2 1 
ATOM   608  N  N   . ASN A 1 76  ? -10.536 -10.005 -3.858  1.00 40.50 ? 74  ASN A N   1 
ATOM   609  C  CA  . ASN A 1 76  ? -10.279 -11.048 -2.884  1.00 39.58 ? 74  ASN A CA  1 
ATOM   610  C  C   . ASN A 1 76  ? -11.161 -10.740 -1.685  1.00 39.88 ? 74  ASN A C   1 
ATOM   611  O  O   . ASN A 1 76  ? -11.065 -9.667  -1.098  1.00 40.17 ? 74  ASN A O   1 
ATOM   612  C  CB  . ASN A 1 76  ? -8.811  -11.036 -2.471  1.00 38.83 ? 74  ASN A CB  1 
ATOM   613  C  CG  . ASN A 1 76  ? -8.496  -12.084 -1.430  1.00 38.55 ? 74  ASN A CG  1 
ATOM   614  O  OD1 . ASN A 1 76  ? -7.766  -11.828 -0.479  1.00 39.94 ? 74  ASN A OD1 1 
ATOM   615  N  ND2 . ASN A 1 76  ? -9.043  -13.275 -1.608  1.00 37.92 ? 74  ASN A ND2 1 
ATOM   616  N  N   . SER A 1 77  ? -12.020 -11.690 -1.334  1.00 41.55 ? 75  SER A N   1 
ATOM   617  C  CA  . SER A 1 77  ? -12.959 -11.536 -0.220  1.00 42.54 ? 75  SER A CA  1 
ATOM   618  C  C   . SER A 1 77  ? -12.381 -10.948 1.068   1.00 43.13 ? 75  SER A C   1 
ATOM   619  O  O   . SER A 1 77  ? -12.846 -9.910  1.538   1.00 42.74 ? 75  SER A O   1 
ATOM   620  C  CB  . SER A 1 77  ? -13.610 -12.884 0.095   1.00 41.54 ? 75  SER A CB  1 
ATOM   621  O  OG  . SER A 1 77  ? -14.332 -13.368 -1.026  1.00 42.81 ? 75  SER A OG  1 
ATOM   622  N  N   . ARG A 1 78  ? -11.370 -11.612 1.627   1.00 43.21 ? 76  ARG A N   1 
ATOM   623  C  CA  . ARG A 1 78  ? -10.744 -11.176 2.871   1.00 43.68 ? 76  ARG A CA  1 
ATOM   624  C  C   . ARG A 1 78  ? -10.013 -9.831  2.827   1.00 44.00 ? 76  ARG A C   1 
ATOM   625  O  O   . ARG A 1 78  ? -9.478  -9.392  3.848   1.00 44.17 ? 76  ARG A O   1 
ATOM   626  C  CB  . ARG A 1 78  ? -9.776  -12.255 3.370   1.00 45.31 ? 76  ARG A CB  1 
ATOM   627  C  CG  . ARG A 1 78  ? -10.436 -13.527 3.891   1.00 46.12 ? 76  ARG A CG  1 
ATOM   628  C  CD  . ARG A 1 78  ? -9.395  -14.542 4.354   1.00 48.25 ? 76  ARG A CD  1 
ATOM   629  N  NE  . ARG A 1 78  ? -8.634  -15.098 3.236   1.00 52.67 ? 76  ARG A NE  1 
ATOM   630  C  CZ  . ARG A 1 78  ? -9.109  -15.986 2.361   1.00 54.05 ? 76  ARG A CZ  1 
ATOM   631  N  NH1 . ARG A 1 78  ? -10.352 -16.436 2.472   1.00 56.19 ? 76  ARG A NH1 1 
ATOM   632  N  NH2 . ARG A 1 78  ? -8.347  -16.417 1.365   1.00 52.11 ? 76  ARG A NH2 1 
ATOM   633  N  N   . THR A 1 79  ? -9.978  -9.179  1.661   1.00 43.54 ? 77  THR A N   1 
ATOM   634  C  CA  . THR A 1 79  ? -9.296  -7.888  1.536   1.00 42.05 ? 77  THR A CA  1 
ATOM   635  C  C   . THR A 1 79  ? -10.003 -6.895  0.613   1.00 42.25 ? 77  THR A C   1 
ATOM   636  O  O   . THR A 1 79  ? -9.450  -5.841  0.308   1.00 41.22 ? 77  THR A O   1 
ATOM   637  C  CB  . THR A 1 79  ? -7.847  -8.048  0.995   1.00 41.51 ? 77  THR A CB  1 
ATOM   638  O  OG1 . THR A 1 79  ? -7.889  -8.491  -0.368  1.00 39.61 ? 77  THR A OG1 1 
ATOM   639  C  CG2 . THR A 1 79  ? -7.065  -9.061  1.820   1.00 40.88 ? 77  THR A CG2 1 
ATOM   640  N  N   . ALA A 1 80  ? -11.221 -7.221  0.180   1.00 42.11 ? 78  ALA A N   1 
ATOM   641  C  CA  . ALA A 1 80  ? -11.966 -6.354  -0.730  1.00 43.11 ? 78  ALA A CA  1 
ATOM   642  C  C   . ALA A 1 80  ? -12.215 -4.919  -0.259  1.00 43.87 ? 78  ALA A C   1 
ATOM   643  O  O   . ALA A 1 80  ? -12.317 -4.009  -1.084  1.00 44.76 ? 78  ALA A O   1 
ATOM   644  C  CB  . ALA A 1 80  ? -13.297 -7.004  -1.090  1.00 42.48 ? 78  ALA A CB  1 
ATOM   645  N  N   . ASN A 1 81  ? -12.320 -4.700  1.048   1.00 43.67 ? 79  ASN A N   1 
ATOM   646  C  CA  . ASN A 1 81  ? -12.585 -3.354  1.556   1.00 43.33 ? 79  ASN A CA  1 
ATOM   647  C  C   . ASN A 1 81  ? -11.410 -2.773  2.330   1.00 43.06 ? 79  ASN A C   1 
ATOM   648  O  O   . ASN A 1 81  ? -11.465 -1.636  2.817   1.00 42.53 ? 79  ASN A O   1 
ATOM   649  C  CB  . ASN A 1 81  ? -13.831 -3.360  2.446   1.00 45.05 ? 79  ASN A CB  1 
ATOM   650  C  CG  . ASN A 1 81  ? -15.039 -3.974  1.755   1.00 46.39 ? 79  ASN A CG  1 
ATOM   651  O  OD1 . ASN A 1 81  ? -15.501 -3.479  0.722   1.00 45.35 ? 79  ASN A OD1 1 
ATOM   652  N  ND2 . ASN A 1 81  ? -15.554 -5.068  2.324   1.00 46.97 ? 79  ASN A ND2 1 
ATOM   653  N  N   . THR A 1 82  ? -10.349 -3.560  2.447   1.00 41.61 ? 80  THR A N   1 
ATOM   654  C  CA  . THR A 1 82  ? -9.163  -3.110  3.145   1.00 40.18 ? 80  THR A CA  1 
ATOM   655  C  C   . THR A 1 82  ? -8.698  -1.813  2.491   1.00 39.54 ? 80  THR A C   1 
ATOM   656  O  O   . THR A 1 82  ? -8.510  -1.752  1.275   1.00 39.91 ? 80  THR A O   1 
ATOM   657  C  CB  . THR A 1 82  ? -8.050  -4.160  3.054   1.00 40.33 ? 80  THR A CB  1 
ATOM   658  O  OG1 . THR A 1 82  ? -8.566  -5.429  3.473   1.00 39.36 ? 80  THR A OG1 1 
ATOM   659  C  CG2 . THR A 1 82  ? -6.876  -3.774  3.947   1.00 40.92 ? 80  THR A CG2 1 
ATOM   660  N  N   . PRO A 1 83  ? -8.526  -0.749  3.289   1.00 38.65 ? 81  PRO A N   1 
ATOM   661  C  CA  . PRO A 1 83  ? -8.082  0.545   2.758   1.00 37.47 ? 81  PRO A CA  1 
ATOM   662  C  C   . PRO A 1 83  ? -6.673  0.485   2.177   1.00 37.20 ? 81  PRO A C   1 
ATOM   663  O  O   . PRO A 1 83  ? -5.742  -0.031  2.799   1.00 37.91 ? 81  PRO A O   1 
ATOM   664  C  CB  . PRO A 1 83  ? -8.198  1.471   3.966   1.00 36.91 ? 81  PRO A CB  1 
ATOM   665  C  CG  . PRO A 1 83  ? -7.917  0.557   5.114   1.00 38.34 ? 81  PRO A CG  1 
ATOM   666  C  CD  . PRO A 1 83  ? -8.704  -0.686  4.750   1.00 38.74 ? 81  PRO A CD  1 
ATOM   667  N  N   . VAL A 1 84  ? -6.530  1.017   0.972   1.00 35.66 ? 82  VAL A N   1 
ATOM   668  C  CA  . VAL A 1 84  ? -5.259  1.006   0.272   1.00 33.27 ? 82  VAL A CA  1 
ATOM   669  C  C   . VAL A 1 84  ? -4.744  2.417   0.036   1.00 33.49 ? 82  VAL A C   1 
ATOM   670  O  O   . VAL A 1 84  ? -5.482  3.281   -0.424  1.00 34.84 ? 82  VAL A O   1 
ATOM   671  C  CB  . VAL A 1 84  ? -5.414  0.298   -1.094  1.00 33.11 ? 82  VAL A CB  1 
ATOM   672  C  CG1 . VAL A 1 84  ? -4.220  0.594   -1.994  1.00 30.19 ? 82  VAL A CG1 1 
ATOM   673  C  CG2 . VAL A 1 84  ? -5.590  -1.199  -0.881  1.00 32.16 ? 82  VAL A CG2 1 
ATOM   674  N  N   . ILE A 1 85  ? -3.479  2.648   0.368   1.00 32.96 ? 83  ILE A N   1 
ATOM   675  C  CA  . ILE A 1 85  ? -2.850  3.944   0.147   1.00 31.36 ? 83  ILE A CA  1 
ATOM   676  C  C   . ILE A 1 85  ? -1.753  3.712   -0.858  1.00 30.05 ? 83  ILE A C   1 
ATOM   677  O  O   . ILE A 1 85  ? -0.826  2.951   -0.602  1.00 31.76 ? 83  ILE A O   1 
ATOM   678  C  CB  . ILE A 1 85  ? -2.186  4.511   1.412   1.00 32.83 ? 83  ILE A CB  1 
ATOM   679  C  CG1 . ILE A 1 85  ? -3.252  5.038   2.367   1.00 32.80 ? 83  ILE A CG1 1 
ATOM   680  C  CG2 . ILE A 1 85  ? -1.195  5.613   1.030   1.00 30.49 ? 83  ILE A CG2 1 
ATOM   681  C  CD1 . ILE A 1 85  ? -2.687  5.505   3.688   1.00 35.41 ? 83  ILE A CD1 1 
ATOM   682  N  N   . ILE A 1 86  ? -1.853  4.348   -2.009  1.00 28.70 ? 84  ILE A N   1 
ATOM   683  C  CA  . ILE A 1 86  ? -0.821  4.173   -3.000  1.00 28.39 ? 84  ILE A CA  1 
ATOM   684  C  C   . ILE A 1 86  ? 0.212   5.280   -2.853  1.00 29.93 ? 84  ILE A C   1 
ATOM   685  O  O   . ILE A 1 86  ? -0.119  6.462   -2.835  1.00 30.01 ? 84  ILE A O   1 
ATOM   686  C  CB  . ILE A 1 86  ? -1.389  4.200   -4.417  1.00 28.93 ? 84  ILE A CB  1 
ATOM   687  C  CG1 . ILE A 1 86  ? -2.263  2.963   -4.636  1.00 28.48 ? 84  ILE A CG1 1 
ATOM   688  C  CG2 . ILE A 1 86  ? -0.239  4.288   -5.431  1.00 28.17 ? 84  ILE A CG2 1 
ATOM   689  C  CD1 . ILE A 1 86  ? -2.765  2.806   -6.055  1.00 30.04 ? 84  ILE A CD1 1 
ATOM   690  N  N   . ALA A 1 87  ? 1.468   4.871   -2.723  1.00 29.82 ? 85  ALA A N   1 
ATOM   691  C  CA  . ALA A 1 87  ? 2.594   5.781   -2.597  1.00 30.63 ? 85  ALA A CA  1 
ATOM   692  C  C   . ALA A 1 87  ? 3.518   5.264   -3.691  1.00 32.03 ? 85  ALA A C   1 
ATOM   693  O  O   . ALA A 1 87  ? 4.020   4.135   -3.601  1.00 32.09 ? 85  ALA A O   1 
ATOM   694  C  CB  . ALA A 1 87  ? 3.238   5.630   -1.224  1.00 28.77 ? 85  ALA A CB  1 
ATOM   695  N  N   . THR A 1 88  ? 3.732   6.066   -4.729  1.00 32.63 ? 86  THR A N   1 
ATOM   696  C  CA  . THR A 1 88  ? 4.550   5.622   -5.849  1.00 34.67 ? 86  THR A CA  1 
ATOM   697  C  C   . THR A 1 88  ? 5.510   6.625   -6.477  1.00 38.29 ? 86  THR A C   1 
ATOM   698  O  O   . THR A 1 88  ? 5.371   7.844   -6.356  1.00 38.59 ? 86  THR A O   1 
ATOM   699  C  CB  . THR A 1 88  ? 3.667   5.048   -6.989  1.00 33.30 ? 86  THR A CB  1 
ATOM   700  O  OG1 . THR A 1 88  ? 4.487   4.728   -8.124  1.00 31.58 ? 86  THR A OG1 1 
ATOM   701  C  CG2 . THR A 1 88  ? 2.606   6.056   -7.406  1.00 29.53 ? 86  THR A CG2 1 
ATOM   702  N  N   . LYS A 1 89  ? 6.493   6.073   -7.173  1.00 42.23 ? 87  LYS A N   1 
ATOM   703  C  CA  . LYS A 1 89  ? 7.530   6.862   -7.817  1.00 46.11 ? 87  LYS A CA  1 
ATOM   704  C  C   . LYS A 1 89  ? 7.062   7.241   -9.248  1.00 47.75 ? 87  LYS A C   1 
ATOM   705  O  O   . LYS A 1 89  ? 7.568   8.133   -9.923  1.00 49.15 ? 87  LYS A O   1 
ATOM   706  C  CB  . LYS A 1 89  ? 8.813   6.147   -7.802  1.00 48.76 ? 87  LYS A CB  1 
ATOM   707  C  CG  . LYS A 1 89  ? 10.051  6.890   -8.266  1.00 52.84 ? 87  LYS A CG  1 
ATOM   708  C  CD  . LYS A 1 89  ? 10.380  8.049   -7.313  1.00 55.33 ? 87  LYS A CD  1 
ATOM   709  C  CE  . LYS A 1 89  ? 11.240  9.125   -7.975  1.00 56.52 ? 87  LYS A CE  1 
ATOM   710  N  NZ  . LYS A 1 89  ? 11.464  10.274  -7.037  1.00 60.21 ? 87  LYS A NZ  1 
ATOM   711  N  N   . SER A 1 90  ? 6.122   6.439   -9.733  1.00 46.78 ? 88  SER A N   1 
ATOM   712  C  CA  . SER A 1 90  ? 5.615   6.656   -11.069 1.00 47.84 ? 88  SER A CA  1 
ATOM   713  C  C   . SER A 1 90  ? 4.515   7.705   -11.031 1.00 48.32 ? 88  SER A C   1 
ATOM   714  O  O   . SER A 1 90  ? 3.672   7.691   -10.129 1.00 48.57 ? 88  SER A O   1 
ATOM   715  C  CB  . SER A 1 90  ? 5.065   5.342   -11.655 1.00 46.06 ? 88  SER A CB  1 
ATOM   716  O  OG  . SER A 1 90  ? 3.640   5.293   -11.563 1.00 47.34 ? 88  SER A OG  1 
ATOM   717  N  N   . ASP A 1 91  ? 4.559   8.623   -12.001 1.00 49.42 ? 89  ASP A N   1 
ATOM   718  C  CA  . ASP A 1 91  ? 3.548   9.668   -12.135 1.00 50.72 ? 89  ASP A CA  1 
ATOM   719  C  C   . ASP A 1 91  ? 2.906   9.690   -13.514 1.00 49.34 ? 89  ASP A C   1 
ATOM   720  O  O   . ASP A 1 91  ? 2.432   10.734  -13.980 1.00 51.26 ? 89  ASP A O   1 
ATOM   721  C  CB  . ASP A 1 91  ? 4.090   11.068  -11.804 1.00 53.97 ? 89  ASP A CB  1 
ATOM   722  C  CG  . ASP A 1 91  ? 4.961   11.652  -12.907 1.00 58.48 ? 89  ASP A CG  1 
ATOM   723  O  OD1 . ASP A 1 91  ? 5.023   12.905  -13.022 1.00 61.14 ? 89  ASP A OD1 1 
ATOM   724  O  OD2 . ASP A 1 91  ? 5.582   10.866  -13.652 1.00 58.35 ? 89  ASP A OD2 1 
ATOM   725  N  N   . ASN A 1 92  ? 2.910   8.537   -14.180 1.00 46.78 ? 90  ASN A N   1 
ATOM   726  C  CA  . ASN A 1 92  ? 2.254   8.421   -15.482 1.00 46.00 ? 90  ASN A CA  1 
ATOM   727  C  C   . ASN A 1 92  ? 0.810   8.753   -15.113 1.00 45.90 ? 90  ASN A C   1 
ATOM   728  O  O   . ASN A 1 92  ? 0.252   8.184   -14.157 1.00 46.59 ? 90  ASN A O   1 
ATOM   729  C  CB  . ASN A 1 92  ? 2.324   7.000   -16.007 1.00 45.58 ? 90  ASN A CB  1 
ATOM   730  C  CG  . ASN A 1 92  ? 1.691   6.861   -17.372 1.00 43.80 ? 90  ASN A CG  1 
ATOM   731  O  OD1 . ASN A 1 92  ? 2.321   7.169   -18.396 1.00 45.81 ? 90  ASN A OD1 1 
ATOM   732  N  ND2 . ASN A 1 92  ? 0.431   6.399   -17.406 1.00 45.55 ? 90  ASN A ND2 1 
ATOM   733  N  N   . PRO A 1 93  ? 0.186   9.676   -15.856 1.00 45.97 ? 91  PRO A N   1 
ATOM   734  C  CA  . PRO A 1 93  ? -1.196  10.117  -15.623 1.00 44.73 ? 91  PRO A CA  1 
ATOM   735  C  C   . PRO A 1 93  ? -2.239  9.011   -15.822 1.00 42.30 ? 91  PRO A C   1 
ATOM   736  O  O   . PRO A 1 93  ? -3.133  8.843   -15.001 1.00 39.91 ? 91  PRO A O   1 
ATOM   737  C  CB  . PRO A 1 93  ? -1.371  11.249  -16.641 1.00 45.31 ? 91  PRO A CB  1 
ATOM   738  C  CG  . PRO A 1 93  ? 0.077   11.756  -16.851 1.00 47.31 ? 91  PRO A CG  1 
ATOM   739  C  CD  . PRO A 1 93  ? 0.789   10.413  -16.982 1.00 46.47 ? 91  PRO A CD  1 
ATOM   740  N  N   . GLY A 1 94  ? -2.131  8.280   -16.924 1.00 41.25 ? 92  GLY A N   1 
ATOM   741  C  CA  . GLY A 1 94  ? -3.088  7.227   -17.204 1.00 42.59 ? 92  GLY A CA  1 
ATOM   742  C  C   . GLY A 1 94  ? -3.105  6.075   -16.210 1.00 42.45 ? 92  GLY A C   1 
ATOM   743  O  O   . GLY A 1 94  ? -4.169  5.525   -15.904 1.00 44.28 ? 92  GLY A O   1 
ATOM   744  N  N   . TYR A 1 95  ? -1.934  5.697   -15.711 1.00 40.10 ? 93  TYR A N   1 
ATOM   745  C  CA  . TYR A 1 95  ? -1.844  4.594   -14.772 1.00 39.18 ? 93  TYR A CA  1 
ATOM   746  C  C   . TYR A 1 95  ? -2.451  4.993   -13.419 1.00 38.79 ? 93  TYR A C   1 
ATOM   747  O  O   . TYR A 1 95  ? -3.085  4.175   -12.741 1.00 38.02 ? 93  TYR A O   1 
ATOM   748  C  CB  . TYR A 1 95  ? -0.391  4.159   -14.622 1.00 36.05 ? 93  TYR A CB  1 
ATOM   749  C  CG  . TYR A 1 95  ? 0.044   3.245   -15.739 1.00 35.17 ? 93  TYR A CG  1 
ATOM   750  C  CD1 . TYR A 1 95  ? -0.762  2.183   -16.130 1.00 37.03 ? 93  TYR A CD1 1 
ATOM   751  C  CD2 . TYR A 1 95  ? 1.278   3.393   -16.360 1.00 36.29 ? 93  TYR A CD2 1 
ATOM   752  C  CE1 . TYR A 1 95  ? -0.355  1.280   -17.096 1.00 36.95 ? 93  TYR A CE1 1 
ATOM   753  C  CE2 . TYR A 1 95  ? 1.711   2.491   -17.337 1.00 37.86 ? 93  TYR A CE2 1 
ATOM   754  C  CZ  . TYR A 1 95  ? 0.880   1.439   -17.699 1.00 38.13 ? 93  TYR A CZ  1 
ATOM   755  O  OH  . TYR A 1 95  ? 1.261   0.541   -18.667 1.00 37.12 ? 93  TYR A OH  1 
ATOM   756  N  N   . ARG A 1 96  ? -2.262  6.255   -13.038 1.00 37.83 ? 94  ARG A N   1 
ATOM   757  C  CA  . ARG A 1 96  ? -2.826  6.800   -11.807 1.00 39.28 ? 94  ARG A CA  1 
ATOM   758  C  C   . ARG A 1 96  ? -4.345  6.811   -11.931 1.00 39.39 ? 94  ARG A C   1 
ATOM   759  O  O   . ARG A 1 96  ? -5.062  6.365   -11.039 1.00 39.22 ? 94  ARG A O   1 
ATOM   760  C  CB  . ARG A 1 96  ? -2.351  8.230   -11.616 1.00 40.96 ? 94  ARG A CB  1 
ATOM   761  C  CG  . ARG A 1 96  ? -3.143  9.028   -10.602 1.00 45.76 ? 94  ARG A CG  1 
ATOM   762  C  CD  . ARG A 1 96  ? -2.658  10.466  -10.574 1.00 51.02 ? 94  ARG A CD  1 
ATOM   763  N  NE  . ARG A 1 96  ? -2.871  11.060  -9.260  1.00 55.93 ? 94  ARG A NE  1 
ATOM   764  C  CZ  . ARG A 1 96  ? -1.985  11.839  -8.645  1.00 58.97 ? 94  ARG A CZ  1 
ATOM   765  N  NH1 . ARG A 1 96  ? -0.822  12.121  -9.232  1.00 58.72 ? 94  ARG A NH1 1 
ATOM   766  N  NH2 . ARG A 1 96  ? -2.253  12.317  -7.432  1.00 60.22 ? 94  ARG A NH2 1 
ATOM   767  N  N   . HIS A 1 97  ? -4.816  7.357   -13.046 1.00 40.49 ? 95  HIS A N   1 
ATOM   768  C  CA  . HIS A 1 97  ? -6.235  7.460   -13.333 1.00 40.36 ? 95  HIS A CA  1 
ATOM   769  C  C   . HIS A 1 97  ? -6.861  6.071   -13.309 1.00 39.11 ? 95  HIS A C   1 
ATOM   770  O  O   . HIS A 1 97  ? -7.938  5.865   -12.742 1.00 39.40 ? 95  HIS A O   1 
ATOM   771  C  CB  . HIS A 1 97  ? -6.418  8.126   -14.702 1.00 42.63 ? 95  HIS A CB  1 
ATOM   772  C  CG  . HIS A 1 97  ? -7.837  8.166   -15.180 1.00 44.91 ? 95  HIS A CG  1 
ATOM   773  N  ND1 . HIS A 1 97  ? -8.816  8.939   -14.579 1.00 46.38 ? 95  HIS A ND1 1 
ATOM   774  C  CD2 . HIS A 1 97  ? -8.451  7.524   -16.201 1.00 45.80 ? 95  HIS A CD2 1 
ATOM   775  C  CE1 . HIS A 1 97  ? -9.962  8.765   -15.210 1.00 46.61 ? 95  HIS A CE1 1 
ATOM   776  N  NE2 . HIS A 1 97  ? -9.770  7.910   -16.198 1.00 46.99 ? 95  HIS A NE2 1 
ATOM   777  N  N   . ALA A 1 98  ? -6.165  5.111   -13.904 1.00 36.88 ? 96  ALA A N   1 
ATOM   778  C  CA  . ALA A 1 98  ? -6.646  3.734   -13.939 1.00 36.58 ? 96  ALA A CA  1 
ATOM   779  C  C   . ALA A 1 98  ? -6.709  3.133   -12.530 1.00 36.81 ? 96  ALA A C   1 
ATOM   780  O  O   . ALA A 1 98  ? -7.621  2.360   -12.200 1.00 36.13 ? 96  ALA A O   1 
ATOM   781  C  CB  . ALA A 1 98  ? -5.741  2.904   -14.794 1.00 33.40 ? 96  ALA A CB  1 
ATOM   782  N  N   . ALA A 1 99  ? -5.736  3.503   -11.703 1.00 36.15 ? 97  ALA A N   1 
ATOM   783  C  CA  . ALA A 1 99  ? -5.667  2.997   -10.347 1.00 38.07 ? 97  ALA A CA  1 
ATOM   784  C  C   . ALA A 1 99  ? -6.847  3.446   -9.510  1.00 38.95 ? 97  ALA A C   1 
ATOM   785  O  O   . ALA A 1 99  ? -7.334  2.691   -8.675  1.00 40.04 ? 97  ALA A O   1 
ATOM   786  C  CB  . ALA A 1 99  ? -4.370  3.433   -9.693  1.00 38.12 ? 97  ALA A CB  1 
ATOM   787  N  N   . LEU A 1 100 ? -7.309  4.672   -9.739  1.00 39.43 ? 98  LEU A N   1 
ATOM   788  C  CA  . LEU A 1 100 ? -8.428  5.207   -8.975  1.00 39.04 ? 98  LEU A CA  1 
ATOM   789  C  C   . LEU A 1 100 ? -9.760  4.516   -9.231  1.00 39.31 ? 98  LEU A C   1 
ATOM   790  O  O   . LEU A 1 100 ? -10.686 4.649   -8.432  1.00 38.88 ? 98  LEU A O   1 
ATOM   791  C  CB  . LEU A 1 100 ? -8.595  6.703   -9.219  1.00 38.49 ? 98  LEU A CB  1 
ATOM   792  C  CG  . LEU A 1 100 ? -7.640  7.702   -8.564  1.00 38.56 ? 98  LEU A CG  1 
ATOM   793  C  CD1 . LEU A 1 100 ? -6.785  7.022   -7.524  1.00 37.70 ? 98  LEU A CD1 1 
ATOM   794  C  CD2 . LEU A 1 100 ? -6.783  8.346   -9.639  1.00 41.03 ? 98  LEU A CD2 1 
ATOM   795  N  N   . LYS A 1 101 ? -9.863  3.775   -10.331 1.00 41.26 ? 99  LYS A N   1 
ATOM   796  C  CA  . LYS A 1 101 ? -11.103 3.074   -10.639 1.00 43.05 ? 99  LYS A CA  1 
ATOM   797  C  C   . LYS A 1 101 ? -11.330 1.970   -9.607  1.00 43.87 ? 99  LYS A C   1 
ATOM   798  O  O   . LYS A 1 101 ? -12.469 1.657   -9.255  1.00 43.52 ? 99  LYS A O   1 
ATOM   799  C  CB  . LYS A 1 101 ? -11.071 2.550   -12.078 1.00 43.34 ? 99  LYS A CB  1 
ATOM   800  C  CG  . LYS A 1 101 ? -11.074 3.696   -13.102 1.00 44.77 ? 99  LYS A CG  1 
ATOM   801  C  CD  . LYS A 1 101 ? -10.736 3.211   -14.516 1.00 47.22 ? 99  LYS A CD  1 
ATOM   802  C  CE  . LYS A 1 101 ? -10.516 4.371   -15.498 1.00 47.97 ? 99  LYS A CE  1 
ATOM   803  N  NZ  . LYS A 1 101 ? -11.766 5.058   -15.961 1.00 49.64 ? 99  LYS A NZ  1 
ATOM   804  N  N   . PHE A 1 102 ? -10.256 1.367   -9.114  1.00 45.02 ? 100 PHE A N   1 
ATOM   805  C  CA  . PHE A 1 102 ? -10.418 0.397   -8.042  1.00 45.12 ? 100 PHE A CA  1 
ATOM   806  C  C   . PHE A 1 102 ? -10.428 1.506   -7.021  1.00 46.93 ? 100 PHE A C   1 
ATOM   807  O  O   . PHE A 1 102 ? -9.893  2.575   -7.297  1.00 49.29 ? 100 PHE A O   1 
ATOM   808  C  CB  . PHE A 1 102 ? -9.178  -0.470  -7.933  1.00 42.92 ? 100 PHE A CB  1 
ATOM   809  C  CG  . PHE A 1 102 ? -8.876  -1.213  -9.193  1.00 41.67 ? 100 PHE A CG  1 
ATOM   810  C  CD1 . PHE A 1 102 ? -9.563  -2.376  -9.508  1.00 41.03 ? 100 PHE A CD1 1 
ATOM   811  C  CD2 . PHE A 1 102 ? -7.920  -0.735  -10.080 1.00 41.17 ? 100 PHE A CD2 1 
ATOM   812  C  CE1 . PHE A 1 102 ? -9.308  -3.056  -10.694 1.00 42.71 ? 100 PHE A CE1 1 
ATOM   813  C  CE2 . PHE A 1 102 ? -7.653  -1.408  -11.281 1.00 41.82 ? 100 PHE A CE2 1 
ATOM   814  C  CZ  . PHE A 1 102 ? -8.345  -2.576  -11.591 1.00 42.56 ? 100 PHE A CZ  1 
ATOM   815  N  N   . LYS A 1 103 ? -11.036 1.317   -5.867  1.00 48.97 ? 101 LYS A N   1 
ATOM   816  C  CA  . LYS A 1 103 ? -11.068 2.424   -4.919  1.00 50.45 ? 101 LYS A CA  1 
ATOM   817  C  C   . LYS A 1 103 ? -9.873  2.384   -3.971  1.00 49.57 ? 101 LYS A C   1 
ATOM   818  O  O   . LYS A 1 103 ? -9.592  1.350   -3.376  1.00 51.28 ? 101 LYS A O   1 
ATOM   819  C  CB  . LYS A 1 103 ? -12.390 2.386   -4.151  1.00 52.74 ? 101 LYS A CB  1 
ATOM   820  C  CG  . LYS A 1 103 ? -13.623 2.320   -5.052  1.00 56.09 ? 101 LYS A CG  1 
ATOM   821  C  CD  . LYS A 1 103 ? -14.532 1.181   -4.599  1.00 59.29 ? 101 LYS A CD  1 
ATOM   822  C  CE  . LYS A 1 103 ? -15.900 1.213   -5.259  1.00 60.99 ? 101 LYS A CE  1 
ATOM   823  N  NZ  . LYS A 1 103 ? -16.882 0.548   -4.352  1.00 61.72 ? 101 LYS A NZ  1 
ATOM   824  N  N   . VAL A 1 104 ? -9.171  3.508   -3.849  1.00 47.56 ? 102 VAL A N   1 
ATOM   825  C  CA  . VAL A 1 104 ? -8.011  3.600   -2.974  1.00 47.07 ? 102 VAL A CA  1 
ATOM   826  C  C   . VAL A 1 104 ? -8.214  4.880   -2.194  1.00 47.38 ? 102 VAL A C   1 
ATOM   827  O  O   . VAL A 1 104 ? -8.854  5.799   -2.689  1.00 47.87 ? 102 VAL A O   1 
ATOM   828  C  CB  . VAL A 1 104 ? -6.684  3.663   -3.774  1.00 46.39 ? 102 VAL A CB  1 
ATOM   829  C  CG1 . VAL A 1 104 ? -6.613  2.488   -4.746  1.00 46.26 ? 102 VAL A CG1 1 
ATOM   830  C  CG2 . VAL A 1 104 ? -6.582  4.970   -4.544  1.00 44.63 ? 102 VAL A CG2 1 
ATOM   831  N  N   . SER A 1 105 ? -7.676  4.932   -0.978  1.00 46.98 ? 103 SER A N   1 
ATOM   832  C  CA  . SER A 1 105 ? -7.822  6.080   -0.083  1.00 45.47 ? 103 SER A CA  1 
ATOM   833  C  C   . SER A 1 105 ? -6.918  7.262   -0.386  1.00 44.56 ? 103 SER A C   1 
ATOM   834  O  O   . SER A 1 105 ? -7.187  8.373   0.067   1.00 45.18 ? 103 SER A O   1 
ATOM   835  C  CB  . SER A 1 105 ? -7.598  5.626   1.356   1.00 45.13 ? 103 SER A CB  1 
ATOM   836  O  OG  . SER A 1 105 ? -8.460  4.534   1.661   1.00 44.87 ? 103 SER A OG  1 
ATOM   837  N  N   . ASP A 1 106 ? -5.857  7.037   -1.156  1.00 42.68 ? 104 ASP A N   1 
ATOM   838  C  CA  . ASP A 1 106 ? -4.935  8.120   -1.485  1.00 41.80 ? 104 ASP A CA  1 
ATOM   839  C  C   . ASP A 1 106 ? -3.931  7.700   -2.545  1.00 40.91 ? 104 ASP A C   1 
ATOM   840  O  O   . ASP A 1 106 ? -3.743  6.514   -2.796  1.00 40.45 ? 104 ASP A O   1 
ATOM   841  C  CB  . ASP A 1 106 ? -4.182  8.553   -0.234  1.00 44.80 ? 104 ASP A CB  1 
ATOM   842  C  CG  . ASP A 1 106 ? -3.618  9.953   -0.334  1.00 47.38 ? 104 ASP A CG  1 
ATOM   843  O  OD1 . ASP A 1 106 ? -3.046  10.403  0.678   1.00 49.08 ? 104 ASP A OD1 1 
ATOM   844  O  OD2 . ASP A 1 106 ? -3.736  10.608  -1.397  1.00 48.33 ? 104 ASP A OD2 1 
ATOM   845  N  N   . TYR A 1 107 ? -3.308  8.693   -3.173  1.00 40.05 ? 105 TYR A N   1 
ATOM   846  C  CA  . TYR A 1 107 ? -2.307  8.475   -4.205  1.00 39.05 ? 105 TYR A CA  1 
ATOM   847  C  C   . TYR A 1 107 ? -1.217  9.481   -3.921  1.00 39.20 ? 105 TYR A C   1 
ATOM   848  O  O   . TYR A 1 107 ? -1.413  10.674  -4.089  1.00 39.03 ? 105 TYR A O   1 
ATOM   849  C  CB  . TYR A 1 107 ? -2.877  8.740   -5.590  1.00 38.69 ? 105 TYR A CB  1 
ATOM   850  C  CG  . TYR A 1 107 ? -2.048  8.149   -6.703  1.00 37.13 ? 105 TYR A CG  1 
ATOM   851  C  CD1 . TYR A 1 107 ? -2.396  6.929   -7.271  1.00 37.57 ? 105 TYR A CD1 1 
ATOM   852  C  CD2 . TYR A 1 107 ? -0.928  8.808   -7.197  1.00 36.29 ? 105 TYR A CD2 1 
ATOM   853  C  CE1 . TYR A 1 107 ? -1.656  6.383   -8.317  1.00 37.25 ? 105 TYR A CE1 1 
ATOM   854  C  CE2 . TYR A 1 107 ? -0.177  8.264   -8.241  1.00 37.40 ? 105 TYR A CE2 1 
ATOM   855  C  CZ  . TYR A 1 107 ? -0.553  7.056   -8.795  1.00 36.73 ? 105 TYR A CZ  1 
ATOM   856  O  OH  . TYR A 1 107 ? 0.157   6.527   -9.846  1.00 38.96 ? 105 TYR A OH  1 
ATOM   857  N  N   . ILE A 1 108 ? -0.063  8.981   -3.507  1.00 40.01 ? 106 ILE A N   1 
ATOM   858  C  CA  . ILE A 1 108 ? 1.052   9.823   -3.144  1.00 40.48 ? 106 ILE A CA  1 
ATOM   859  C  C   . ILE A 1 108 ? 2.253   9.578   -4.043  1.00 40.91 ? 106 ILE A C   1 
ATOM   860  O  O   . ILE A 1 108 ? 2.595   8.431   -4.320  1.00 39.72 ? 106 ILE A O   1 
ATOM   861  C  CB  . ILE A 1 108 ? 1.405   9.542   -1.672  1.00 40.16 ? 106 ILE A CB  1 
ATOM   862  C  CG1 . ILE A 1 108 ? 0.118   9.626   -0.840  1.00 39.50 ? 106 ILE A CG1 1 
ATOM   863  C  CG2 . ILE A 1 108 ? 2.470   10.507  -1.173  1.00 38.94 ? 106 ILE A CG2 1 
ATOM   864  C  CD1 . ILE A 1 108 ? 0.285   9.272   0.625   1.00 39.78 ? 106 ILE A CD1 1 
ATOM   865  N  N   . LEU A 1 109 ? 2.878   10.662  -4.498  1.00 41.50 ? 107 LEU A N   1 
ATOM   866  C  CA  . LEU A 1 109 ? 4.055   10.574  -5.361  1.00 43.24 ? 107 LEU A CA  1 
ATOM   867  C  C   . LEU A 1 109 ? 5.369   10.655  -4.580  1.00 43.02 ? 107 LEU A C   1 
ATOM   868  O  O   . LEU A 1 109 ? 5.484   11.380  -3.595  1.00 41.00 ? 107 LEU A O   1 
ATOM   869  C  CB  . LEU A 1 109 ? 4.038   11.693  -6.402  1.00 44.80 ? 107 LEU A CB  1 
ATOM   870  C  CG  . LEU A 1 109 ? 3.266   11.509  -7.706  1.00 48.53 ? 107 LEU A CG  1 
ATOM   871  C  CD1 . LEU A 1 109 ? 1.778   11.315  -7.452  1.00 50.61 ? 107 LEU A CD1 1 
ATOM   872  C  CD2 . LEU A 1 109 ? 3.503   12.751  -8.566  1.00 49.83 ? 107 LEU A CD2 1 
ATOM   873  N  N   . LYS A 1 110 ? 6.366   9.917   -5.046  1.00 43.65 ? 108 LYS A N   1 
ATOM   874  C  CA  . LYS A 1 110 ? 7.667   9.901   -4.405  1.00 45.00 ? 108 LYS A CA  1 
ATOM   875  C  C   . LYS A 1 110 ? 8.642   10.771  -5.182  1.00 47.19 ? 108 LYS A C   1 
ATOM   876  O  O   . LYS A 1 110 ? 8.634   10.778  -6.408  1.00 48.12 ? 108 LYS A O   1 
ATOM   877  C  CB  . LYS A 1 110 ? 8.195   8.472   -4.334  1.00 43.58 ? 108 LYS A CB  1 
ATOM   878  C  CG  . LYS A 1 110 ? 7.372   7.561   -3.450  1.00 42.42 ? 108 LYS A CG  1 
ATOM   879  C  CD  . LYS A 1 110 ? 7.933   6.152   -3.451  1.00 43.21 ? 108 LYS A CD  1 
ATOM   880  C  CE  . LYS A 1 110 ? 7.233   5.276   -2.420  1.00 43.55 ? 108 LYS A CE  1 
ATOM   881  N  NZ  . LYS A 1 110 ? 7.795   3.899   -2.413  1.00 46.41 ? 108 LYS A NZ  1 
ATOM   882  N  N   . PRO A 1 111 ? 9.493   11.528  -4.472  1.00 49.46 ? 109 PRO A N   1 
ATOM   883  C  CA  . PRO A 1 111 ? 9.540   11.570  -3.004  1.00 50.96 ? 109 PRO A CA  1 
ATOM   884  C  C   . PRO A 1 111 ? 8.393   12.385  -2.408  1.00 51.79 ? 109 PRO A C   1 
ATOM   885  O  O   . PRO A 1 111 ? 7.794   13.232  -3.079  1.00 51.21 ? 109 PRO A O   1 
ATOM   886  C  CB  . PRO A 1 111 ? 10.903  12.201  -2.719  1.00 50.72 ? 109 PRO A CB  1 
ATOM   887  C  CG  . PRO A 1 111 ? 11.710  11.856  -3.952  1.00 50.89 ? 109 PRO A CG  1 
ATOM   888  C  CD  . PRO A 1 111 ? 10.702  12.145  -5.036  1.00 49.74 ? 109 PRO A CD  1 
ATOM   889  N  N   . TYR A 1 112 ? 8.086   12.115  -1.145  1.00 53.29 ? 110 TYR A N   1 
ATOM   890  C  CA  . TYR A 1 112 ? 7.021   12.824  -0.455  1.00 55.46 ? 110 TYR A CA  1 
ATOM   891  C  C   . TYR A 1 112 ? 7.507   13.198  0.932   1.00 56.82 ? 110 TYR A C   1 
ATOM   892  O  O   . TYR A 1 112 ? 8.182   12.406  1.587   1.00 57.57 ? 110 TYR A O   1 
ATOM   893  C  CB  . TYR A 1 112 ? 5.765   11.948  -0.337  1.00 56.58 ? 110 TYR A CB  1 
ATOM   894  C  CG  . TYR A 1 112 ? 5.979   10.641  0.399   1.00 57.88 ? 110 TYR A CG  1 
ATOM   895  C  CD1 . TYR A 1 112 ? 6.341   9.482   -0.285  1.00 59.79 ? 110 TYR A CD1 1 
ATOM   896  C  CD2 . TYR A 1 112 ? 5.858   10.577  1.785   1.00 59.59 ? 110 TYR A CD2 1 
ATOM   897  C  CE1 . TYR A 1 112 ? 6.582   8.289   0.396   1.00 60.79 ? 110 TYR A CE1 1 
ATOM   898  C  CE2 . TYR A 1 112 ? 6.101   9.394   2.479   1.00 60.63 ? 110 TYR A CE2 1 
ATOM   899  C  CZ  . TYR A 1 112 ? 6.463   8.253   1.781   1.00 61.81 ? 110 TYR A CZ  1 
ATOM   900  O  OH  . TYR A 1 112 ? 6.720   7.083   2.474   1.00 62.10 ? 110 TYR A OH  1 
ATOM   901  N  N   . PRO A 1 113 ? 7.193   14.418  1.396   1.00 57.98 ? 111 PRO A N   1 
ATOM   902  C  CA  . PRO A 1 113 ? 7.662   14.767  2.739   1.00 58.94 ? 111 PRO A CA  1 
ATOM   903  C  C   . PRO A 1 113 ? 7.101   13.751  3.732   1.00 58.74 ? 111 PRO A C   1 
ATOM   904  O  O   . PRO A 1 113 ? 5.935   13.363  3.641   1.00 59.76 ? 111 PRO A O   1 
ATOM   905  C  CB  . PRO A 1 113 ? 7.114   16.183  2.946   1.00 57.87 ? 111 PRO A CB  1 
ATOM   906  C  CG  . PRO A 1 113 ? 5.886   16.210  2.076   1.00 57.42 ? 111 PRO A CG  1 
ATOM   907  C  CD  . PRO A 1 113 ? 6.356   15.492  0.831   1.00 57.65 ? 111 PRO A CD  1 
ATOM   908  N  N   . THR A 1 114 ? 7.936   13.316  4.669   1.00 58.13 ? 112 THR A N   1 
ATOM   909  C  CA  . THR A 1 114 ? 7.524   12.324  5.661   1.00 57.91 ? 112 THR A CA  1 
ATOM   910  C  C   . THR A 1 114 ? 6.368   12.864  6.470   1.00 57.77 ? 112 THR A C   1 
ATOM   911  O  O   . THR A 1 114 ? 6.079   12.371  7.560   1.00 58.96 ? 112 THR A O   1 
ATOM   912  C  CB  . THR A 1 114 ? 8.630   12.023  6.663   1.00 57.09 ? 112 THR A CB  1 
ATOM   913  O  OG1 . THR A 1 114 ? 8.550   12.983  7.720   1.00 55.63 ? 112 THR A OG1 1 
ATOM   914  C  CG2 . THR A 1 114 ? 10.013  12.130  6.000   1.00 57.27 ? 112 THR A CG2 1 
ATOM   915  N  N   . LYS A 1 115 ? 5.724   13.901  5.960   1.00 57.18 ? 113 LYS A N   1 
ATOM   916  C  CA  . LYS A 1 115 ? 4.601   14.491  6.658   1.00 56.62 ? 113 LYS A CA  1 
ATOM   917  C  C   . LYS A 1 115 ? 3.344   14.132  5.863   1.00 56.17 ? 113 LYS A C   1 
ATOM   918  O  O   . LYS A 1 115 ? 2.263   13.907  6.431   1.00 55.07 ? 113 LYS A O   1 
ATOM   919  C  CB  . LYS A 1 115 ? 4.784   16.015  6.727   1.00 57.18 ? 113 LYS A CB  1 
ATOM   920  C  CG  . LYS A 1 115 ? 6.160   16.506  6.239   1.00 56.27 ? 113 LYS A CG  1 
ATOM   921  C  CD  . LYS A 1 115 ? 7.276   16.187  7.237   1.00 55.89 ? 113 LYS A CD  1 
ATOM   922  C  CE  . LYS A 1 115 ? 8.665   16.349  6.588   1.00 56.24 ? 113 LYS A CE  1 
ATOM   923  N  NZ  . LYS A 1 115 ? 8.868   17.648  5.861   1.00 54.80 ? 113 LYS A NZ  1 
ATOM   924  N  N   . ARG A 1 116 ? 3.513   14.058  4.545   1.00 55.32 ? 114 ARG A N   1 
ATOM   925  C  CA  . ARG A 1 116 ? 2.434   13.749  3.613   1.00 55.55 ? 114 ARG A CA  1 
ATOM   926  C  C   . ARG A 1 116 ? 1.746   12.420  3.910   1.00 54.97 ? 114 ARG A C   1 
ATOM   927  O  O   . ARG A 1 116 ? 0.517   12.335  3.908   1.00 54.65 ? 114 ARG A O   1 
ATOM   928  C  CB  . ARG A 1 116 ? 2.992   13.717  2.186   1.00 56.28 ? 114 ARG A CB  1 
ATOM   929  C  CG  . ARG A 1 116 ? 2.096   14.338  1.122   1.00 56.88 ? 114 ARG A CG  1 
ATOM   930  C  CD  . ARG A 1 116 ? 0.749   13.642  1.009   1.00 58.04 ? 114 ARG A CD  1 
ATOM   931  N  NE  . ARG A 1 116 ? 0.175   13.846  -0.318  1.00 58.75 ? 114 ARG A NE  1 
ATOM   932  C  CZ  . ARG A 1 116 ? -0.916  13.233  -0.764  1.00 59.45 ? 114 ARG A CZ  1 
ATOM   933  N  NH1 . ARG A 1 116 ? -1.562  12.380  0.019   1.00 59.34 ? 114 ARG A NH1 1 
ATOM   934  N  NH2 . ARG A 1 116 ? -1.338  13.447  -2.007  1.00 58.65 ? 114 ARG A NH2 1 
ATOM   935  N  N   . LEU A 1 117 ? 2.553   11.391  4.162   1.00 54.49 ? 115 LEU A N   1 
ATOM   936  C  CA  . LEU A 1 117 ? 2.058   10.044  4.441   1.00 53.72 ? 115 LEU A CA  1 
ATOM   937  C  C   . LEU A 1 117 ? 1.402   9.940   5.807   1.00 54.59 ? 115 LEU A C   1 
ATOM   938  O  O   . LEU A 1 117 ? 0.380   9.275   5.966   1.00 53.56 ? 115 LEU A O   1 
ATOM   939  C  CB  . LEU A 1 117 ? 3.208   9.043   4.376   1.00 52.97 ? 115 LEU A CB  1 
ATOM   940  C  CG  . LEU A 1 117 ? 2.963   7.662   3.762   1.00 52.04 ? 115 LEU A CG  1 
ATOM   941  C  CD1 . LEU A 1 117 ? 4.019   6.707   4.295   1.00 50.56 ? 115 LEU A CD1 1 
ATOM   942  C  CD2 . LEU A 1 117 ? 1.580   7.151   4.096   1.00 51.56 ? 115 LEU A CD2 1 
ATOM   943  N  N   . GLU A 1 118 ? 2.009   10.594  6.793   1.00 56.75 ? 116 GLU A N   1 
ATOM   944  C  CA  . GLU A 1 118 ? 1.514   10.581  8.166   1.00 58.11 ? 116 GLU A CA  1 
ATOM   945  C  C   . GLU A 1 118 ? 0.047   10.981  8.229   1.00 57.42 ? 116 GLU A C   1 
ATOM   946  O  O   . GLU A 1 118 ? -0.777  10.241  8.764   1.00 57.36 ? 116 GLU A O   1 
ATOM   947  C  CB  . GLU A 1 118 ? 2.341   11.536  9.025   1.00 60.29 ? 116 GLU A CB  1 
ATOM   948  C  CG  . GLU A 1 118 ? 2.803   10.958  10.349  1.00 64.35 ? 116 GLU A CG  1 
ATOM   949  C  CD  . GLU A 1 118 ? 3.550   11.979  11.197  1.00 66.85 ? 116 GLU A CD  1 
ATOM   950  O  OE1 . GLU A 1 118 ? 2.885   12.795  11.877  1.00 67.86 ? 116 GLU A OE1 1 
ATOM   951  O  OE2 . GLU A 1 118 ? 4.803   11.975  11.169  1.00 67.93 ? 116 GLU A OE2 1 
ATOM   952  N  N   . ASN A 1 119 ? -0.269  12.153  7.680   1.00 56.71 ? 117 ASN A N   1 
ATOM   953  C  CA  . ASN A 1 119 ? -1.641  12.653  7.668   1.00 56.95 ? 117 ASN A CA  1 
ATOM   954  C  C   . ASN A 1 119 ? -2.558  11.647  6.989   1.00 55.91 ? 117 ASN A C   1 
ATOM   955  O  O   . ASN A 1 119 ? -3.584  11.242  7.546   1.00 55.98 ? 117 ASN A O   1 
ATOM   956  C  CB  . ASN A 1 119 ? -1.726  13.986  6.916   1.00 58.25 ? 117 ASN A CB  1 
ATOM   957  C  CG  . ASN A 1 119 ? -1.063  15.127  7.665   1.00 60.39 ? 117 ASN A CG  1 
ATOM   958  O  OD1 . ASN A 1 119 ? -1.439  15.447  8.796   1.00 61.27 ? 117 ASN A OD1 1 
ATOM   959  N  ND2 . ASN A 1 119 ? -0.072  15.754  7.034   1.00 61.15 ? 117 ASN A ND2 1 
ATOM   960  N  N   . SER A 1 120 ? -2.177  11.260  5.775   1.00 54.02 ? 118 SER A N   1 
ATOM   961  C  CA  . SER A 1 120 ? -2.940  10.300  4.988   1.00 52.39 ? 118 SER A CA  1 
ATOM   962  C  C   . SER A 1 120 ? -3.355  9.114   5.852   1.00 51.76 ? 118 SER A C   1 
ATOM   963  O  O   . SER A 1 120 ? -4.538  8.796   5.955   1.00 51.20 ? 118 SER A O   1 
ATOM   964  C  CB  . SER A 1 120 ? -2.097  9.824   3.798   1.00 52.49 ? 118 SER A CB  1 
ATOM   965  O  OG  . SER A 1 120 ? -2.816  8.933   2.964   1.00 49.20 ? 118 SER A OG  1 
ATOM   966  N  N   . VAL A 1 121 ? -2.379  8.467   6.480   1.00 51.05 ? 119 VAL A N   1 
ATOM   967  C  CA  . VAL A 1 121 ? -2.665  7.320   7.334   1.00 50.95 ? 119 VAL A CA  1 
ATOM   968  C  C   . VAL A 1 121 ? -3.685  7.712   8.406   1.00 52.04 ? 119 VAL A C   1 
ATOM   969  O  O   . VAL A 1 121 ? -4.723  7.061   8.566   1.00 50.67 ? 119 VAL A O   1 
ATOM   970  C  CB  . VAL A 1 121 ? -1.375  6.795   8.015   1.00 49.50 ? 119 VAL A CB  1 
ATOM   971  C  CG1 . VAL A 1 121 ? -1.694  5.586   8.877   1.00 47.30 ? 119 VAL A CG1 1 
ATOM   972  C  CG2 . VAL A 1 121 ? -0.341  6.428   6.961   1.00 48.22 ? 119 VAL A CG2 1 
ATOM   973  N  N   . ARG A 1 122 ? -3.382  8.791   9.124   1.00 53.79 ? 120 ARG A N   1 
ATOM   974  C  CA  . ARG A 1 122 ? -4.243  9.296   10.188  1.00 55.19 ? 120 ARG A CA  1 
ATOM   975  C  C   . ARG A 1 122 ? -5.666  9.586   9.733   1.00 55.66 ? 120 ARG A C   1 
ATOM   976  O  O   . ARG A 1 122 ? -6.624  9.330   10.465  1.00 56.22 ? 120 ARG A O   1 
ATOM   977  C  CB  . ARG A 1 122 ? -3.641  10.566  10.794  1.00 56.24 ? 120 ARG A CB  1 
ATOM   978  C  CG  . ARG A 1 122 ? -2.355  10.331  11.563  1.00 56.96 ? 120 ARG A CG  1 
ATOM   979  C  CD  . ARG A 1 122 ? -2.226  11.322  12.702  1.00 57.14 ? 120 ARG A CD  1 
ATOM   980  N  NE  . ARG A 1 122 ? -1.228  10.890  13.673  1.00 57.87 ? 120 ARG A NE  1 
ATOM   981  C  CZ  . ARG A 1 122 ? 0.060   11.207  13.614  1.00 58.21 ? 120 ARG A CZ  1 
ATOM   982  N  NH1 . ARG A 1 122 ? 0.508   11.977  12.626  1.00 56.97 ? 120 ARG A NH1 1 
ATOM   983  N  NH2 . ARG A 1 122 ? 0.900   10.741  14.535  1.00 57.88 ? 120 ARG A NH2 1 
ATOM   984  N  N   . SER A 1 123 ? -5.811  10.141  8.537   1.00 55.24 ? 121 SER A N   1 
ATOM   985  C  CA  . SER A 1 123 ? -7.140  10.427  8.030   1.00 55.72 ? 121 SER A CA  1 
ATOM   986  C  C   . SER A 1 123 ? -7.765  9.065   7.759   1.00 56.35 ? 121 SER A C   1 
ATOM   987  O  O   . SER A 1 123 ? -8.649  8.618   8.487   1.00 56.91 ? 121 SER A O   1 
ATOM   988  C  CB  . SER A 1 123 ? -7.045  11.230  6.739   1.00 55.77 ? 121 SER A CB  1 
ATOM   989  O  OG  . SER A 1 123 ? -5.986  12.168  6.816   1.00 59.90 ? 121 SER A OG  1 
ATOM   990  N  N   . VAL A 1 124 ? -7.261  8.405   6.718   1.00 56.17 ? 122 VAL A N   1 
ATOM   991  C  CA  . VAL A 1 124 ? -7.727  7.089   6.291   1.00 56.29 ? 122 VAL A CA  1 
ATOM   992  C  C   . VAL A 1 124 ? -8.087  6.150   7.449   1.00 57.49 ? 122 VAL A C   1 
ATOM   993  O  O   . VAL A 1 124 ? -9.050  5.376   7.351   1.00 57.69 ? 122 VAL A O   1 
ATOM   994  C  CB  . VAL A 1 124 ? -6.660  6.387   5.404   1.00 55.46 ? 122 VAL A CB  1 
ATOM   995  C  CG1 . VAL A 1 124 ? -7.142  5.022   4.985   1.00 54.37 ? 122 VAL A CG1 1 
ATOM   996  C  CG2 . VAL A 1 124 ? -6.377  7.224   4.168   1.00 54.84 ? 122 VAL A CG2 1 
ATOM   997  N  N   . LEU A 1 125 ? -7.334  6.223   8.545   1.00 57.51 ? 123 LEU A N   1 
ATOM   998  C  CA  . LEU A 1 125 ? -7.578  5.348   9.686   1.00 59.43 ? 123 LEU A CA  1 
ATOM   999  C  C   . LEU A 1 125 ? -8.309  5.971   10.895  1.00 61.36 ? 123 LEU A C   1 
ATOM   1000 O  O   . LEU A 1 125 ? -8.694  5.236   11.807  1.00 61.68 ? 123 LEU A O   1 
ATOM   1001 C  CB  . LEU A 1 125 ? -6.246  4.728   10.174  1.00 58.38 ? 123 LEU A CB  1 
ATOM   1002 C  CG  . LEU A 1 125 ? -5.559  3.684   9.277   1.00 57.05 ? 123 LEU A CG  1 
ATOM   1003 C  CD1 . LEU A 1 125 ? -4.400  2.995   9.984   1.00 56.58 ? 123 LEU A CD1 1 
ATOM   1004 C  CD2 . LEU A 1 125 ? -6.577  2.644   8.910   1.00 56.61 ? 123 LEU A CD2 1 
ATOM   1005 N  N   . LYS A 1 126 ? -8.504  7.295   10.897  1.00 63.76 ? 124 LYS A N   1 
ATOM   1006 C  CA  . LYS A 1 126 ? -9.147  8.038   12.002  1.00 65.92 ? 124 LYS A CA  1 
ATOM   1007 C  C   . LYS A 1 126 ? -8.086  8.119   13.104  1.00 67.03 ? 124 LYS A C   1 
ATOM   1008 O  O   . LYS A 1 126 ? -7.176  7.294   13.105  1.00 67.87 ? 124 LYS A O   1 
ATOM   1009 C  CB  . LYS A 1 126 ? -10.404 7.318   12.529  1.00 65.71 ? 124 LYS A CB  1 
ATOM   1010 C  CG  . LYS A 1 126 ? -11.356 6.759   11.448  1.00 65.92 ? 124 LYS A CG  1 
ATOM   1011 C  CD  . LYS A 1 126 ? -11.634 7.748   10.296  1.00 65.28 ? 124 LYS A CD  1 
ATOM   1012 C  CE  . LYS A 1 126 ? -13.013 7.493   9.644   1.00 65.55 ? 124 LYS A CE  1 
ATOM   1013 N  NZ  . LYS A 1 126 ? -13.160 7.986   8.228   1.00 65.18 ? 124 LYS A NZ  1 
ATOM   1014 N  N   . ILE A 1 127 ? -8.167  9.045   14.063  1.00 68.48 ? 125 ILE A N   1 
ATOM   1015 C  CA  . ILE A 1 127 ? -7.061  9.056   15.029  1.00 69.51 ? 125 ILE A CA  1 
ATOM   1016 C  C   . ILE A 1 127 ? -7.115  10.125  16.133  1.00 69.98 ? 125 ILE A C   1 
ATOM   1017 O  O   . ILE A 1 127 ? -8.088  10.047  16.915  1.00 70.89 ? 125 ILE A O   1 
ATOM   1018 C  CB  . ILE A 1 127 ? -5.771  9.161   14.197  1.00 69.71 ? 125 ILE A CB  1 
ATOM   1019 C  CG1 . ILE A 1 127 ? -4.555  8.691   14.976  1.00 70.20 ? 125 ILE A CG1 1 
ATOM   1020 C  CG2 . ILE A 1 127 ? -5.656  10.569  13.639  1.00 70.83 ? 125 ILE A CG2 1 
ATOM   1021 C  CD1 . ILE A 1 127 ? -3.710  7.787   14.089  1.00 70.44 ? 125 ILE A CD1 1 
HETATM 1022 O  O   . HOH B 2 .   ? 8.680   -11.602 -8.560  1.00 25.85 ? 139 HOH A O   1 
HETATM 1023 O  O   . HOH B 2 .   ? 4.210   11.636  6.159   1.00 62.24 ? 140 HOH A O   1 
HETATM 1024 O  O   . HOH B 2 .   ? 10.077  14.957  4.773   1.00 57.01 ? 141 HOH A O   1 
HETATM 1025 O  O   . HOH B 2 .   ? 1.015   -3.657  16.493  1.00 62.68 ? 142 HOH A O   1 
HETATM 1026 O  O   . HOH B 2 .   ? 1.640   -2.704  19.370  1.00 50.95 ? 143 HOH A O   1 
HETATM 1027 O  O   . HOH B 2 .   ? 12.348  -6.283  -4.395  1.00 23.97 ? 144 HOH A O   1 
HETATM 1028 O  O   . HOH B 2 .   ? -6.699  -13.340 1.718   1.00 35.51 ? 145 HOH A O   1 
HETATM 1029 O  O   . HOH B 2 .   ? -4.911  -3.553  16.869  1.00 60.33 ? 146 HOH A O   1 
HETATM 1030 O  O   . HOH B 2 .   ? 8.000   -1.203  -5.837  1.00 27.07 ? 147 HOH A O   1 
HETATM 1031 O  O   . HOH B 2 .   ? 3.951   14.247  9.368   1.00 68.99 ? 148 HOH A O   1 
HETATM 1032 O  O   . HOH B 2 .   ? 3.252   -1.017  -17.241 1.00 36.52 ? 149 HOH A O   1 
HETATM 1033 O  O   . HOH B 2 .   ? 13.502  -6.083  -0.736  1.00 36.21 ? 150 HOH A O   1 
HETATM 1034 O  O   . HOH B 2 .   ? -3.073  -5.754  -16.719 1.00 43.98 ? 151 HOH A O   1 
HETATM 1035 O  O   . HOH B 2 .   ? 5.234   0.642   -17.544 1.00 36.31 ? 152 HOH A O   1 
HETATM 1036 O  O   . HOH B 2 .   ? 5.036   2.502   -1.213  1.00 32.70 ? 153 HOH A O   1 
HETATM 1037 O  O   . HOH B 2 .   ? -2.114  -16.693 -2.184  1.00 36.98 ? 154 HOH A O   1 
HETATM 1038 O  O   . HOH B 2 .   ? 13.752  10.296  -6.684  1.00 50.99 ? 155 HOH A O   1 
HETATM 1039 O  O   . HOH B 2 .   ? 7.010   1.205   1.518   1.00 34.63 ? 156 HOH A O   1 
HETATM 1040 O  O   . HOH B 2 .   ? 14.892  -3.869  -2.598  1.00 35.16 ? 157 HOH A O   1 
HETATM 1041 O  O   . HOH B 2 .   ? -1.149  -5.895  21.260  1.00 49.74 ? 158 HOH A O   1 
HETATM 1042 O  O   . HOH B 2 .   ? 4.686   0.721   0.536   1.00 34.45 ? 159 HOH A O   1 
HETATM 1043 O  O   . HOH B 2 .   ? 9.619   0.038   -9.828  1.00 29.38 ? 160 HOH A O   1 
HETATM 1044 O  O   . HOH B 2 .   ? 0.358   -8.729  -11.413 1.00 39.20 ? 161 HOH A O   1 
HETATM 1045 O  O   . HOH B 2 .   ? -3.994  -4.962  12.937  1.00 71.79 ? 162 HOH A O   1 
HETATM 1046 O  O   . HOH B 2 .   ? 5.725   -12.514 4.453   1.00 47.80 ? 163 HOH A O   1 
HETATM 1047 O  O   . HOH B 2 .   ? 7.264   -9.224  6.501   1.00 38.91 ? 164 HOH A O   1 
HETATM 1048 O  O   . HOH B 2 .   ? -9.282  -5.339  6.190   1.00 42.56 ? 165 HOH A O   1 
HETATM 1049 O  O   . HOH B 2 .   ? -9.026  2.119   0.143   1.00 40.25 ? 166 HOH A O   1 
HETATM 1050 O  O   . HOH B 2 .   ? -2.464  -12.639 7.303   1.00 43.69 ? 167 HOH A O   1 
HETATM 1051 O  O   . HOH B 2 .   ? -9.185  -0.995  8.339   1.00 36.05 ? 168 HOH A O   1 
HETATM 1052 O  O   . HOH B 2 .   ? -1.778  -1.695  20.417  1.00 57.78 ? 169 HOH A O   1 
HETATM 1053 O  O   . HOH B 2 .   ? -7.702  -7.710  5.231   1.00 42.94 ? 170 HOH A O   1 
HETATM 1054 O  O   . HOH B 2 .   ? 6.519   2.028   13.265  1.00 53.39 ? 171 HOH A O   1 
HETATM 1055 O  O   . HOH B 2 .   ? 11.719  6.617   13.643  1.00 59.56 ? 172 HOH A O   1 
HETATM 1056 O  O   . HOH B 2 .   ? -2.080  18.531  8.866   1.00 47.45 ? 173 HOH A O   1 
HETATM 1057 O  O   . HOH B 2 .   ? 4.843   4.259   17.512  1.00 57.36 ? 174 HOH A O   1 
HETATM 1058 O  O   . HOH B 2 .   ? 9.672   -9.554  -10.234 1.00 42.61 ? 175 HOH A O   1 
HETATM 1059 O  O   . HOH B 2 .   ? -3.129  -10.752 10.438  1.00 53.89 ? 176 HOH A O   1 
HETATM 1060 O  O   . HOH B 2 .   ? -9.472  9.048   18.475  0.5  48.63 ? 177 HOH A O   1 
HETATM 1061 O  O   . HOH B 2 .   ? 1.811   13.503  -3.460  1.00 42.25 ? 178 HOH A O   1 
HETATM 1062 O  O   . HOH B 2 .   ? 12.260  7.285   -5.261  1.00 45.02 ? 179 HOH A O   1 
HETATM 1063 O  O   . HOH B 2 .   ? -12.447 -5.903  3.576   1.00 48.48 ? 180 HOH A O   1 
HETATM 1064 O  O   . HOH B 2 .   ? -9.870  -10.743 -9.158  1.00 45.54 ? 181 HOH A O   1 
HETATM 1065 O  O   . HOH B 2 .   ? 4.050   -2.841  -18.773 1.00 41.05 ? 182 HOH A O   1 
HETATM 1066 O  O   . HOH B 2 .   ? 5.489   -18.117 -5.456  1.00 59.95 ? 183 HOH A O   1 
HETATM 1067 O  O   . HOH B 2 .   ? -5.807  -12.676 11.173  1.00 48.88 ? 184 HOH A O   1 
HETATM 1068 O  O   . HOH B 2 .   ? 1.671   6.174   -21.195 1.00 42.76 ? 185 HOH A O   1 
HETATM 1069 O  O   . HOH B 2 .   ? -8.821  0.618   -14.212 1.00 47.76 ? 186 HOH A O   1 
HETATM 1070 O  O   . HOH B 2 .   ? -10.711 -8.964  7.175   1.00 53.02 ? 187 HOH A O   1 
HETATM 1071 O  O   . HOH B 2 .   ? -13.715 -7.798  5.275   1.00 47.64 ? 188 HOH A O   1 
HETATM 1072 O  O   . HOH B 2 .   ? -7.039  -16.828 5.688   1.00 50.19 ? 189 HOH A O   1 
HETATM 1073 O  O   . HOH B 2 .   ? -12.165 -14.334 -2.656  1.00 46.64 ? 190 HOH A O   1 
HETATM 1074 O  O   . HOH B 2 .   ? 11.552  8.891   -1.886  1.00 51.84 ? 191 HOH A O   1 
# 
